data_7WIF
# 
_entry.id   7WIF 
# 
_audit_conform.dict_name       mmcif_pdbx.dic 
_audit_conform.dict_version    5.392 
_audit_conform.dict_location   http://mmcif.pdb.org/dictionaries/ascii/mmcif_pdbx.dic 
# 
loop_
_database_2.database_id 
_database_2.database_code 
_database_2.pdbx_database_accession 
_database_2.pdbx_DOI 
PDB   7WIF         pdb_00007wif 10.2210/pdb7wif/pdb 
WWPDB D_1300026764 ?            ?                   
# 
loop_
_pdbx_audit_revision_history.ordinal 
_pdbx_audit_revision_history.data_content_type 
_pdbx_audit_revision_history.major_revision 
_pdbx_audit_revision_history.minor_revision 
_pdbx_audit_revision_history.revision_date 
1 'Structure model' 1 0 2023-01-18 
2 'Structure model' 1 1 2023-02-08 
3 'Structure model' 1 2 2024-05-29 
# 
_pdbx_audit_revision_details.ordinal             1 
_pdbx_audit_revision_details.revision_ordinal    1 
_pdbx_audit_revision_details.data_content_type   'Structure model' 
_pdbx_audit_revision_details.provider            repository 
_pdbx_audit_revision_details.type                'Initial release' 
_pdbx_audit_revision_details.description         ? 
_pdbx_audit_revision_details.details             ? 
# 
loop_
_pdbx_audit_revision_group.ordinal 
_pdbx_audit_revision_group.revision_ordinal 
_pdbx_audit_revision_group.data_content_type 
_pdbx_audit_revision_group.group 
1 2 'Structure model' 'Database references' 
2 3 'Structure model' 'Data collection'     
# 
loop_
_pdbx_audit_revision_category.ordinal 
_pdbx_audit_revision_category.revision_ordinal 
_pdbx_audit_revision_category.data_content_type 
_pdbx_audit_revision_category.category 
1 2 'Structure model' citation        
2 2 'Structure model' citation_author 
3 3 'Structure model' chem_comp_atom  
4 3 'Structure model' chem_comp_bond  
# 
loop_
_pdbx_audit_revision_item.ordinal 
_pdbx_audit_revision_item.revision_ordinal 
_pdbx_audit_revision_item.data_content_type 
_pdbx_audit_revision_item.item 
1 2 'Structure model' '_citation.journal_volume'          
2 2 'Structure model' '_citation.page_first'              
3 2 'Structure model' '_citation.page_last'               
4 2 'Structure model' '_citation_author.identifier_ORCID' 
# 
_pdbx_database_status.status_code                     REL 
_pdbx_database_status.status_code_sf                  REL 
_pdbx_database_status.status_code_mr                  ? 
_pdbx_database_status.entry_id                        7WIF 
_pdbx_database_status.recvd_initial_deposition_date   2022-01-03 
_pdbx_database_status.SG_entry                        N 
_pdbx_database_status.deposit_site                    PDBJ 
_pdbx_database_status.process_site                    PDBJ 
_pdbx_database_status.status_code_cs                  ? 
_pdbx_database_status.status_code_nmr_data            ? 
_pdbx_database_status.methods_development_category    ? 
_pdbx_database_status.pdb_format_compatible           Y 
# 
_pdbx_contact_author.id                 2 
_pdbx_contact_author.email              fangxy@mail.tsinghua.edu.cn 
_pdbx_contact_author.name_first         Xianyang 
_pdbx_contact_author.name_last          Fang 
_pdbx_contact_author.name_mi            ? 
_pdbx_contact_author.role               'principal investigator/group leader' 
_pdbx_contact_author.identifier_ORCID   0000-0001-9432-9736 
# 
loop_
_audit_author.name 
_audit_author.pdbx_ordinal 
_audit_author.identifier_ORCID 
'Xu, L.'   1 0000-0003-1584-2772 
'Fang, X.' 2 0000-0001-9432-9736 
'Xiao, Y.' 3 0000-0003-2518-9594 
# 
_citation.abstract                  ? 
_citation.abstract_id_CAS           ? 
_citation.book_id_ISBN              ? 
_citation.book_publisher            ? 
_citation.book_publisher_city       ? 
_citation.book_title                ? 
_citation.coordinate_linkage        ? 
_citation.country                   UK 
_citation.database_id_Medline       ? 
_citation.details                   ? 
_citation.id                        primary 
_citation.journal_abbrev            'Nucleic Acids Res.' 
_citation.journal_id_ASTM           NARHAD 
_citation.journal_id_CSD            0389 
_citation.journal_id_ISSN           1362-4962 
_citation.journal_full              ? 
_citation.journal_issue             ? 
_citation.journal_volume            51 
_citation.language                  ? 
_citation.page_first                952 
_citation.page_last                 965 
_citation.title                     'Structural insights into translation regulation by the THF-II riboswitch.' 
_citation.year                      2023 
_citation.database_id_CSD           ? 
_citation.pdbx_database_id_DOI      10.1093/nar/gkac1257 
_citation.pdbx_database_id_PubMed   36620887 
_citation.pdbx_database_id_patent   ? 
_citation.unpublished_flag          ? 
# 
loop_
_citation_author.citation_id 
_citation_author.name 
_citation_author.ordinal 
_citation_author.identifier_ORCID 
primary 'Xu, L.'    1 ? 
primary 'Xiao, Y.'  2 ? 
primary 'Zhang, J.' 3 ? 
primary 'Fang, X.'  4 ? 
# 
loop_
_entity.id 
_entity.type 
_entity.src_method 
_entity.pdbx_description 
_entity.formula_weight 
_entity.pdbx_number_of_molecules 
_entity.pdbx_ec 
_entity.pdbx_mutation 
_entity.pdbx_fragment 
_entity.details 
1 polymer     man 'RNA (50-MER)'              16287.591 1 ? ? ? ? 
2 non-polymer syn 5,6,7,8-TETRAHYDROBIOPTERIN 241.247   1 ? ? ? ? 
# 
_entity_poly.entity_id                      1 
_entity_poly.type                           polyribonucleotide 
_entity_poly.nstd_linkage                   no 
_entity_poly.nstd_monomer                   yes 
_entity_poly.pdbx_seq_one_letter_code       '(GTP)GCGUGGUCCGUUCAACUCGUUCCUCGAAAGAGGAACUACGGGAGACGCC' 
_entity_poly.pdbx_seq_one_letter_code_can   GGCGUGGUCCGUUCAACUCGUUCCUCGAAAGAGGAACUACGGGAGACGCC 
_entity_poly.pdbx_strand_id                 V 
_entity_poly.pdbx_target_identifier         ? 
# 
_pdbx_entity_nonpoly.entity_id   2 
_pdbx_entity_nonpoly.name        5,6,7,8-TETRAHYDROBIOPTERIN 
_pdbx_entity_nonpoly.comp_id     H4B 
# 
loop_
_entity_poly_seq.entity_id 
_entity_poly_seq.num 
_entity_poly_seq.mon_id 
_entity_poly_seq.hetero 
1 1  GTP n 
1 2  G   n 
1 3  C   n 
1 4  G   n 
1 5  U   n 
1 6  G   n 
1 7  G   n 
1 8  U   n 
1 9  C   n 
1 10 C   n 
1 11 G   n 
1 12 U   n 
1 13 U   n 
1 14 C   n 
1 15 A   n 
1 16 A   n 
1 17 C   n 
1 18 U   n 
1 19 C   n 
1 20 G   n 
1 21 U   n 
1 22 U   n 
1 23 C   n 
1 24 C   n 
1 25 U   n 
1 26 C   n 
1 27 G   n 
1 28 A   n 
1 29 A   n 
1 30 A   n 
1 31 G   n 
1 32 A   n 
1 33 G   n 
1 34 G   n 
1 35 A   n 
1 36 A   n 
1 37 C   n 
1 38 U   n 
1 39 A   n 
1 40 C   n 
1 41 G   n 
1 42 G   n 
1 43 G   n 
1 44 A   n 
1 45 G   n 
1 46 A   n 
1 47 C   n 
1 48 G   n 
1 49 C   n 
1 50 C   n 
# 
_entity_src_gen.entity_id                          1 
_entity_src_gen.pdbx_src_id                        1 
_entity_src_gen.pdbx_alt_source_flag               sample 
_entity_src_gen.pdbx_seq_type                      'Biological sequence' 
_entity_src_gen.pdbx_beg_seq_num                   1 
_entity_src_gen.pdbx_end_seq_num                   50 
_entity_src_gen.gene_src_common_name               ? 
_entity_src_gen.gene_src_genus                     ? 
_entity_src_gen.pdbx_gene_src_gene                 ? 
_entity_src_gen.gene_src_species                   ? 
_entity_src_gen.gene_src_strain                    ? 
_entity_src_gen.gene_src_tissue                    ? 
_entity_src_gen.gene_src_tissue_fraction           ? 
_entity_src_gen.gene_src_details                   ? 
_entity_src_gen.pdbx_gene_src_fragment             ? 
_entity_src_gen.pdbx_gene_src_scientific_name      'Mesorhizobium loti' 
_entity_src_gen.pdbx_gene_src_ncbi_taxonomy_id     381 
_entity_src_gen.pdbx_gene_src_variant              ? 
_entity_src_gen.pdbx_gene_src_cell_line            ? 
_entity_src_gen.pdbx_gene_src_atcc                 ? 
_entity_src_gen.pdbx_gene_src_organ                ? 
_entity_src_gen.pdbx_gene_src_organelle            ? 
_entity_src_gen.pdbx_gene_src_cell                 ? 
_entity_src_gen.pdbx_gene_src_cellular_location    ? 
_entity_src_gen.host_org_common_name               ? 
_entity_src_gen.pdbx_host_org_scientific_name      'in vitro transcription vector pT7-TP(deltai)' 
_entity_src_gen.pdbx_host_org_ncbi_taxonomy_id     905931 
_entity_src_gen.host_org_genus                     ? 
_entity_src_gen.pdbx_host_org_gene                 ? 
_entity_src_gen.pdbx_host_org_organ                ? 
_entity_src_gen.host_org_species                   ? 
_entity_src_gen.pdbx_host_org_tissue               ? 
_entity_src_gen.pdbx_host_org_tissue_fraction      ? 
_entity_src_gen.pdbx_host_org_strain               ? 
_entity_src_gen.pdbx_host_org_variant              ? 
_entity_src_gen.pdbx_host_org_cell_line            ? 
_entity_src_gen.pdbx_host_org_atcc                 ? 
_entity_src_gen.pdbx_host_org_culture_collection   ? 
_entity_src_gen.pdbx_host_org_cell                 ? 
_entity_src_gen.pdbx_host_org_organelle            ? 
_entity_src_gen.pdbx_host_org_cellular_location    ? 
_entity_src_gen.pdbx_host_org_vector_type          ? 
_entity_src_gen.pdbx_host_org_vector               ? 
_entity_src_gen.host_org_details                   ? 
_entity_src_gen.expression_system_id               ? 
_entity_src_gen.plasmid_name                       ? 
_entity_src_gen.plasmid_details                    ? 
_entity_src_gen.pdbx_description                   ? 
# 
loop_
_chem_comp.id 
_chem_comp.type 
_chem_comp.mon_nstd_flag 
_chem_comp.name 
_chem_comp.pdbx_synonyms 
_chem_comp.formula 
_chem_comp.formula_weight 
A   'RNA linking' y "ADENOSINE-5'-MONOPHOSPHATE" ? 'C10 H14 N5 O7 P'   347.221 
C   'RNA linking' y "CYTIDINE-5'-MONOPHOSPHATE"  ? 'C9 H14 N3 O8 P'    323.197 
G   'RNA linking' y "GUANOSINE-5'-MONOPHOSPHATE" ? 'C10 H14 N5 O8 P'   363.221 
GTP non-polymer   n "GUANOSINE-5'-TRIPHOSPHATE"  ? 'C10 H16 N5 O14 P3' 523.180 
H4B non-polymer   . 5,6,7,8-TETRAHYDROBIOPTERIN  ? 'C9 H15 N5 O3'      241.247 
U   'RNA linking' y "URIDINE-5'-MONOPHOSPHATE"   ? 'C9 H13 N2 O9 P'    324.181 
# 
loop_
_pdbx_poly_seq_scheme.asym_id 
_pdbx_poly_seq_scheme.entity_id 
_pdbx_poly_seq_scheme.seq_id 
_pdbx_poly_seq_scheme.mon_id 
_pdbx_poly_seq_scheme.ndb_seq_num 
_pdbx_poly_seq_scheme.pdb_seq_num 
_pdbx_poly_seq_scheme.auth_seq_num 
_pdbx_poly_seq_scheme.pdb_mon_id 
_pdbx_poly_seq_scheme.auth_mon_id 
_pdbx_poly_seq_scheme.pdb_strand_id 
_pdbx_poly_seq_scheme.pdb_ins_code 
_pdbx_poly_seq_scheme.hetero 
A 1 1  GTP 1  6  6  GTP GTP V . n 
A 1 2  G   2  7  7  G   G   V . n 
A 1 3  C   3  8  8  C   C   V . n 
A 1 4  G   4  9  9  G   G   V . n 
A 1 5  U   5  10 10 U   U   V . n 
A 1 6  G   6  11 11 G   G   V . n 
A 1 7  G   7  12 12 G   G   V . n 
A 1 8  U   8  13 13 U   U   V . n 
A 1 9  C   9  14 14 C   C   V . n 
A 1 10 C   10 15 15 C   C   V . n 
A 1 11 G   11 16 16 G   G   V . n 
A 1 12 U   12 17 17 U   U   V . n 
A 1 13 U   13 18 18 U   U   V . n 
A 1 14 C   14 19 19 C   C   V . n 
A 1 15 A   15 20 20 A   A   V . n 
A 1 16 A   16 21 21 A   A   V . n 
A 1 17 C   17 22 22 C   C   V . n 
A 1 18 U   18 23 23 U   U   V . n 
A 1 19 C   19 24 24 C   C   V . n 
A 1 20 G   20 25 25 G   G   V . n 
A 1 21 U   21 26 26 U   U   V . n 
A 1 22 U   22 27 27 U   U   V . n 
A 1 23 C   23 28 28 C   C   V . n 
A 1 24 C   24 29 29 C   C   V . n 
A 1 25 U   25 30 30 U   U   V . n 
A 1 26 C   26 31 31 C   C   V . n 
A 1 27 G   27 32 32 G   G   V . n 
A 1 28 A   28 33 33 A   A   V . n 
A 1 29 A   29 34 34 A   A   V . n 
A 1 30 A   30 35 35 A   A   V . n 
A 1 31 G   31 37 37 G   G   V . n 
A 1 32 A   32 38 38 A   A   V . n 
A 1 33 G   33 39 39 G   G   V . n 
A 1 34 G   34 40 40 G   G   V . n 
A 1 35 A   35 41 41 A   A   V . n 
A 1 36 A   36 42 42 A   A   V . n 
A 1 37 C   37 43 43 C   C   V . n 
A 1 38 U   38 44 44 U   U   V . n 
A 1 39 A   39 45 45 A   A   V . n 
A 1 40 C   40 46 46 C   C   V . n 
A 1 41 G   41 47 47 G   G   V . n 
A 1 42 G   42 48 48 G   G   V . n 
A 1 43 G   43 49 49 G   G   V . n 
A 1 44 A   44 50 50 A   A   V . n 
A 1 45 G   45 51 51 G   G   V . n 
A 1 46 A   46 52 52 A   A   V . n 
A 1 47 C   47 53 53 C   C   V . n 
A 1 48 G   48 54 54 G   G   V . n 
A 1 49 C   49 55 55 C   C   V . n 
A 1 50 C   50 56 56 C   C   V . n 
# 
_pdbx_nonpoly_scheme.asym_id         B 
_pdbx_nonpoly_scheme.entity_id       2 
_pdbx_nonpoly_scheme.mon_id          H4B 
_pdbx_nonpoly_scheme.ndb_seq_num     1 
_pdbx_nonpoly_scheme.pdb_seq_num     101 
_pdbx_nonpoly_scheme.auth_seq_num    101 
_pdbx_nonpoly_scheme.pdb_mon_id      H4B 
_pdbx_nonpoly_scheme.auth_mon_id     H4B 
_pdbx_nonpoly_scheme.pdb_strand_id   V 
_pdbx_nonpoly_scheme.pdb_ins_code    . 
# 
loop_
_pdbx_unobs_or_zero_occ_atoms.id 
_pdbx_unobs_or_zero_occ_atoms.PDB_model_num 
_pdbx_unobs_or_zero_occ_atoms.polymer_flag 
_pdbx_unobs_or_zero_occ_atoms.occupancy_flag 
_pdbx_unobs_or_zero_occ_atoms.auth_asym_id 
_pdbx_unobs_or_zero_occ_atoms.auth_comp_id 
_pdbx_unobs_or_zero_occ_atoms.auth_seq_id 
_pdbx_unobs_or_zero_occ_atoms.PDB_ins_code 
_pdbx_unobs_or_zero_occ_atoms.auth_atom_id 
_pdbx_unobs_or_zero_occ_atoms.label_alt_id 
_pdbx_unobs_or_zero_occ_atoms.label_asym_id 
_pdbx_unobs_or_zero_occ_atoms.label_comp_id 
_pdbx_unobs_or_zero_occ_atoms.label_seq_id 
_pdbx_unobs_or_zero_occ_atoms.label_atom_id 
1 1 N 0 V H4B 101 ? O9  ? B H4B ? O9  
2 1 N 0 V H4B 101 ? C10 ? B H4B ? C10 
3 1 N 0 V H4B 101 ? C11 ? B H4B ? C11 
4 1 N 0 V H4B 101 ? O10 ? B H4B ? O10 
# 
loop_
_software.citation_id 
_software.classification 
_software.compiler_name 
_software.compiler_version 
_software.contact_author 
_software.contact_author_email 
_software.date 
_software.description 
_software.dependencies 
_software.hardware 
_software.language 
_software.location 
_software.mods 
_software.name 
_software.os 
_software.os_version 
_software.type 
_software.version 
_software.pdbx_ordinal 
? refinement        ? ? ? ? ? ? ? ? ? ? ? PHENIX      ? ? ? 1.17.1_3660 1 
? 'data scaling'    ? ? ? ? ? ? ? ? ? ? ? HKL-2000    ? ? ? .           2 
? 'data extraction' ? ? ? ? ? ? ? ? ? ? ? PDB_EXTRACT ? ? ? 3.27        3 
? 'data reduction'  ? ? ? ? ? ? ? ? ? ? ? HKL-2000    ? ? ? .           4 
? phasing           ? ? ? ? ? ? ? ? ? ? ? PHASER      ? ? ? .           5 
# 
_cell.angle_alpha                  90.000 
_cell.angle_alpha_esd              ? 
_cell.angle_beta                   90.000 
_cell.angle_beta_esd               ? 
_cell.angle_gamma                  120.000 
_cell.angle_gamma_esd              ? 
_cell.entry_id                     7WIF 
_cell.details                      ? 
_cell.formula_units_Z              ? 
_cell.length_a                     66.226 
_cell.length_a_esd                 ? 
_cell.length_b                     66.226 
_cell.length_b_esd                 ? 
_cell.length_c                     92.793 
_cell.length_c_esd                 ? 
_cell.volume                       352454.368 
_cell.volume_esd                   ? 
_cell.Z_PDB                        6 
_cell.reciprocal_angle_alpha       ? 
_cell.reciprocal_angle_beta        ? 
_cell.reciprocal_angle_gamma       ? 
_cell.reciprocal_angle_alpha_esd   ? 
_cell.reciprocal_angle_beta_esd    ? 
_cell.reciprocal_angle_gamma_esd   ? 
_cell.reciprocal_length_a          ? 
_cell.reciprocal_length_b          ? 
_cell.reciprocal_length_c          ? 
_cell.reciprocal_length_a_esd      ? 
_cell.reciprocal_length_b_esd      ? 
_cell.reciprocal_length_c_esd      ? 
_cell.pdbx_unique_axis             ? 
_cell.pdbx_esd_method              ? 
# 
_symmetry.entry_id                         7WIF 
_symmetry.cell_setting                     ? 
_symmetry.Int_Tables_number                152 
_symmetry.space_group_name_Hall            
;P 31 2"
;
_symmetry.space_group_name_H-M             'P 31 2 1' 
_symmetry.pdbx_full_space_group_name_H-M   ? 
# 
_exptl.absorpt_coefficient_mu     ? 
_exptl.absorpt_correction_T_max   ? 
_exptl.absorpt_correction_T_min   ? 
_exptl.absorpt_correction_type    ? 
_exptl.absorpt_process_details    ? 
_exptl.entry_id                   7WIF 
_exptl.crystals_number            1 
_exptl.details                    ? 
_exptl.method                     'X-RAY DIFFRACTION' 
_exptl.method_details             ? 
# 
_exptl_crystal.colour                       ? 
_exptl_crystal.density_diffrn               ? 
_exptl_crystal.density_Matthews             3.62 
_exptl_crystal.density_method               ? 
_exptl_crystal.density_percent_sol          66.06 
_exptl_crystal.description                  ? 
_exptl_crystal.F_000                        ? 
_exptl_crystal.id                           1 
_exptl_crystal.preparation                  ? 
_exptl_crystal.size_max                     ? 
_exptl_crystal.size_mid                     ? 
_exptl_crystal.size_min                     ? 
_exptl_crystal.size_rad                     ? 
_exptl_crystal.colour_lustre                ? 
_exptl_crystal.colour_modifier              ? 
_exptl_crystal.colour_primary               ? 
_exptl_crystal.density_meas                 ? 
_exptl_crystal.density_meas_esd             ? 
_exptl_crystal.density_meas_gt              ? 
_exptl_crystal.density_meas_lt              ? 
_exptl_crystal.density_meas_temp            ? 
_exptl_crystal.density_meas_temp_esd        ? 
_exptl_crystal.density_meas_temp_gt         ? 
_exptl_crystal.density_meas_temp_lt         ? 
_exptl_crystal.pdbx_crystal_image_url       ? 
_exptl_crystal.pdbx_crystal_image_format    ? 
_exptl_crystal.pdbx_mosaicity               ? 
_exptl_crystal.pdbx_mosaicity_esd           ? 
_exptl_crystal.pdbx_mosaic_method           ? 
_exptl_crystal.pdbx_mosaic_block_size       ? 
_exptl_crystal.pdbx_mosaic_block_size_esd   ? 
# 
_exptl_crystal_grow.apparatus       ? 
_exptl_crystal_grow.atmosphere      ? 
_exptl_crystal_grow.crystal_id      1 
_exptl_crystal_grow.details         ? 
_exptl_crystal_grow.method          'VAPOR DIFFUSION, HANGING DROP' 
_exptl_crystal_grow.method_ref      ? 
_exptl_crystal_grow.pH              ? 
_exptl_crystal_grow.pressure        ? 
_exptl_crystal_grow.pressure_esd    ? 
_exptl_crystal_grow.seeding         ? 
_exptl_crystal_grow.seeding_ref     ? 
_exptl_crystal_grow.temp_details    ? 
_exptl_crystal_grow.temp_esd        ? 
_exptl_crystal_grow.time            ? 
_exptl_crystal_grow.pdbx_details    '100mM sodium citrate pH6.5, 1.5-2.5M Ammonium Sulfate' 
_exptl_crystal_grow.pdbx_pH_range   ? 
_exptl_crystal_grow.temp            291 
# 
_diffrn.ambient_environment              ? 
_diffrn.ambient_temp                     100 
_diffrn.ambient_temp_details             ? 
_diffrn.ambient_temp_esd                 ? 
_diffrn.crystal_id                       1 
_diffrn.crystal_support                  ? 
_diffrn.crystal_treatment                ? 
_diffrn.details                          ? 
_diffrn.id                               1 
_diffrn.ambient_pressure                 ? 
_diffrn.ambient_pressure_esd             ? 
_diffrn.ambient_pressure_gt              ? 
_diffrn.ambient_pressure_lt              ? 
_diffrn.ambient_temp_gt                  ? 
_diffrn.ambient_temp_lt                  ? 
_diffrn.pdbx_serial_crystal_experiment   N 
# 
_diffrn_detector.details                      ? 
_diffrn_detector.detector                     PIXEL 
_diffrn_detector.diffrn_id                    1 
_diffrn_detector.type                         'DECTRIS PILATUS 6M' 
_diffrn_detector.area_resol_mean              ? 
_diffrn_detector.dtime                        ? 
_diffrn_detector.pdbx_frames_total            ? 
_diffrn_detector.pdbx_collection_time_total   ? 
_diffrn_detector.pdbx_collection_date         2021-07-22 
_diffrn_detector.pdbx_frequency               ? 
# 
_diffrn_radiation.collimation                      ? 
_diffrn_radiation.diffrn_id                        1 
_diffrn_radiation.filter_edge                      ? 
_diffrn_radiation.inhomogeneity                    ? 
_diffrn_radiation.monochromator                    ? 
_diffrn_radiation.polarisn_norm                    ? 
_diffrn_radiation.polarisn_ratio                   ? 
_diffrn_radiation.probe                            ? 
_diffrn_radiation.type                             ? 
_diffrn_radiation.xray_symbol                      ? 
_diffrn_radiation.wavelength_id                    1 
_diffrn_radiation.pdbx_monochromatic_or_laue_m_l   M 
_diffrn_radiation.pdbx_wavelength_list             ? 
_diffrn_radiation.pdbx_wavelength                  ? 
_diffrn_radiation.pdbx_diffrn_protocol             'SINGLE WAVELENGTH' 
_diffrn_radiation.pdbx_analyzer                    ? 
_diffrn_radiation.pdbx_scattering_type             x-ray 
# 
_diffrn_radiation_wavelength.id           1 
_diffrn_radiation_wavelength.wavelength   0.979 
_diffrn_radiation_wavelength.wt           1.0 
# 
_diffrn_source.current                     ? 
_diffrn_source.details                     ? 
_diffrn_source.diffrn_id                   1 
_diffrn_source.power                       ? 
_diffrn_source.size                        ? 
_diffrn_source.source                      SYNCHROTRON 
_diffrn_source.target                      ? 
_diffrn_source.type                        'SSRF BEAMLINE BL19U1' 
_diffrn_source.voltage                     ? 
_diffrn_source.take-off_angle              ? 
_diffrn_source.pdbx_wavelength_list        0.979 
_diffrn_source.pdbx_wavelength             ? 
_diffrn_source.pdbx_synchrotron_beamline   BL19U1 
_diffrn_source.pdbx_synchrotron_site       SSRF 
# 
_reflns.B_iso_Wilson_estimate                          80.59 
_reflns.entry_id                                       7WIF 
_reflns.data_reduction_details                         ? 
_reflns.data_reduction_method                          ? 
_reflns.d_resolution_high                              2.85 
_reflns.d_resolution_low                               30.00 
_reflns.details                                        ? 
_reflns.limit_h_max                                    ? 
_reflns.limit_h_min                                    ? 
_reflns.limit_k_max                                    ? 
_reflns.limit_k_min                                    ? 
_reflns.limit_l_max                                    ? 
_reflns.limit_l_min                                    ? 
_reflns.number_all                                     ? 
_reflns.number_obs                                     5787 
_reflns.observed_criterion                             ? 
_reflns.observed_criterion_F_max                       ? 
_reflns.observed_criterion_F_min                       ? 
_reflns.observed_criterion_I_max                       ? 
_reflns.observed_criterion_I_min                       ? 
_reflns.observed_criterion_sigma_F                     ? 
_reflns.observed_criterion_sigma_I                     ? 
_reflns.percent_possible_obs                           100.0 
_reflns.R_free_details                                 ? 
_reflns.Rmerge_F_all                                   ? 
_reflns.Rmerge_F_obs                                   ? 
_reflns.Friedel_coverage                               ? 
_reflns.number_gt                                      ? 
_reflns.threshold_expression                           ? 
_reflns.pdbx_redundancy                                8.1 
_reflns.pdbx_netI_over_av_sigmaI                       ? 
_reflns.pdbx_netI_over_sigmaI                          11.8 
_reflns.pdbx_res_netI_over_av_sigmaI_2                 ? 
_reflns.pdbx_res_netI_over_sigmaI_2                    ? 
_reflns.pdbx_chi_squared                               0.035 
_reflns.pdbx_scaling_rejects                           ? 
_reflns.pdbx_d_res_high_opt                            ? 
_reflns.pdbx_d_res_low_opt                             ? 
_reflns.pdbx_d_res_opt_method                          ? 
_reflns.phase_calculation_details                      ? 
_reflns.pdbx_Rrim_I_all                                0.094 
_reflns.pdbx_Rpim_I_all                                ? 
_reflns.pdbx_d_opt                                     ? 
_reflns.pdbx_number_measured_all                       85703 
_reflns.pdbx_diffrn_id                                 1 
_reflns.pdbx_ordinal                                   1 
_reflns.pdbx_CC_half                                   0.973 
_reflns.pdbx_CC_star                                   ? 
_reflns.pdbx_R_split                                   ? 
_reflns.pdbx_Rmerge_I_obs                              0.091 
_reflns.pdbx_Rmerge_I_all                              ? 
_reflns.pdbx_Rsym_value                                ? 
_reflns.pdbx_CC_split_method                           ? 
_reflns.pdbx_aniso_diffraction_limit_axis_1_ortho[1]   ? 
_reflns.pdbx_aniso_diffraction_limit_axis_1_ortho[2]   ? 
_reflns.pdbx_aniso_diffraction_limit_axis_1_ortho[3]   ? 
_reflns.pdbx_aniso_diffraction_limit_axis_2_ortho[1]   ? 
_reflns.pdbx_aniso_diffraction_limit_axis_2_ortho[2]   ? 
_reflns.pdbx_aniso_diffraction_limit_axis_2_ortho[3]   ? 
_reflns.pdbx_aniso_diffraction_limit_axis_3_ortho[1]   ? 
_reflns.pdbx_aniso_diffraction_limit_axis_3_ortho[2]   ? 
_reflns.pdbx_aniso_diffraction_limit_axis_3_ortho[3]   ? 
_reflns.pdbx_aniso_diffraction_limit_1                 ? 
_reflns.pdbx_aniso_diffraction_limit_2                 ? 
_reflns.pdbx_aniso_diffraction_limit_3                 ? 
_reflns.pdbx_aniso_B_tensor_eigenvector_1_ortho[1]     ? 
_reflns.pdbx_aniso_B_tensor_eigenvector_1_ortho[2]     ? 
_reflns.pdbx_aniso_B_tensor_eigenvector_1_ortho[3]     ? 
_reflns.pdbx_aniso_B_tensor_eigenvector_2_ortho[1]     ? 
_reflns.pdbx_aniso_B_tensor_eigenvector_2_ortho[2]     ? 
_reflns.pdbx_aniso_B_tensor_eigenvector_2_ortho[3]     ? 
_reflns.pdbx_aniso_B_tensor_eigenvector_3_ortho[1]     ? 
_reflns.pdbx_aniso_B_tensor_eigenvector_3_ortho[2]     ? 
_reflns.pdbx_aniso_B_tensor_eigenvector_3_ortho[3]     ? 
_reflns.pdbx_aniso_B_tensor_eigenvalue_1               ? 
_reflns.pdbx_aniso_B_tensor_eigenvalue_2               ? 
_reflns.pdbx_aniso_B_tensor_eigenvalue_3               ? 
_reflns.pdbx_orthogonalization_convention              ? 
_reflns.pdbx_percent_possible_ellipsoidal              ? 
_reflns.pdbx_percent_possible_spherical                ? 
_reflns.pdbx_percent_possible_ellipsoidal_anomalous    ? 
_reflns.pdbx_percent_possible_spherical_anomalous      ? 
_reflns.pdbx_redundancy_anomalous                      ? 
_reflns.pdbx_CC_half_anomalous                         ? 
_reflns.pdbx_absDiff_over_sigma_anomalous              ? 
_reflns.pdbx_percent_possible_anomalous                ? 
_reflns.pdbx_observed_signal_threshold                 ? 
_reflns.pdbx_signal_type                               ? 
_reflns.pdbx_signal_details                            ? 
_reflns.pdbx_signal_software_id                        ? 
# 
loop_
_reflns_shell.d_res_high 
_reflns_shell.d_res_low 
_reflns_shell.meanI_over_sigI_all 
_reflns_shell.meanI_over_sigI_obs 
_reflns_shell.number_measured_all 
_reflns_shell.number_measured_obs 
_reflns_shell.number_possible 
_reflns_shell.number_unique_all 
_reflns_shell.number_unique_obs 
_reflns_shell.percent_possible_obs 
_reflns_shell.Rmerge_F_all 
_reflns_shell.Rmerge_F_obs 
_reflns_shell.meanI_over_sigI_gt 
_reflns_shell.meanI_over_uI_all 
_reflns_shell.meanI_over_uI_gt 
_reflns_shell.number_measured_gt 
_reflns_shell.number_unique_gt 
_reflns_shell.percent_possible_gt 
_reflns_shell.Rmerge_F_gt 
_reflns_shell.Rmerge_I_gt 
_reflns_shell.pdbx_redundancy 
_reflns_shell.pdbx_chi_squared 
_reflns_shell.pdbx_netI_over_sigmaI_all 
_reflns_shell.pdbx_netI_over_sigmaI_obs 
_reflns_shell.pdbx_Rrim_I_all 
_reflns_shell.pdbx_Rpim_I_all 
_reflns_shell.pdbx_rejects 
_reflns_shell.pdbx_ordinal 
_reflns_shell.pdbx_diffrn_id 
_reflns_shell.pdbx_CC_half 
_reflns_shell.pdbx_CC_star 
_reflns_shell.pdbx_R_split 
_reflns_shell.percent_possible_all 
_reflns_shell.Rmerge_I_all 
_reflns_shell.Rmerge_I_obs 
_reflns_shell.pdbx_Rsym_value 
_reflns_shell.pdbx_percent_possible_ellipsoidal 
_reflns_shell.pdbx_percent_possible_spherical 
_reflns_shell.pdbx_percent_possible_ellipsoidal_anomalous 
_reflns_shell.pdbx_percent_possible_spherical_anomalous 
_reflns_shell.pdbx_redundancy_anomalous 
_reflns_shell.pdbx_CC_half_anomalous 
_reflns_shell.pdbx_absDiff_over_sigma_anomalous 
_reflns_shell.pdbx_percent_possible_anomalous 
2.85 2.90  ? ? ? ? ? ? 538 ? ? ? ? ? ? ? ? ? ? ? 10.1 1.021 ? ? ? ? ? 1  1 ? ? ? 100.0 ? 0.559 ? ? ? ? ? ? ? ? ? 
2.90 2.95  ? ? ? ? ? ? 504 ? ? ? ? ? ? ? ? ? ? ? 9.9  1.113 ? ? ? ? ? 2  1 ? ? ? 100.0 ? 0.435 ? ? ? ? ? ? ? ? ? 
2.95 3.01  ? ? ? ? ? ? 560 ? ? ? ? ? ? ? ? ? ? ? 9.2  1.357 ? ? ? ? ? 3  1 ? ? ? 100.0 ? 0.269 ? ? ? ? ? ? ? ? ? 
3.01 3.07  ? ? ? ? ? ? 522 ? ? ? ? ? ? ? ? ? ? ? 8.7  1.253 ? ? ? ? ? 4  1 ? ? ? 100.0 ? 0.216 ? ? ? ? ? ? ? ? ? 
3.07 3.14  ? ? ? ? ? ? 519 ? ? ? ? ? ? ? ? ? ? ? 8.7  1.343 ? ? ? ? ? 5  1 ? ? ? 100.0 ? 0.187 ? ? ? ? ? ? ? ? ? 
3.14 3.21  ? ? ? ? ? ? 496 ? ? ? ? ? ? ? ? ? ? ? 8.6  1.234 ? ? ? ? ? 6  1 ? ? ? 100.0 ? 0.169 ? ? ? ? ? ? ? ? ? 
3.21 3.29  ? ? ? ? ? ? 560 ? ? ? ? ? ? ? ? ? ? ? 8.6  1.334 ? ? ? ? ? 7  1 ? ? ? 100.0 ? 0.142 ? ? ? ? ? ? ? ? ? 
3.29 3.38  ? ? ? ? ? ? 500 ? ? ? ? ? ? ? ? ? ? ? 8.6  1.283 ? ? ? ? ? 8  1 ? ? ? 100.0 ? 0.132 ? ? ? ? ? ? ? ? ? 
3.38 3.48  ? ? ? ? ? ? 553 ? ? ? ? ? ? ? ? ? ? ? 8.7  1.271 ? ? ? ? ? 9  1 ? ? ? 100.0 ? 0.134 ? ? ? ? ? ? ? ? ? 
3.48 3.59  ? ? ? ? ? ? 524 ? ? ? ? ? ? ? ? ? ? ? 8.2  1.411 ? ? ? ? ? 10 1 ? ? ? 100.0 ? 0.123 ? ? ? ? ? ? ? ? ? 
3.59 3.72  ? ? ? ? ? ? 519 ? ? ? ? ? ? ? ? ? ? ? 7.6  0.983 ? ? ? ? ? 11 1 ? ? ? 100.0 ? 0.110 ? ? ? ? ? ? ? ? ? 
3.72 3.87  ? ? ? ? ? ? 544 ? ? ? ? ? ? ? ? ? ? ? 7.4  0.968 ? ? ? ? ? 12 1 ? ? ? 100.0 ? 0.105 ? ? ? ? ? ? ? ? ? 
3.87 4.04  ? ? ? ? ? ? 513 ? ? ? ? ? ? ? ? ? ? ? 6.9  1.081 ? ? ? ? ? 13 1 ? ? ? 100.0 ? 0.098 ? ? ? ? ? ? ? ? ? 
4.04 4.25  ? ? ? ? ? ? 526 ? ? ? ? ? ? ? ? ? ? ? 6.9  1.107 ? ? ? ? ? 14 1 ? ? ? 100.0 ? 0.097 ? ? ? ? ? ? ? ? ? 
4.25 4.52  ? ? ? ? ? ? 521 ? ? ? ? ? ? ? ? ? ? ? 7.3  1.090 ? ? ? ? ? 15 1 ? ? ? 99.8  ? 0.087 ? ? ? ? ? ? ? ? ? 
4.52 4.87  ? ? ? ? ? ? 526 ? ? ? ? ? ? ? ? ? ? ? 7.4  1.107 ? ? ? ? ? 16 1 ? ? ? 100.0 ? 0.085 ? ? ? ? ? ? ? ? ? 
4.87 5.36  ? ? ? ? ? ? 525 ? ? ? ? ? ? ? ? ? ? ? 7.2  0.983 ? ? ? ? ? 17 1 ? ? ? 100.0 ? 0.083 ? ? ? ? ? ? ? ? ? 
5.36 6.12  ? ? ? ? ? ? 537 ? ? ? ? ? ? ? ? ? ? ? 6.9  0.941 ? ? ? ? ? 18 1 ? ? ? 100.0 ? 0.076 ? ? ? ? ? ? ? ? ? 
6.12 7.69  ? ? ? ? ? ? 533 ? ? ? ? ? ? ? ? ? ? ? 7.6  0.900 ? ? ? ? ? 19 1 ? ? ? 100.0 ? 0.080 ? ? ? ? ? ? ? ? ? 
7.69 30.00 ? ? ? ? ? ? 534 ? ? ? ? ? ? ? ? ? ? ? 7.9  0.838 ? ? ? ? ? 20 1 ? ? ? 99.8  ? 0.075 ? ? ? ? ? ? ? ? ? 
# 
_refine.aniso_B[1][1]                            ? 
_refine.aniso_B[1][2]                            ? 
_refine.aniso_B[1][3]                            ? 
_refine.aniso_B[2][2]                            ? 
_refine.aniso_B[2][3]                            ? 
_refine.aniso_B[3][3]                            ? 
_refine.B_iso_max                                ? 
_refine.B_iso_mean                               86.64 
_refine.B_iso_min                                ? 
_refine.correlation_coeff_Fo_to_Fc               ? 
_refine.correlation_coeff_Fo_to_Fc_free          ? 
_refine.details                                  ? 
_refine.diff_density_max                         ? 
_refine.diff_density_max_esd                     ? 
_refine.diff_density_min                         ? 
_refine.diff_density_min_esd                     ? 
_refine.diff_density_rms                         ? 
_refine.diff_density_rms_esd                     ? 
_refine.entry_id                                 7WIF 
_refine.pdbx_refine_id                           'X-RAY DIFFRACTION' 
_refine.ls_abs_structure_details                 ? 
_refine.ls_abs_structure_Flack                   ? 
_refine.ls_abs_structure_Flack_esd               ? 
_refine.ls_abs_structure_Rogers                  ? 
_refine.ls_abs_structure_Rogers_esd              ? 
_refine.ls_d_res_high                            2.86 
_refine.ls_d_res_low                             28.68 
_refine.ls_extinction_coef                       ? 
_refine.ls_extinction_coef_esd                   ? 
_refine.ls_extinction_expression                 ? 
_refine.ls_extinction_method                     ? 
_refine.ls_goodness_of_fit_all                   ? 
_refine.ls_goodness_of_fit_all_esd               ? 
_refine.ls_goodness_of_fit_obs                   ? 
_refine.ls_goodness_of_fit_obs_esd               ? 
_refine.ls_hydrogen_treatment                    ? 
_refine.ls_matrix_type                           ? 
_refine.ls_number_constraints                    ? 
_refine.ls_number_parameters                     ? 
_refine.ls_number_reflns_all                     ? 
_refine.ls_number_reflns_obs                     5731 
_refine.ls_number_reflns_R_free                  566 
_refine.ls_number_reflns_R_work                  5165 
_refine.ls_number_restraints                     ? 
_refine.ls_percent_reflns_obs                    99.05 
_refine.ls_percent_reflns_R_free                 9.88 
_refine.ls_R_factor_all                          ? 
_refine.ls_R_factor_obs                          0.1938 
_refine.ls_R_factor_R_free                       0.2138 
_refine.ls_R_factor_R_free_error                 ? 
_refine.ls_R_factor_R_free_error_details         ? 
_refine.ls_R_factor_R_work                       0.1915 
_refine.ls_R_Fsqd_factor_obs                     ? 
_refine.ls_R_I_factor_obs                        ? 
_refine.ls_redundancy_reflns_all                 ? 
_refine.ls_redundancy_reflns_obs                 ? 
_refine.ls_restrained_S_all                      ? 
_refine.ls_restrained_S_obs                      ? 
_refine.ls_shift_over_esd_max                    ? 
_refine.ls_shift_over_esd_mean                   ? 
_refine.ls_structure_factor_coef                 ? 
_refine.ls_weighting_details                     ? 
_refine.ls_weighting_scheme                      ? 
_refine.ls_wR_factor_all                         ? 
_refine.ls_wR_factor_obs                         ? 
_refine.ls_wR_factor_R_free                      ? 
_refine.ls_wR_factor_R_work                      ? 
_refine.occupancy_max                            ? 
_refine.occupancy_min                            ? 
_refine.solvent_model_details                    'FLAT BULK SOLVENT MODEL' 
_refine.solvent_model_param_bsol                 ? 
_refine.solvent_model_param_ksol                 ? 
_refine.pdbx_R_complete                          ? 
_refine.ls_R_factor_gt                           ? 
_refine.ls_goodness_of_fit_gt                    ? 
_refine.ls_goodness_of_fit_ref                   ? 
_refine.ls_shift_over_su_max                     ? 
_refine.ls_shift_over_su_max_lt                  ? 
_refine.ls_shift_over_su_mean                    ? 
_refine.ls_shift_over_su_mean_lt                 ? 
_refine.pdbx_ls_sigma_I                          ? 
_refine.pdbx_ls_sigma_F                          1.35 
_refine.pdbx_ls_sigma_Fsqd                       ? 
_refine.pdbx_data_cutoff_high_absF               ? 
_refine.pdbx_data_cutoff_high_rms_absF           ? 
_refine.pdbx_data_cutoff_low_absF                ? 
_refine.pdbx_isotropic_thermal_model             ? 
_refine.pdbx_ls_cross_valid_method               'FREE R-VALUE' 
_refine.pdbx_method_to_determine_struct          'MOLECULAR REPLACEMENT' 
_refine.pdbx_starting_model                      7WI9 
_refine.pdbx_stereochemistry_target_values       'GeoStd + Monomer Library + CDL v1.2' 
_refine.pdbx_R_Free_selection_details            ? 
_refine.pdbx_stereochem_target_val_spec_case     ? 
_refine.pdbx_overall_ESU_R                       ? 
_refine.pdbx_overall_ESU_R_Free                  ? 
_refine.pdbx_solvent_vdw_probe_radii             1.1000 
_refine.pdbx_solvent_ion_probe_radii             ? 
_refine.pdbx_solvent_shrinkage_radii             0.9000 
_refine.pdbx_real_space_R                        ? 
_refine.pdbx_density_correlation                 ? 
_refine.pdbx_pd_number_of_powder_patterns        ? 
_refine.pdbx_pd_number_of_points                 ? 
_refine.pdbx_pd_meas_number_of_points            ? 
_refine.pdbx_pd_proc_ls_prof_R_factor            ? 
_refine.pdbx_pd_proc_ls_prof_wR_factor           ? 
_refine.pdbx_pd_Marquardt_correlation_coeff      ? 
_refine.pdbx_pd_Fsqrd_R_factor                   ? 
_refine.pdbx_pd_ls_matrix_band_width             ? 
_refine.pdbx_overall_phase_error                 30.6659 
_refine.pdbx_overall_SU_R_free_Cruickshank_DPI   ? 
_refine.pdbx_overall_SU_R_free_Blow_DPI          ? 
_refine.pdbx_overall_SU_R_Blow_DPI               ? 
_refine.pdbx_TLS_residual_ADP_flag               ? 
_refine.pdbx_diffrn_id                           1 
_refine.overall_SU_B                             ? 
_refine.overall_SU_ML                            0.2921 
_refine.overall_SU_R_Cruickshank_DPI             ? 
_refine.overall_SU_R_free                        ? 
_refine.overall_FOM_free_R_set                   ? 
_refine.overall_FOM_work_R_set                   ? 
_refine.pdbx_average_fsc_overall                 ? 
_refine.pdbx_average_fsc_work                    ? 
_refine.pdbx_average_fsc_free                    ? 
# 
_refine_hist.pdbx_refine_id                   'X-RAY DIFFRACTION' 
_refine_hist.cycle_id                         LAST 
_refine_hist.details                          ? 
_refine_hist.d_res_high                       2.86 
_refine_hist.d_res_low                        28.68 
_refine_hist.number_atoms_solvent             0 
_refine_hist.number_atoms_total               1096 
_refine_hist.number_reflns_all                ? 
_refine_hist.number_reflns_obs                ? 
_refine_hist.number_reflns_R_free             ? 
_refine_hist.number_reflns_R_work             ? 
_refine_hist.R_factor_all                     ? 
_refine_hist.R_factor_obs                     ? 
_refine_hist.R_factor_R_free                  ? 
_refine_hist.R_factor_R_work                  ? 
_refine_hist.pdbx_number_residues_total       ? 
_refine_hist.pdbx_B_iso_mean_ligand           ? 
_refine_hist.pdbx_B_iso_mean_solvent          ? 
_refine_hist.pdbx_number_atoms_protein        0 
_refine_hist.pdbx_number_atoms_nucleic_acid   1079 
_refine_hist.pdbx_number_atoms_ligand         17 
_refine_hist.pdbx_number_atoms_lipid          ? 
_refine_hist.pdbx_number_atoms_carb           ? 
_refine_hist.pdbx_pseudo_atom_details         ? 
# 
loop_
_refine_ls_restr.pdbx_refine_id 
_refine_ls_restr.criterion 
_refine_ls_restr.dev_ideal 
_refine_ls_restr.dev_ideal_target 
_refine_ls_restr.number 
_refine_ls_restr.rejects 
_refine_ls_restr.type 
_refine_ls_restr.weight 
_refine_ls_restr.pdbx_restraint_function 
'X-RAY DIFFRACTION' ? 0.0020  ? 1223 ? f_bond_d           ? ? 
'X-RAY DIFFRACTION' ? 0.5953  ? 1906 ? f_angle_d          ? ? 
'X-RAY DIFFRACTION' ? 0.0267  ? 255  ? f_chiral_restr     ? ? 
'X-RAY DIFFRACTION' ? 0.0032  ? 51   ? f_plane_restr      ? ? 
'X-RAY DIFFRACTION' ? 10.9554 ? 628  ? f_dihedral_angle_d ? ? 
# 
loop_
_refine_ls_shell.pdbx_refine_id 
_refine_ls_shell.d_res_high 
_refine_ls_shell.d_res_low 
_refine_ls_shell.number_reflns_all 
_refine_ls_shell.number_reflns_obs 
_refine_ls_shell.number_reflns_R_free 
_refine_ls_shell.number_reflns_R_work 
_refine_ls_shell.percent_reflns_obs 
_refine_ls_shell.percent_reflns_R_free 
_refine_ls_shell.R_factor_all 
_refine_ls_shell.R_factor_obs 
_refine_ls_shell.R_factor_R_free_error 
_refine_ls_shell.R_factor_R_work 
_refine_ls_shell.redundancy_reflns_all 
_refine_ls_shell.redundancy_reflns_obs 
_refine_ls_shell.wR_factor_all 
_refine_ls_shell.wR_factor_obs 
_refine_ls_shell.wR_factor_R_free 
_refine_ls_shell.wR_factor_R_work 
_refine_ls_shell.pdbx_R_complete 
_refine_ls_shell.pdbx_total_number_of_bins_used 
_refine_ls_shell.pdbx_phase_error 
_refine_ls_shell.pdbx_fsc_work 
_refine_ls_shell.pdbx_fsc_free 
_refine_ls_shell.R_factor_R_free 
'X-RAY DIFFRACTION' 2.86 3.14  . . 132 1244 96.83 . . . . 0.3371 . . . . . . . . . . . 0.4190 
'X-RAY DIFFRACTION' 3.14 3.60  . . 146 1265 99.86 . . . . 0.2147 . . . . . . . . . . . 0.2744 
'X-RAY DIFFRACTION' 3.60 4.53  . . 140 1288 99.65 . . . . 0.2220 . . . . . . . . . . . 0.2477 
'X-RAY DIFFRACTION' 4.53 28.68 . . 148 1368 99.87 . . . . 0.1502 . . . . . . . . . . . 0.1615 
# 
_struct.entry_id                     7WIF 
_struct.title                        'The THF-II riboswitch bound to H4B' 
_struct.pdbx_model_details           ? 
_struct.pdbx_formula_weight          ? 
_struct.pdbx_formula_weight_method   ? 
_struct.pdbx_model_type_details      ? 
_struct.pdbx_CASP_flag               N 
# 
_struct_keywords.entry_id        7WIF 
_struct_keywords.text            'Holo form, RNA' 
_struct_keywords.pdbx_keywords   RNA 
# 
loop_
_struct_asym.id 
_struct_asym.pdbx_blank_PDB_chainid_flag 
_struct_asym.pdbx_modified 
_struct_asym.entity_id 
_struct_asym.details 
A N N 1 ? 
B N N 2 ? 
# 
_struct_ref.id                         1 
_struct_ref.db_name                    PDB 
_struct_ref.db_code                    7WIF 
_struct_ref.pdbx_db_accession          7WIF 
_struct_ref.pdbx_db_isoform            ? 
_struct_ref.entity_id                  1 
_struct_ref.pdbx_seq_one_letter_code   ? 
_struct_ref.pdbx_align_begin           1 
# 
_struct_ref_seq.align_id                      1 
_struct_ref_seq.ref_id                        1 
_struct_ref_seq.pdbx_PDB_id_code              7WIF 
_struct_ref_seq.pdbx_strand_id                V 
_struct_ref_seq.seq_align_beg                 1 
_struct_ref_seq.pdbx_seq_align_beg_ins_code   ? 
_struct_ref_seq.seq_align_end                 50 
_struct_ref_seq.pdbx_seq_align_end_ins_code   ? 
_struct_ref_seq.pdbx_db_accession             7WIF 
_struct_ref_seq.db_align_beg                  6 
_struct_ref_seq.pdbx_db_align_beg_ins_code    ? 
_struct_ref_seq.db_align_end                  56 
_struct_ref_seq.pdbx_db_align_end_ins_code    ? 
_struct_ref_seq.pdbx_auth_seq_align_beg       6 
_struct_ref_seq.pdbx_auth_seq_align_end       56 
# 
_pdbx_struct_assembly.id                   1 
_pdbx_struct_assembly.details              author_and_software_defined_assembly 
_pdbx_struct_assembly.method_details       PISA 
_pdbx_struct_assembly.oligomeric_details   monomeric 
_pdbx_struct_assembly.oligomeric_count     1 
# 
loop_
_pdbx_struct_assembly_prop.biol_id 
_pdbx_struct_assembly_prop.type 
_pdbx_struct_assembly_prop.value 
_pdbx_struct_assembly_prop.details 
1 'ABSA (A^2)' 750  ? 
1 MORE         3    ? 
1 'SSA (A^2)'  8960 ? 
# 
_pdbx_struct_assembly_gen.assembly_id       1 
_pdbx_struct_assembly_gen.oper_expression   1 
_pdbx_struct_assembly_gen.asym_id_list      A,B 
# 
_pdbx_struct_assembly_auth_evidence.id                     1 
_pdbx_struct_assembly_auth_evidence.assembly_id            1 
_pdbx_struct_assembly_auth_evidence.experimental_support   none 
_pdbx_struct_assembly_auth_evidence.details                ? 
# 
_pdbx_struct_oper_list.id                   1 
_pdbx_struct_oper_list.type                 'identity operation' 
_pdbx_struct_oper_list.name                 1_555 
_pdbx_struct_oper_list.symmetry_operation   x,y,z 
_pdbx_struct_oper_list.matrix[1][1]         1.0000000000 
_pdbx_struct_oper_list.matrix[1][2]         0.0000000000 
_pdbx_struct_oper_list.matrix[1][3]         0.0000000000 
_pdbx_struct_oper_list.vector[1]            0.0000000000 
_pdbx_struct_oper_list.matrix[2][1]         0.0000000000 
_pdbx_struct_oper_list.matrix[2][2]         1.0000000000 
_pdbx_struct_oper_list.matrix[2][3]         0.0000000000 
_pdbx_struct_oper_list.vector[2]            0.0000000000 
_pdbx_struct_oper_list.matrix[3][1]         0.0000000000 
_pdbx_struct_oper_list.matrix[3][2]         0.0000000000 
_pdbx_struct_oper_list.matrix[3][3]         1.0000000000 
_pdbx_struct_oper_list.vector[3]            0.0000000000 
# 
loop_
_struct_conn.id 
_struct_conn.conn_type_id 
_struct_conn.pdbx_leaving_atom_flag 
_struct_conn.pdbx_PDB_id 
_struct_conn.ptnr1_label_asym_id 
_struct_conn.ptnr1_label_comp_id 
_struct_conn.ptnr1_label_seq_id 
_struct_conn.ptnr1_label_atom_id 
_struct_conn.pdbx_ptnr1_label_alt_id 
_struct_conn.pdbx_ptnr1_PDB_ins_code 
_struct_conn.pdbx_ptnr1_standard_comp_id 
_struct_conn.ptnr1_symmetry 
_struct_conn.ptnr2_label_asym_id 
_struct_conn.ptnr2_label_comp_id 
_struct_conn.ptnr2_label_seq_id 
_struct_conn.ptnr2_label_atom_id 
_struct_conn.pdbx_ptnr2_label_alt_id 
_struct_conn.pdbx_ptnr2_PDB_ins_code 
_struct_conn.ptnr1_auth_asym_id 
_struct_conn.ptnr1_auth_comp_id 
_struct_conn.ptnr1_auth_seq_id 
_struct_conn.ptnr2_auth_asym_id 
_struct_conn.ptnr2_auth_comp_id 
_struct_conn.ptnr2_auth_seq_id 
_struct_conn.ptnr2_symmetry 
_struct_conn.pdbx_ptnr3_label_atom_id 
_struct_conn.pdbx_ptnr3_label_seq_id 
_struct_conn.pdbx_ptnr3_label_comp_id 
_struct_conn.pdbx_ptnr3_label_asym_id 
_struct_conn.pdbx_ptnr3_label_alt_id 
_struct_conn.pdbx_ptnr3_PDB_ins_code 
_struct_conn.details 
_struct_conn.pdbx_dist_value 
_struct_conn.pdbx_value_order 
_struct_conn.pdbx_role 
covale1  covale both ? A GTP 1  "O3'" ? ? ? 1_555 A G 2  P  ? ? V GTP 6  V G 7  1_555 ? ? ? ? ? ? ?             1.600 ? ? 
hydrog1  hydrog ?    ? A GTP 1  N1    ? ? ? 1_555 A C 50 N3 ? ? V GTP 6  V C 56 1_555 ? ? ? ? ? ? WATSON-CRICK  ?     ? ? 
hydrog2  hydrog ?    ? A GTP 1  N2    ? ? ? 1_555 A C 50 O2 ? ? V GTP 6  V C 56 1_555 ? ? ? ? ? ? WATSON-CRICK  ?     ? ? 
hydrog3  hydrog ?    ? A GTP 1  O6    ? ? ? 1_555 A C 50 N4 ? ? V GTP 6  V C 56 1_555 ? ? ? ? ? ? WATSON-CRICK  ?     ? ? 
hydrog4  hydrog ?    ? A G   2  N1    ? ? ? 1_555 A C 49 N3 ? ? V G   7  V C 55 1_555 ? ? ? ? ? ? WATSON-CRICK  ?     ? ? 
hydrog5  hydrog ?    ? A G   2  N2    ? ? ? 1_555 A C 49 O2 ? ? V G   7  V C 55 1_555 ? ? ? ? ? ? WATSON-CRICK  ?     ? ? 
hydrog6  hydrog ?    ? A G   2  O6    ? ? ? 1_555 A C 49 N4 ? ? V G   7  V C 55 1_555 ? ? ? ? ? ? WATSON-CRICK  ?     ? ? 
hydrog7  hydrog ?    ? A C   3  N3    ? ? ? 1_555 A G 48 N1 ? ? V C   8  V G 54 1_555 ? ? ? ? ? ? WATSON-CRICK  ?     ? ? 
hydrog8  hydrog ?    ? A C   3  N4    ? ? ? 1_555 A G 48 O6 ? ? V C   8  V G 54 1_555 ? ? ? ? ? ? WATSON-CRICK  ?     ? ? 
hydrog9  hydrog ?    ? A C   3  O2    ? ? ? 1_555 A G 48 N2 ? ? V C   8  V G 54 1_555 ? ? ? ? ? ? WATSON-CRICK  ?     ? ? 
hydrog10 hydrog ?    ? A G   4  N1    ? ? ? 1_555 A C 47 N3 ? ? V G   9  V C 53 1_555 ? ? ? ? ? ? WATSON-CRICK  ?     ? ? 
hydrog11 hydrog ?    ? A G   4  N2    ? ? ? 1_555 A C 47 O2 ? ? V G   9  V C 53 1_555 ? ? ? ? ? ? WATSON-CRICK  ?     ? ? 
hydrog12 hydrog ?    ? A G   4  O6    ? ? ? 1_555 A C 47 N4 ? ? V G   9  V C 53 1_555 ? ? ? ? ? ? WATSON-CRICK  ?     ? ? 
hydrog13 hydrog ?    ? A U   5  N3    ? ? ? 1_555 A A 46 N1 ? ? V U   10 V A 52 1_555 ? ? ? ? ? ? WATSON-CRICK  ?     ? ? 
hydrog14 hydrog ?    ? A U   5  O4    ? ? ? 1_555 A A 46 N6 ? ? V U   10 V A 52 1_555 ? ? ? ? ? ? WATSON-CRICK  ?     ? ? 
hydrog15 hydrog ?    ? A G   6  N7    ? ? ? 1_555 A G 45 N2 ? ? V G   11 V G 51 1_555 ? ? ? ? ? ? TYPE_6_PAIR   ?     ? ? 
hydrog16 hydrog ?    ? A G   6  O6    ? ? ? 1_555 A G 45 N1 ? ? V G   11 V G 51 1_555 ? ? ? ? ? ? TYPE_6_PAIR   ?     ? ? 
hydrog17 hydrog ?    ? A G   7  N1    ? ? ? 1_555 A A 44 N1 ? ? V G   12 V A 50 1_555 ? ? ? ? ? ? TYPE_8_PAIR   ?     ? ? 
hydrog18 hydrog ?    ? A G   7  O6    ? ? ? 1_555 A A 44 N6 ? ? V G   12 V A 50 1_555 ? ? ? ? ? ? TYPE_8_PAIR   ?     ? ? 
hydrog19 hydrog ?    ? A U   8  N3    ? ? ? 1_555 A G 43 O6 ? ? V U   13 V G 49 1_555 ? ? ? ? ? ? TYPE_28_PAIR  ?     ? ? 
hydrog20 hydrog ?    ? A U   8  O2    ? ? ? 1_555 A G 43 N1 ? ? V U   13 V G 49 1_555 ? ? ? ? ? ? TYPE_28_PAIR  ?     ? ? 
hydrog21 hydrog ?    ? A C   9  N3    ? ? ? 1_555 A G 42 N1 ? ? V C   14 V G 48 1_555 ? ? ? ? ? ? WATSON-CRICK  ?     ? ? 
hydrog22 hydrog ?    ? A C   9  N4    ? ? ? 1_555 A G 42 O6 ? ? V C   14 V G 48 1_555 ? ? ? ? ? ? WATSON-CRICK  ?     ? ? 
hydrog23 hydrog ?    ? A C   9  O2    ? ? ? 1_555 A G 42 N2 ? ? V C   14 V G 48 1_555 ? ? ? ? ? ? WATSON-CRICK  ?     ? ? 
hydrog24 hydrog ?    ? A C   10 N3    ? ? ? 1_555 A G 41 N1 ? ? V C   15 V G 47 1_555 ? ? ? ? ? ? WATSON-CRICK  ?     ? ? 
hydrog25 hydrog ?    ? A C   10 N4    ? ? ? 1_555 A G 41 O6 ? ? V C   15 V G 47 1_555 ? ? ? ? ? ? WATSON-CRICK  ?     ? ? 
hydrog26 hydrog ?    ? A C   10 O2    ? ? ? 1_555 A G 41 N2 ? ? V C   15 V G 47 1_555 ? ? ? ? ? ? WATSON-CRICK  ?     ? ? 
hydrog27 hydrog ?    ? A G   11 N1    ? ? ? 1_555 A C 40 N3 ? ? V G   16 V C 46 1_555 ? ? ? ? ? ? WATSON-CRICK  ?     ? ? 
hydrog28 hydrog ?    ? A G   11 N2    ? ? ? 1_555 A C 40 O2 ? ? V G   16 V C 46 1_555 ? ? ? ? ? ? WATSON-CRICK  ?     ? ? 
hydrog29 hydrog ?    ? A G   11 O6    ? ? ? 1_555 A C 40 N4 ? ? V G   16 V C 46 1_555 ? ? ? ? ? ? WATSON-CRICK  ?     ? ? 
hydrog30 hydrog ?    ? A U   12 O2    ? ? ? 1_555 A A 15 N6 ? ? V U   17 V A 20 1_555 ? ? ? ? ? ? 'U-A PAIR'    ?     ? ? 
hydrog31 hydrog ?    ? A U   12 N3    ? ? ? 1_555 A A 39 N1 ? ? V U   17 V A 45 1_555 ? ? ? ? ? ? WATSON-CRICK  ?     ? ? 
hydrog32 hydrog ?    ? A U   12 O4    ? ? ? 1_555 A A 39 N6 ? ? V U   17 V A 45 1_555 ? ? ? ? ? ? WATSON-CRICK  ?     ? ? 
hydrog33 hydrog ?    ? A A   15 N6    ? ? ? 1_555 A C 40 O2 ? ? V A   20 V C 46 1_555 ? ? ? ? ? ? 'A-C MISPAIR' ?     ? ? 
hydrog34 hydrog ?    ? A A   16 N6    ? ? ? 1_555 A A 39 N3 ? ? V A   21 V A 45 1_555 ? ? ? ? ? ? 'A-A MISPAIR' ?     ? ? 
hydrog35 hydrog ?    ? A G   20 N1    ? ? ? 1_555 A C 37 N3 ? ? V G   25 V C 43 1_555 ? ? ? ? ? ? WATSON-CRICK  ?     ? ? 
hydrog36 hydrog ?    ? A G   20 N2    ? ? ? 1_555 A C 37 O2 ? ? V G   25 V C 43 1_555 ? ? ? ? ? ? WATSON-CRICK  ?     ? ? 
hydrog37 hydrog ?    ? A G   20 O6    ? ? ? 1_555 A C 37 N4 ? ? V G   25 V C 43 1_555 ? ? ? ? ? ? WATSON-CRICK  ?     ? ? 
hydrog38 hydrog ?    ? A U   21 N3    ? ? ? 1_555 A A 36 N1 ? ? V U   26 V A 42 1_555 ? ? ? ? ? ? WATSON-CRICK  ?     ? ? 
hydrog39 hydrog ?    ? A U   21 O4    ? ? ? 1_555 A A 36 N6 ? ? V U   26 V A 42 1_555 ? ? ? ? ? ? WATSON-CRICK  ?     ? ? 
hydrog40 hydrog ?    ? A U   22 N3    ? ? ? 1_555 A A 35 N1 ? ? V U   27 V A 41 1_555 ? ? ? ? ? ? WATSON-CRICK  ?     ? ? 
hydrog41 hydrog ?    ? A U   22 O4    ? ? ? 1_555 A A 35 N6 ? ? V U   27 V A 41 1_555 ? ? ? ? ? ? WATSON-CRICK  ?     ? ? 
hydrog42 hydrog ?    ? A C   23 N3    ? ? ? 1_555 A G 34 N1 ? ? V C   28 V G 40 1_555 ? ? ? ? ? ? WATSON-CRICK  ?     ? ? 
hydrog43 hydrog ?    ? A C   23 N4    ? ? ? 1_555 A G 34 O6 ? ? V C   28 V G 40 1_555 ? ? ? ? ? ? WATSON-CRICK  ?     ? ? 
hydrog44 hydrog ?    ? A C   23 O2    ? ? ? 1_555 A G 34 N2 ? ? V C   28 V G 40 1_555 ? ? ? ? ? ? WATSON-CRICK  ?     ? ? 
hydrog45 hydrog ?    ? A C   24 N3    ? ? ? 1_555 A G 33 N1 ? ? V C   29 V G 39 1_555 ? ? ? ? ? ? WATSON-CRICK  ?     ? ? 
hydrog46 hydrog ?    ? A C   24 N4    ? ? ? 1_555 A G 33 O6 ? ? V C   29 V G 39 1_555 ? ? ? ? ? ? WATSON-CRICK  ?     ? ? 
hydrog47 hydrog ?    ? A C   24 O2    ? ? ? 1_555 A G 33 N2 ? ? V C   29 V G 39 1_555 ? ? ? ? ? ? WATSON-CRICK  ?     ? ? 
hydrog48 hydrog ?    ? A U   25 N3    ? ? ? 1_555 A A 32 N1 ? ? V U   30 V A 38 1_555 ? ? ? ? ? ? WATSON-CRICK  ?     ? ? 
hydrog49 hydrog ?    ? A U   25 O4    ? ? ? 1_555 A A 32 N6 ? ? V U   30 V A 38 1_555 ? ? ? ? ? ? WATSON-CRICK  ?     ? ? 
hydrog50 hydrog ?    ? A C   26 N3    ? ? ? 1_555 A G 31 N1 ? ? V C   31 V G 37 1_555 ? ? ? ? ? ? WATSON-CRICK  ?     ? ? 
hydrog51 hydrog ?    ? A C   26 N4    ? ? ? 1_555 A G 31 O6 ? ? V C   31 V G 37 1_555 ? ? ? ? ? ? WATSON-CRICK  ?     ? ? 
hydrog52 hydrog ?    ? A C   26 O2    ? ? ? 1_555 A G 31 N2 ? ? V C   31 V G 37 1_555 ? ? ? ? ? ? WATSON-CRICK  ?     ? ? 
hydrog53 hydrog ?    ? A G   27 N2    ? ? ? 1_555 A A 30 N7 ? ? V G   32 V A 35 1_555 ? ? ? ? ? ? 'G-A MISPAIR' ?     ? ? 
# 
loop_
_struct_conn_type.id 
_struct_conn_type.criteria 
_struct_conn_type.reference 
covale ? ? 
hydrog ? ? 
# 
_pdbx_entry_details.entry_id                 7WIF 
_pdbx_entry_details.nonpolymer_details       ? 
_pdbx_entry_details.sequence_details         ? 
_pdbx_entry_details.compound_details         ? 
_pdbx_entry_details.source_details           ? 
_pdbx_entry_details.has_ligand_of_interest   Y 
# 
loop_
_chem_comp_atom.comp_id 
_chem_comp_atom.atom_id 
_chem_comp_atom.type_symbol 
_chem_comp_atom.pdbx_aromatic_flag 
_chem_comp_atom.pdbx_stereo_config 
_chem_comp_atom.pdbx_ordinal 
A   OP3    O N N 1   
A   P      P N N 2   
A   OP1    O N N 3   
A   OP2    O N N 4   
A   "O5'"  O N N 5   
A   "C5'"  C N N 6   
A   "C4'"  C N R 7   
A   "O4'"  O N N 8   
A   "C3'"  C N S 9   
A   "O3'"  O N N 10  
A   "C2'"  C N R 11  
A   "O2'"  O N N 12  
A   "C1'"  C N R 13  
A   N9     N Y N 14  
A   C8     C Y N 15  
A   N7     N Y N 16  
A   C5     C Y N 17  
A   C6     C Y N 18  
A   N6     N N N 19  
A   N1     N Y N 20  
A   C2     C Y N 21  
A   N3     N Y N 22  
A   C4     C Y N 23  
A   HOP3   H N N 24  
A   HOP2   H N N 25  
A   "H5'"  H N N 26  
A   "H5''" H N N 27  
A   "H4'"  H N N 28  
A   "H3'"  H N N 29  
A   "HO3'" H N N 30  
A   "H2'"  H N N 31  
A   "HO2'" H N N 32  
A   "H1'"  H N N 33  
A   H8     H N N 34  
A   H61    H N N 35  
A   H62    H N N 36  
A   H2     H N N 37  
C   OP3    O N N 38  
C   P      P N N 39  
C   OP1    O N N 40  
C   OP2    O N N 41  
C   "O5'"  O N N 42  
C   "C5'"  C N N 43  
C   "C4'"  C N R 44  
C   "O4'"  O N N 45  
C   "C3'"  C N S 46  
C   "O3'"  O N N 47  
C   "C2'"  C N R 48  
C   "O2'"  O N N 49  
C   "C1'"  C N R 50  
C   N1     N N N 51  
C   C2     C N N 52  
C   O2     O N N 53  
C   N3     N N N 54  
C   C4     C N N 55  
C   N4     N N N 56  
C   C5     C N N 57  
C   C6     C N N 58  
C   HOP3   H N N 59  
C   HOP2   H N N 60  
C   "H5'"  H N N 61  
C   "H5''" H N N 62  
C   "H4'"  H N N 63  
C   "H3'"  H N N 64  
C   "HO3'" H N N 65  
C   "H2'"  H N N 66  
C   "HO2'" H N N 67  
C   "H1'"  H N N 68  
C   H41    H N N 69  
C   H42    H N N 70  
C   H5     H N N 71  
C   H6     H N N 72  
G   OP3    O N N 73  
G   P      P N N 74  
G   OP1    O N N 75  
G   OP2    O N N 76  
G   "O5'"  O N N 77  
G   "C5'"  C N N 78  
G   "C4'"  C N R 79  
G   "O4'"  O N N 80  
G   "C3'"  C N S 81  
G   "O3'"  O N N 82  
G   "C2'"  C N R 83  
G   "O2'"  O N N 84  
G   "C1'"  C N R 85  
G   N9     N Y N 86  
G   C8     C Y N 87  
G   N7     N Y N 88  
G   C5     C Y N 89  
G   C6     C N N 90  
G   O6     O N N 91  
G   N1     N N N 92  
G   C2     C N N 93  
G   N2     N N N 94  
G   N3     N N N 95  
G   C4     C Y N 96  
G   HOP3   H N N 97  
G   HOP2   H N N 98  
G   "H5'"  H N N 99  
G   "H5''" H N N 100 
G   "H4'"  H N N 101 
G   "H3'"  H N N 102 
G   "HO3'" H N N 103 
G   "H2'"  H N N 104 
G   "HO2'" H N N 105 
G   "H1'"  H N N 106 
G   H8     H N N 107 
G   H1     H N N 108 
G   H21    H N N 109 
G   H22    H N N 110 
GTP PG     P N N 111 
GTP O1G    O N N 112 
GTP O2G    O N N 113 
GTP O3G    O N N 114 
GTP O3B    O N N 115 
GTP PB     P N N 116 
GTP O1B    O N N 117 
GTP O2B    O N N 118 
GTP O3A    O N N 119 
GTP PA     P N N 120 
GTP O1A    O N N 121 
GTP O2A    O N N 122 
GTP "O5'"  O N N 123 
GTP "C5'"  C N N 124 
GTP "C4'"  C N R 125 
GTP "O4'"  O N N 126 
GTP "C3'"  C N S 127 
GTP "O3'"  O N N 128 
GTP "C2'"  C N R 129 
GTP "O2'"  O N N 130 
GTP "C1'"  C N R 131 
GTP N9     N Y N 132 
GTP C8     C Y N 133 
GTP N7     N Y N 134 
GTP C5     C Y N 135 
GTP C6     C N N 136 
GTP O6     O N N 137 
GTP N1     N N N 138 
GTP C2     C N N 139 
GTP N2     N N N 140 
GTP N3     N N N 141 
GTP C4     C Y N 142 
GTP HOG2   H N N 143 
GTP HOG3   H N N 144 
GTP HOB2   H N N 145 
GTP HOA2   H N N 146 
GTP "H5'"  H N N 147 
GTP "H5''" H N N 148 
GTP "H4'"  H N N 149 
GTP "H3'"  H N N 150 
GTP "HO3'" H N N 151 
GTP "H2'"  H N N 152 
GTP "HO2'" H N N 153 
GTP "H1'"  H N N 154 
GTP H8     H N N 155 
GTP HN1    H N N 156 
GTP HN21   H N N 157 
GTP HN22   H N N 158 
H4B N1     N Y N 159 
H4B C2     C Y N 160 
H4B N2     N N N 161 
H4B N3     N Y N 162 
H4B C4     C Y N 163 
H4B O4     O N N 164 
H4B C4A    C Y N 165 
H4B C8A    C Y N 166 
H4B N5     N N N 167 
H4B N8     N N N 168 
H4B C6     C N R 169 
H4B C7     C N N 170 
H4B C9     C N R 171 
H4B O9     O N N 172 
H4B C10    C N S 173 
H4B C11    C N N 174 
H4B O10    O N N 175 
H4B HN21   H N N 176 
H4B HN22   H N N 177 
H4B HN3    H N N 178 
H4B HN5    H N N 179 
H4B HN8    H N N 180 
H4B H6     H N N 181 
H4B H71    H N N 182 
H4B H72    H N N 183 
H4B H9     H N N 184 
H4B HO9    H N N 185 
H4B H10    H N N 186 
H4B H111   H N N 187 
H4B H112   H N N 188 
H4B H113   H N N 189 
H4B HO0    H N N 190 
U   OP3    O N N 191 
U   P      P N N 192 
U   OP1    O N N 193 
U   OP2    O N N 194 
U   "O5'"  O N N 195 
U   "C5'"  C N N 196 
U   "C4'"  C N R 197 
U   "O4'"  O N N 198 
U   "C3'"  C N S 199 
U   "O3'"  O N N 200 
U   "C2'"  C N R 201 
U   "O2'"  O N N 202 
U   "C1'"  C N R 203 
U   N1     N N N 204 
U   C2     C N N 205 
U   O2     O N N 206 
U   N3     N N N 207 
U   C4     C N N 208 
U   O4     O N N 209 
U   C5     C N N 210 
U   C6     C N N 211 
U   HOP3   H N N 212 
U   HOP2   H N N 213 
U   "H5'"  H N N 214 
U   "H5''" H N N 215 
U   "H4'"  H N N 216 
U   "H3'"  H N N 217 
U   "HO3'" H N N 218 
U   "H2'"  H N N 219 
U   "HO2'" H N N 220 
U   "H1'"  H N N 221 
U   H3     H N N 222 
U   H5     H N N 223 
U   H6     H N N 224 
# 
loop_
_chem_comp_bond.comp_id 
_chem_comp_bond.atom_id_1 
_chem_comp_bond.atom_id_2 
_chem_comp_bond.value_order 
_chem_comp_bond.pdbx_aromatic_flag 
_chem_comp_bond.pdbx_stereo_config 
_chem_comp_bond.pdbx_ordinal 
A   OP3   P      sing N N 1   
A   OP3   HOP3   sing N N 2   
A   P     OP1    doub N N 3   
A   P     OP2    sing N N 4   
A   P     "O5'"  sing N N 5   
A   OP2   HOP2   sing N N 6   
A   "O5'" "C5'"  sing N N 7   
A   "C5'" "C4'"  sing N N 8   
A   "C5'" "H5'"  sing N N 9   
A   "C5'" "H5''" sing N N 10  
A   "C4'" "O4'"  sing N N 11  
A   "C4'" "C3'"  sing N N 12  
A   "C4'" "H4'"  sing N N 13  
A   "O4'" "C1'"  sing N N 14  
A   "C3'" "O3'"  sing N N 15  
A   "C3'" "C2'"  sing N N 16  
A   "C3'" "H3'"  sing N N 17  
A   "O3'" "HO3'" sing N N 18  
A   "C2'" "O2'"  sing N N 19  
A   "C2'" "C1'"  sing N N 20  
A   "C2'" "H2'"  sing N N 21  
A   "O2'" "HO2'" sing N N 22  
A   "C1'" N9     sing N N 23  
A   "C1'" "H1'"  sing N N 24  
A   N9    C8     sing Y N 25  
A   N9    C4     sing Y N 26  
A   C8    N7     doub Y N 27  
A   C8    H8     sing N N 28  
A   N7    C5     sing Y N 29  
A   C5    C6     sing Y N 30  
A   C5    C4     doub Y N 31  
A   C6    N6     sing N N 32  
A   C6    N1     doub Y N 33  
A   N6    H61    sing N N 34  
A   N6    H62    sing N N 35  
A   N1    C2     sing Y N 36  
A   C2    N3     doub Y N 37  
A   C2    H2     sing N N 38  
A   N3    C4     sing Y N 39  
C   OP3   P      sing N N 40  
C   OP3   HOP3   sing N N 41  
C   P     OP1    doub N N 42  
C   P     OP2    sing N N 43  
C   P     "O5'"  sing N N 44  
C   OP2   HOP2   sing N N 45  
C   "O5'" "C5'"  sing N N 46  
C   "C5'" "C4'"  sing N N 47  
C   "C5'" "H5'"  sing N N 48  
C   "C5'" "H5''" sing N N 49  
C   "C4'" "O4'"  sing N N 50  
C   "C4'" "C3'"  sing N N 51  
C   "C4'" "H4'"  sing N N 52  
C   "O4'" "C1'"  sing N N 53  
C   "C3'" "O3'"  sing N N 54  
C   "C3'" "C2'"  sing N N 55  
C   "C3'" "H3'"  sing N N 56  
C   "O3'" "HO3'" sing N N 57  
C   "C2'" "O2'"  sing N N 58  
C   "C2'" "C1'"  sing N N 59  
C   "C2'" "H2'"  sing N N 60  
C   "O2'" "HO2'" sing N N 61  
C   "C1'" N1     sing N N 62  
C   "C1'" "H1'"  sing N N 63  
C   N1    C2     sing N N 64  
C   N1    C6     sing N N 65  
C   C2    O2     doub N N 66  
C   C2    N3     sing N N 67  
C   N3    C4     doub N N 68  
C   C4    N4     sing N N 69  
C   C4    C5     sing N N 70  
C   N4    H41    sing N N 71  
C   N4    H42    sing N N 72  
C   C5    C6     doub N N 73  
C   C5    H5     sing N N 74  
C   C6    H6     sing N N 75  
G   OP3   P      sing N N 76  
G   OP3   HOP3   sing N N 77  
G   P     OP1    doub N N 78  
G   P     OP2    sing N N 79  
G   P     "O5'"  sing N N 80  
G   OP2   HOP2   sing N N 81  
G   "O5'" "C5'"  sing N N 82  
G   "C5'" "C4'"  sing N N 83  
G   "C5'" "H5'"  sing N N 84  
G   "C5'" "H5''" sing N N 85  
G   "C4'" "O4'"  sing N N 86  
G   "C4'" "C3'"  sing N N 87  
G   "C4'" "H4'"  sing N N 88  
G   "O4'" "C1'"  sing N N 89  
G   "C3'" "O3'"  sing N N 90  
G   "C3'" "C2'"  sing N N 91  
G   "C3'" "H3'"  sing N N 92  
G   "O3'" "HO3'" sing N N 93  
G   "C2'" "O2'"  sing N N 94  
G   "C2'" "C1'"  sing N N 95  
G   "C2'" "H2'"  sing N N 96  
G   "O2'" "HO2'" sing N N 97  
G   "C1'" N9     sing N N 98  
G   "C1'" "H1'"  sing N N 99  
G   N9    C8     sing Y N 100 
G   N9    C4     sing Y N 101 
G   C8    N7     doub Y N 102 
G   C8    H8     sing N N 103 
G   N7    C5     sing Y N 104 
G   C5    C6     sing N N 105 
G   C5    C4     doub Y N 106 
G   C6    O6     doub N N 107 
G   C6    N1     sing N N 108 
G   N1    C2     sing N N 109 
G   N1    H1     sing N N 110 
G   C2    N2     sing N N 111 
G   C2    N3     doub N N 112 
G   N2    H21    sing N N 113 
G   N2    H22    sing N N 114 
G   N3    C4     sing N N 115 
GTP PG    O1G    doub N N 116 
GTP PG    O2G    sing N N 117 
GTP PG    O3G    sing N N 118 
GTP PG    O3B    sing N N 119 
GTP O2G   HOG2   sing N N 120 
GTP O3G   HOG3   sing N N 121 
GTP O3B   PB     sing N N 122 
GTP PB    O1B    doub N N 123 
GTP PB    O2B    sing N N 124 
GTP PB    O3A    sing N N 125 
GTP O2B   HOB2   sing N N 126 
GTP O3A   PA     sing N N 127 
GTP PA    O1A    doub N N 128 
GTP PA    O2A    sing N N 129 
GTP PA    "O5'"  sing N N 130 
GTP O2A   HOA2   sing N N 131 
GTP "O5'" "C5'"  sing N N 132 
GTP "C5'" "C4'"  sing N N 133 
GTP "C5'" "H5'"  sing N N 134 
GTP "C5'" "H5''" sing N N 135 
GTP "C4'" "O4'"  sing N N 136 
GTP "C4'" "C3'"  sing N N 137 
GTP "C4'" "H4'"  sing N N 138 
GTP "O4'" "C1'"  sing N N 139 
GTP "C3'" "O3'"  sing N N 140 
GTP "C3'" "C2'"  sing N N 141 
GTP "C3'" "H3'"  sing N N 142 
GTP "O3'" "HO3'" sing N N 143 
GTP "C2'" "O2'"  sing N N 144 
GTP "C2'" "C1'"  sing N N 145 
GTP "C2'" "H2'"  sing N N 146 
GTP "O2'" "HO2'" sing N N 147 
GTP "C1'" N9     sing N N 148 
GTP "C1'" "H1'"  sing N N 149 
GTP N9    C8     sing Y N 150 
GTP N9    C4     sing Y N 151 
GTP C8    N7     doub Y N 152 
GTP C8    H8     sing N N 153 
GTP N7    C5     sing Y N 154 
GTP C5    C6     sing N N 155 
GTP C5    C4     doub Y N 156 
GTP C6    O6     doub N N 157 
GTP C6    N1     sing N N 158 
GTP N1    C2     sing N N 159 
GTP N1    HN1    sing N N 160 
GTP C2    N2     sing N N 161 
GTP C2    N3     doub N N 162 
GTP N2    HN21   sing N N 163 
GTP N2    HN22   sing N N 164 
GTP N3    C4     sing N N 165 
H4B N1    C2     doub Y N 166 
H4B N1    C8A    sing Y N 167 
H4B C2    N2     sing N N 168 
H4B C2    N3     sing Y N 169 
H4B N2    HN21   sing N N 170 
H4B N2    HN22   sing N N 171 
H4B N3    C4     sing Y N 172 
H4B N3    HN3    sing N N 173 
H4B C4    O4     doub N N 174 
H4B C4    C4A    sing Y N 175 
H4B C4A   C8A    doub Y N 176 
H4B C4A   N5     sing N N 177 
H4B C8A   N8     sing N N 178 
H4B N5    C6     sing N N 179 
H4B N5    HN5    sing N N 180 
H4B N8    C7     sing N N 181 
H4B N8    HN8    sing N N 182 
H4B C6    C7     sing N N 183 
H4B C6    C9     sing N N 184 
H4B C6    H6     sing N N 185 
H4B C7    H71    sing N N 186 
H4B C7    H72    sing N N 187 
H4B C9    O9     sing N N 188 
H4B C9    C10    sing N N 189 
H4B C9    H9     sing N N 190 
H4B O9    HO9    sing N N 191 
H4B C10   C11    sing N N 192 
H4B C10   O10    sing N N 193 
H4B C10   H10    sing N N 194 
H4B C11   H111   sing N N 195 
H4B C11   H112   sing N N 196 
H4B C11   H113   sing N N 197 
H4B O10   HO0    sing N N 198 
U   OP3   P      sing N N 199 
U   OP3   HOP3   sing N N 200 
U   P     OP1    doub N N 201 
U   P     OP2    sing N N 202 
U   P     "O5'"  sing N N 203 
U   OP2   HOP2   sing N N 204 
U   "O5'" "C5'"  sing N N 205 
U   "C5'" "C4'"  sing N N 206 
U   "C5'" "H5'"  sing N N 207 
U   "C5'" "H5''" sing N N 208 
U   "C4'" "O4'"  sing N N 209 
U   "C4'" "C3'"  sing N N 210 
U   "C4'" "H4'"  sing N N 211 
U   "O4'" "C1'"  sing N N 212 
U   "C3'" "O3'"  sing N N 213 
U   "C3'" "C2'"  sing N N 214 
U   "C3'" "H3'"  sing N N 215 
U   "O3'" "HO3'" sing N N 216 
U   "C2'" "O2'"  sing N N 217 
U   "C2'" "C1'"  sing N N 218 
U   "C2'" "H2'"  sing N N 219 
U   "O2'" "HO2'" sing N N 220 
U   "C1'" N1     sing N N 221 
U   "C1'" "H1'"  sing N N 222 
U   N1    C2     sing N N 223 
U   N1    C6     sing N N 224 
U   C2    O2     doub N N 225 
U   C2    N3     sing N N 226 
U   N3    C4     sing N N 227 
U   N3    H3     sing N N 228 
U   C4    O4     doub N N 229 
U   C4    C5     sing N N 230 
U   C5    C6     doub N N 231 
U   C5    H5     sing N N 232 
U   C6    H6     sing N N 233 
# 
loop_
_ndb_struct_conf_na.entry_id 
_ndb_struct_conf_na.feature 
7WIF 'double helix'         
7WIF 'a-form double helix'  
7WIF 'hairpin loop'         
7WIF tetraloop              
7WIF 'mismatched base pair' 
7WIF 'internal loop'        
7WIF 'triple helix'         
# 
loop_
_ndb_struct_na_base_pair.model_number 
_ndb_struct_na_base_pair.i_label_asym_id 
_ndb_struct_na_base_pair.i_label_comp_id 
_ndb_struct_na_base_pair.i_label_seq_id 
_ndb_struct_na_base_pair.i_symmetry 
_ndb_struct_na_base_pair.j_label_asym_id 
_ndb_struct_na_base_pair.j_label_comp_id 
_ndb_struct_na_base_pair.j_label_seq_id 
_ndb_struct_na_base_pair.j_symmetry 
_ndb_struct_na_base_pair.shear 
_ndb_struct_na_base_pair.stretch 
_ndb_struct_na_base_pair.stagger 
_ndb_struct_na_base_pair.buckle 
_ndb_struct_na_base_pair.propeller 
_ndb_struct_na_base_pair.opening 
_ndb_struct_na_base_pair.pair_number 
_ndb_struct_na_base_pair.pair_name 
_ndb_struct_na_base_pair.i_auth_asym_id 
_ndb_struct_na_base_pair.i_auth_seq_id 
_ndb_struct_na_base_pair.i_PDB_ins_code 
_ndb_struct_na_base_pair.j_auth_asym_id 
_ndb_struct_na_base_pair.j_auth_seq_id 
_ndb_struct_na_base_pair.j_PDB_ins_code 
_ndb_struct_na_base_pair.hbond_type_28 
_ndb_struct_na_base_pair.hbond_type_12 
1 A GTP 1  1_555 A C 50 1_555 -1.426 -0.221 0.190  -5.037 -10.427 1.178  1  V_GTP6:C56_V V 6  ? V 56 ? 19 1 
1 A G   2  1_555 A C 49 1_555 -0.545 -0.129 0.389  -5.406 -9.880  4.811  2  V_G7:C55_V   V 7  ? V 55 ? 19 1 
1 A C   3  1_555 A G 48 1_555 0.410  -0.148 0.263  0.563  -11.661 4.833  3  V_C8:G54_V   V 8  ? V 54 ? 19 1 
1 A G   4  1_555 A C 47 1_555 -0.767 0.017  0.511  -5.773 -14.333 9.514  4  V_G9:C53_V   V 9  ? V 53 ? 19 1 
1 A U   5  1_555 A A 46 1_555 0.821  -0.063 0.195  0.470  -17.851 11.563 5  V_U10:A52_V  V 10 ? V 52 ? 20 1 
1 A G   6  1_555 A G 45 1_555 -2.049 -3.245 -0.544 17.395 -2.194  81.798 6  V_G11:G51_V  V 11 ? V 51 ? 6  3 
1 A G   7  1_555 A A 44 1_555 0.317  1.565  -0.335 7.919  -9.403  -4.408 7  V_G12:A50_V  V 12 ? V 50 ? 8  1 
1 A U   8  1_555 A G 43 1_555 2.276  -0.619 0.503  1.704  -9.380  3.719  8  V_U13:G49_V  V 13 ? V 49 ? 28 1 
1 A C   9  1_555 A G 42 1_555 0.266  -0.186 -0.084 8.290  -14.725 0.672  9  V_C14:G48_V  V 14 ? V 48 ? 19 1 
1 A C   10 1_555 A G 41 1_555 0.102  -0.400 0.362  1.382  -6.505  2.691  10 V_C15:G47_V  V 15 ? V 47 ? 19 1 
1 A G   11 1_555 A C 40 1_555 -0.556 -0.344 0.281  -1.445 -14.086 3.671  11 V_G16:C46_V  V 16 ? V 46 ? 19 1 
1 A U   12 1_555 A A 39 1_555 -0.072 0.241  -0.023 10.636 -2.234  3.431  12 V_U17:A45_V  V 17 ? V 45 ? 20 1 
1 A G   20 1_555 A C 37 1_555 -1.046 -0.235 0.557  1.324  -7.758  3.248  13 V_G25:C43_V  V 25 ? V 43 ? 19 1 
1 A U   21 1_555 A A 36 1_555 0.030  -0.524 0.278  -4.190 -8.366  -5.568 14 V_U26:A42_V  V 26 ? V 42 ? 20 1 
1 A U   22 1_555 A A 35 1_555 -0.168 -0.293 0.061  1.711  -9.300  3.859  15 V_U27:A41_V  V 27 ? V 41 ? 20 1 
1 A C   23 1_555 A G 34 1_555 0.216  0.012  0.169  9.456  -11.095 6.552  16 V_C28:G40_V  V 28 ? V 40 ? 19 1 
1 A C   24 1_555 A G 33 1_555 0.408  -0.061 0.114  4.494  -8.378  7.436  17 V_C29:G39_V  V 29 ? V 39 ? 19 1 
1 A U   25 1_555 A A 32 1_555 -0.577 -0.097 -0.119 8.282  -8.203  8.140  18 V_U30:A38_V  V 30 ? V 38 ? 20 1 
1 A C   26 1_555 A G 31 1_555 0.759  -0.202 0.080  6.254  6.145   5.127  19 V_C31:G37_V  V 31 ? V 37 ? 19 1 
1 A G   27 1_555 A A 30 1_555 6.947  -5.339 1.262  15.767 4.448   -8.572 20 V_G32:A35_V  V 32 ? V 35 ? ?  ? 
# 
loop_
_ndb_struct_na_base_pair_step.model_number 
_ndb_struct_na_base_pair_step.i_label_asym_id_1 
_ndb_struct_na_base_pair_step.i_label_comp_id_1 
_ndb_struct_na_base_pair_step.i_label_seq_id_1 
_ndb_struct_na_base_pair_step.i_symmetry_1 
_ndb_struct_na_base_pair_step.j_label_asym_id_1 
_ndb_struct_na_base_pair_step.j_label_comp_id_1 
_ndb_struct_na_base_pair_step.j_label_seq_id_1 
_ndb_struct_na_base_pair_step.j_symmetry_1 
_ndb_struct_na_base_pair_step.i_label_asym_id_2 
_ndb_struct_na_base_pair_step.i_label_comp_id_2 
_ndb_struct_na_base_pair_step.i_label_seq_id_2 
_ndb_struct_na_base_pair_step.i_symmetry_2 
_ndb_struct_na_base_pair_step.j_label_asym_id_2 
_ndb_struct_na_base_pair_step.j_label_comp_id_2 
_ndb_struct_na_base_pair_step.j_label_seq_id_2 
_ndb_struct_na_base_pair_step.j_symmetry_2 
_ndb_struct_na_base_pair_step.shift 
_ndb_struct_na_base_pair_step.slide 
_ndb_struct_na_base_pair_step.rise 
_ndb_struct_na_base_pair_step.tilt 
_ndb_struct_na_base_pair_step.roll 
_ndb_struct_na_base_pair_step.twist 
_ndb_struct_na_base_pair_step.x_displacement 
_ndb_struct_na_base_pair_step.y_displacement 
_ndb_struct_na_base_pair_step.helical_rise 
_ndb_struct_na_base_pair_step.inclination 
_ndb_struct_na_base_pair_step.tip 
_ndb_struct_na_base_pair_step.helical_twist 
_ndb_struct_na_base_pair_step.step_number 
_ndb_struct_na_base_pair_step.step_name 
_ndb_struct_na_base_pair_step.i_auth_asym_id_1 
_ndb_struct_na_base_pair_step.i_auth_seq_id_1 
_ndb_struct_na_base_pair_step.i_PDB_ins_code_1 
_ndb_struct_na_base_pair_step.j_auth_asym_id_1 
_ndb_struct_na_base_pair_step.j_auth_seq_id_1 
_ndb_struct_na_base_pair_step.j_PDB_ins_code_1 
_ndb_struct_na_base_pair_step.i_auth_asym_id_2 
_ndb_struct_na_base_pair_step.i_auth_seq_id_2 
_ndb_struct_na_base_pair_step.i_PDB_ins_code_2 
_ndb_struct_na_base_pair_step.j_auth_asym_id_2 
_ndb_struct_na_base_pair_step.j_auth_seq_id_2 
_ndb_struct_na_base_pair_step.j_PDB_ins_code_2 
1 A GTP 1  1_555 A C 50 1_555 A G 2  1_555 A C 49 1_555 -0.309 -1.934 3.199  -5.376  2.433    37.479   -3.276 -0.190 3.085  3.758 
8.303   37.924   1  VV_GTP6G7:C55C56_VV V 6  ? V 56 ? V 7  ? V 55 ? 
1 A G   2  1_555 A C 49 1_555 A C 3  1_555 A G 48 1_555 -0.363 -1.753 3.119  -0.005  0.460    33.323   -3.129 0.632  3.095  0.801 
0.008   33.326   2  VV_G7C8:G54C55_VV   V 7  ? V 55 ? V 8  ? V 54 ? 
1 A C   3  1_555 A G 48 1_555 A G 4  1_555 A C 47 1_555 0.269  -1.961 3.043  -2.230  11.107   26.733   -5.906 -0.937 2.052  22.766 
4.571   28.994   3  VV_C8G9:C53G54_VV   V 8  ? V 54 ? V 9  ? V 53 ? 
1 A G   4  1_555 A C 47 1_555 A U 5  1_555 A A 46 1_555 0.104  -1.016 3.108  3.700   7.104    39.845   -2.195 0.231  2.890  10.298 
-5.363  40.610   4  VV_G9U10:A52C53_VV  V 9  ? V 53 ? V 10 ? V 52 ? 
1 A U   5  1_555 A A 46 1_555 A G 6  1_555 A G 45 1_555 0.647  2.933  -1.284 166.004 -41.310  -149.559 -1.507 0.162  -1.218 20.693 
83.154  -177.657 5  VV_U10G11:G51A52_VV V 10 ? V 52 ? V 11 ? V 51 ? 
1 A G   6  1_555 A G 45 1_555 A G 7  1_555 A A 44 1_555 -0.372 -3.542 -2.354 131.212 -105.856 126.517  -2.040 -0.145 -1.238 
-53.309 -66.078 174.872  6  VV_G11G12:A50G51_VV V 11 ? V 51 ? V 12 ? V 50 ? 
1 A G   7  1_555 A A 44 1_555 A U 8  1_555 A G 43 1_555 0.201  -1.557 3.318  -6.053  7.844    40.459   -2.996 -0.904 2.921  11.142 
8.597   41.605   7  VV_G12U13:G49A50_VV V 12 ? V 50 ? V 13 ? V 49 ? 
1 A U   8  1_555 A G 43 1_555 A C 9  1_555 A G 42 1_555 0.016  -1.981 2.737  5.581   6.068    28.314   -4.900 0.893  2.236  12.084 
-11.115 29.467   8  VV_U13C14:G48G49_VV V 13 ? V 49 ? V 14 ? V 48 ? 
1 A C   9  1_555 A G 42 1_555 A C 10 1_555 A G 41 1_555 -0.443 -2.438 3.317  -5.858  7.448    26.621   -6.613 -0.361 2.590  15.562 
12.239  28.228   9  VV_C14C15:G47G48_VV V 14 ? V 48 ? V 15 ? V 47 ? 
1 A C   10 1_555 A G 41 1_555 A G 11 1_555 A C 40 1_555 0.376  -2.133 3.091  2.894   9.586    28.819   -5.681 -0.225 2.305  18.566 
-5.606  30.475   10 VV_C15G16:C46G47_VV V 15 ? V 47 ? V 16 ? V 46 ? 
1 A G   11 1_555 A C 40 1_555 A U 12 1_555 A A 39 1_555 0.154  -1.364 3.089  3.447   4.162    30.459   -3.300 0.325  2.882  7.844 
-6.497  30.923   11 VV_G16U17:A45C46_VV V 16 ? V 46 ? V 17 ? V 45 ? 
1 A G   20 1_555 A C 37 1_555 A U 21 1_555 A A 36 1_555 -0.766 -1.526 3.402  0.596   3.647    39.831   -2.657 1.190  3.244  5.339 
-0.873  39.995   12 VV_G25U26:A42C43_VV V 25 ? V 43 ? V 26 ? V 42 ? 
1 A U   21 1_555 A A 36 1_555 A U 22 1_555 A A 35 1_555 0.635  -1.421 3.015  2.280   4.798    28.897   -3.726 -0.814 2.789  9.513 
-4.520  29.371   13 VV_U26U27:A41A42_VV V 26 ? V 42 ? V 27 ? V 41 ? 
1 A U   22 1_555 A A 35 1_555 A C 23 1_555 A G 34 1_555 0.348  -1.652 3.186  -2.064  0.763    31.489   -3.174 -1.009 3.118  1.403 
3.797   31.563   14 VV_U27C28:G40A41_VV V 27 ? V 41 ? V 28 ? V 40 ? 
1 A C   23 1_555 A G 34 1_555 A C 24 1_555 A G 33 1_555 -0.161 -2.027 3.237  -1.908  3.673    31.220   -4.391 -0.044 2.989  6.787 
3.526   31.486   15 VV_C28C29:G39G40_VV V 28 ? V 40 ? V 29 ? V 39 ? 
1 A C   24 1_555 A G 33 1_555 A U 25 1_555 A A 32 1_555 -0.296 -1.843 3.118  0.344   3.371    26.108   -4.875 0.735  2.857  7.422 
-0.757  26.323   16 VV_C29U30:A38G39_VV V 29 ? V 39 ? V 30 ? V 38 ? 
1 A U   25 1_555 A A 32 1_555 A C 26 1_555 A G 31 1_555 0.135  -1.599 3.404  -2.273  7.013    37.933   -3.280 -0.484 3.059  10.665 
3.456   38.616   17 VV_U30C31:G37A38_VV V 30 ? V 38 ? V 31 ? V 37 ? 
1 A C   26 1_555 A G 31 1_555 A G 27 1_555 A A 30 1_555 -1.691 -1.002 2.809  -0.797  12.329   50.960   -1.812 1.874  2.544  14.093 
0.911   52.339   18 VV_C31G32:A35G37_VV V 31 ? V 37 ? V 32 ? V 35 ? 
# 
_pdbx_audit_support.funding_organization   'National Natural Science Foundation of China (NSFC)' 
_pdbx_audit_support.country                China 
_pdbx_audit_support.grant_number           ? 
_pdbx_audit_support.ordinal                1 
# 
_pdbx_entity_instance_feature.ordinal        1 
_pdbx_entity_instance_feature.comp_id        H4B 
_pdbx_entity_instance_feature.asym_id        ? 
_pdbx_entity_instance_feature.seq_num        ? 
_pdbx_entity_instance_feature.auth_comp_id   H4B 
_pdbx_entity_instance_feature.auth_asym_id   ? 
_pdbx_entity_instance_feature.auth_seq_num   ? 
_pdbx_entity_instance_feature.feature_type   'SUBJECT OF INVESTIGATION' 
_pdbx_entity_instance_feature.details        ? 
# 
_pdbx_initial_refinement_model.id               1 
_pdbx_initial_refinement_model.entity_id_list   ? 
_pdbx_initial_refinement_model.type             'experimental model' 
_pdbx_initial_refinement_model.source_name      PDB 
_pdbx_initial_refinement_model.accession_code   7WI9 
_pdbx_initial_refinement_model.details          ? 
# 
_atom_sites.entry_id                    7WIF 
_atom_sites.Cartn_transf_matrix[1][1]   ? 
_atom_sites.Cartn_transf_matrix[1][2]   ? 
_atom_sites.Cartn_transf_matrix[1][3]   ? 
_atom_sites.Cartn_transf_matrix[2][1]   ? 
_atom_sites.Cartn_transf_matrix[2][2]   ? 
_atom_sites.Cartn_transf_matrix[2][3]   ? 
_atom_sites.Cartn_transf_matrix[3][1]   ? 
_atom_sites.Cartn_transf_matrix[3][2]   ? 
_atom_sites.Cartn_transf_matrix[3][3]   ? 
_atom_sites.Cartn_transf_vector[1]      ? 
_atom_sites.Cartn_transf_vector[2]      ? 
_atom_sites.Cartn_transf_vector[3]      ? 
_atom_sites.fract_transf_matrix[1][1]   0.00372636 
_atom_sites.fract_transf_matrix[1][2]   0.01633837 
_atom_sites.fract_transf_matrix[1][3]   -0.00481513 
_atom_sites.fract_transf_matrix[2][1]   0.01244944 
_atom_sites.fract_transf_matrix[2][2]   0.00892038 
_atom_sites.fract_transf_matrix[2][3]   0.00833382 
_atom_sites.fract_transf_matrix[3][1]   0.00733167 
_atom_sites.fract_transf_matrix[3][2]   -0.00372493 
_atom_sites.fract_transf_matrix[3][3]   -0.00696529 
_atom_sites.fract_transf_vector[1]      0.529754 
_atom_sites.fract_transf_vector[2]      0.485518 
_atom_sites.fract_transf_vector[3]      0.291733 
_atom_sites.solution_primary            ? 
_atom_sites.solution_secondary          ? 
_atom_sites.solution_hydrogens          ? 
_atom_sites.special_details             ? 
# 
loop_
_atom_type.symbol 
C 
H 
N 
O 
P 
# 
loop_
_atom_site.group_PDB 
_atom_site.id 
_atom_site.type_symbol 
_atom_site.label_atom_id 
_atom_site.label_alt_id 
_atom_site.label_comp_id 
_atom_site.label_asym_id 
_atom_site.label_entity_id 
_atom_site.label_seq_id 
_atom_site.pdbx_PDB_ins_code 
_atom_site.Cartn_x 
_atom_site.Cartn_y 
_atom_site.Cartn_z 
_atom_site.occupancy 
_atom_site.B_iso_or_equiv 
_atom_site.pdbx_formal_charge 
_atom_site.auth_seq_id 
_atom_site.auth_comp_id 
_atom_site.auth_asym_id 
_atom_site.auth_atom_id 
_atom_site.pdbx_PDB_model_num 
HETATM 1    P PG    . GTP A 1 1  ? 20.76935  6.68110   19.59838  1.000 179.78946 ? 6   GTP V PG    1 
HETATM 2    O O1G   . GTP A 1 1  ? 21.69654  6.81785   18.40575  1.000 167.21411 ? 6   GTP V O1G   1 
HETATM 3    O O2G   . GTP A 1 1  ? 21.37009  7.23402   20.87642  1.000 175.04710 ? 6   GTP V O2G   1 
HETATM 4    O O3G   . GTP A 1 1  ? 20.21726  5.27960   19.76617  1.000 177.96263 ? 6   GTP V O3G   1 
HETATM 5    O O3B   . GTP A 1 1  ? 19.49771  7.62358   19.26100  1.000 158.56451 ? 6   GTP V O3B   1 
HETATM 6    P PB    . GTP A 1 1  ? 19.30790  9.21020   19.18192  1.000 149.62943 ? 6   GTP V PB    1 
HETATM 7    O O1B   . GTP A 1 1  ? 19.15011  9.73454   20.55483  1.000 139.23755 ? 6   GTP V O1B   1 
HETATM 8    O O2B   . GTP A 1 1  ? 20.36883  9.75324   18.30852  1.000 142.72463 ? 6   GTP V O2B   1 
HETATM 9    O O3A   . GTP A 1 1  ? 17.91758  9.25586   18.39113  1.000 136.77886 ? 6   GTP V O3A   1 
HETATM 10   P PA    . GTP A 1 1  ? 17.54047  8.71106   16.93684  1.000 144.81553 ? 6   GTP V PA    1 
HETATM 11   O O1A   . GTP A 1 1  ? 16.06440  8.74198   16.78004  1.000 152.48294 ? 6   GTP V O1A   1 
HETATM 12   O O2A   . GTP A 1 1  ? 18.26641  7.43700   16.70166  1.000 133.62554 ? 6   GTP V O2A   1 
HETATM 13   O "O5'" . GTP A 1 1  ? 18.18192  9.85825   16.02759  1.000 109.14660 ? 6   GTP V "O5'" 1 
HETATM 14   C "C5'" . GTP A 1 1  ? 17.59011  11.17164  16.14505  1.000 112.55264 ? 6   GTP V "C5'" 1 
HETATM 15   C "C4'" . GTP A 1 1  ? 18.31672  12.14131  15.24494  1.000 119.17712 ? 6   GTP V "C4'" 1 
HETATM 16   O "O4'" . GTP A 1 1  ? 19.72203  12.16273  15.57322  1.000 121.26028 ? 6   GTP V "O4'" 1 
HETATM 17   C "C3'" . GTP A 1 1  ? 18.30468  11.83150  13.74789  1.000 116.46525 ? 6   GTP V "C3'" 1 
HETATM 18   O "O3'" . GTP A 1 1  ? 17.06186  12.11480  13.11711  1.000 125.51978 ? 6   GTP V "O3'" 1 
HETATM 19   C "C2'" . GTP A 1 1  ? 19.43898  12.74735  13.28429  1.000 109.35350 ? 6   GTP V "C2'" 1 
HETATM 20   O "O2'" . GTP A 1 1  ? 19.01792  14.09411  13.31548  1.000 110.46229 ? 6   GTP V "O2'" 1 
HETATM 21   C "C1'" . GTP A 1 1  ? 20.45795  12.50687  14.40049  1.000 109.12142 ? 6   GTP V "C1'" 1 
HETATM 22   N N9    . GTP A 1 1  ? 21.39380  11.42663  14.09409  1.000 100.83974 ? 6   GTP V N9    1 
HETATM 23   C C8    . GTP A 1 1  ? 21.64731  10.29384  14.82398  1.000 98.57605  ? 6   GTP V C8    1 
HETATM 24   N N7    . GTP A 1 1  ? 22.54872  9.51054   14.28292  1.000 80.59209  ? 6   GTP V N7    1 
HETATM 25   C C5    . GTP A 1 1  ? 22.91511  10.17655  13.11768  1.000 92.02783  ? 6   GTP V C5    1 
HETATM 26   C C6    . GTP A 1 1  ? 23.85479  9.81317   12.11989  1.000 95.87905  ? 6   GTP V C6    1 
HETATM 27   O O6    . GTP A 1 1  ? 24.56855  8.80070   12.06871  1.000 95.55153  ? 6   GTP V O6    1 
HETATM 28   N N1    . GTP A 1 1  ? 23.91926  10.77188  11.10871  1.000 101.34400 ? 6   GTP V N1    1 
HETATM 29   C C2    . GTP A 1 1  ? 23.17956  11.92954  11.06020  1.000 107.79787 ? 6   GTP V C2    1 
HETATM 30   N N2    . GTP A 1 1  ? 23.37914  12.73001  10.00166  1.000 88.05424  ? 6   GTP V N2    1 
HETATM 31   N N3    . GTP A 1 1  ? 22.29397  12.27504  11.99210  1.000 101.03327 ? 6   GTP V N3    1 
HETATM 32   C C4    . GTP A 1 1  ? 22.21697  11.35551  12.98630  1.000 96.54471  ? 6   GTP V C4    1 
ATOM   33   P P     . G   A 1 2  ? 16.57358  11.19257  11.90374  1.000 126.49589 ? 7   G   V P     1 
ATOM   34   O OP1   . G   A 1 2  ? 15.17360  11.56000  11.57807  1.000 131.94199 ? 7   G   V OP1   1 
ATOM   35   O OP2   . G   A 1 2  ? 16.91080  9.78465   12.23298  1.000 114.27014 ? 7   G   V OP2   1 
ATOM   36   O "O5'" . G   A 1 2  ? 17.49204  11.63841  10.68093  1.000 111.43946 ? 7   G   V "O5'" 1 
ATOM   37   C "C5'" . G   A 1 2  ? 17.32936  12.90794  10.06708  1.000 107.50625 ? 7   G   V "C5'" 1 
ATOM   38   C "C4'" . G   A 1 2  ? 18.25967  13.07234  8.89208   1.000 109.54168 ? 7   G   V "C4'" 1 
ATOM   39   O "O4'" . G   A 1 2  ? 19.63672  12.97265  9.34307   1.000 115.08445 ? 7   G   V "O4'" 1 
ATOM   40   C "C3'" . G   A 1 2  ? 18.15549  12.01086  7.80806   1.000 116.59228 ? 7   G   V "C3'" 1 
ATOM   41   O "O3'" . G   A 1 2  ? 17.07861  12.21512  6.91243   1.000 137.13018 ? 7   G   V "O3'" 1 
ATOM   42   C "C2'" . G   A 1 2  ? 19.52521  12.07826  7.15029   1.000 103.81397 ? 7   G   V "C2'" 1 
ATOM   43   O "O2'" . G   A 1 2  ? 19.62251  13.21182  6.30062   1.000 101.99758 ? 7   G   V "O2'" 1 
ATOM   44   C "C1'" . G   A 1 2  ? 20.41686  12.31443  8.36535   1.000 105.70343 ? 7   G   V "C1'" 1 
ATOM   45   N N9    . G   A 1 2  ? 20.89914  11.04192  8.93098   1.000 106.68433 ? 7   G   V N9    1 
ATOM   46   C C8    . G   A 1 2  ? 20.52813  10.45642  10.11771  1.000 101.35536 ? 7   G   V C8    1 
ATOM   47   N N7    . G   A 1 2  ? 21.13475  9.32112   10.33598  1.000 94.39806  ? 7   G   V N7    1 
ATOM   48   C C5    . G   A 1 2  ? 21.94754  9.14341   9.22368   1.000 92.74435  ? 7   G   V C5    1 
ATOM   49   C C6    . G   A 1 2  ? 22.84256  8.09355   8.89176   1.000 99.10605  ? 7   G   V C6    1 
ATOM   50   O O6    . G   A 1 2  ? 23.10519  7.07030   9.53710   1.000 102.92244 ? 7   G   V O6    1 
ATOM   51   N N1    . G   A 1 2  ? 23.46133  8.32124   7.66419   1.000 100.29386 ? 7   G   V N1    1 
ATOM   52   C C2    . G   A 1 2  ? 23.25376  9.41527   6.85740   1.000 104.23016 ? 7   G   V C2    1 
ATOM   53   N N2    . G   A 1 2  ? 23.94787  9.45186   5.70897   1.000 93.12622  ? 7   G   V N2    1 
ATOM   54   N N3    . G   A 1 2  ? 22.42341  10.40084  7.15711   1.000 98.24103  ? 7   G   V N3    1 
ATOM   55   C C4    . G   A 1 2  ? 21.81135  10.19837  8.34525   1.000 104.52537 ? 7   G   V C4    1 
ATOM   56   P P     . C   A 1 3  ? 16.33630  10.94650  6.26383   1.000 127.27811 ? 8   C   V P     1 
ATOM   57   O OP1   . C   A 1 3  ? 15.10044  11.42912  5.59863   1.000 106.42217 ? 8   C   V OP1   1 
ATOM   58   O OP2   . C   A 1 3  ? 16.25425  9.89113   7.30704   1.000 113.76688 ? 8   C   V OP2   1 
ATOM   59   O "O5'" . C   A 1 3  ? 17.34699  10.43807  5.14126   1.000 104.45109 ? 8   C   V "O5'" 1 
ATOM   60   C "C5'" . C   A 1 3  ? 17.80855  11.31732  4.12760   1.000 97.80112  ? 8   C   V "C5'" 1 
ATOM   61   C "C4'" . C   A 1 3  ? 18.92458  10.70293  3.32023   1.000 109.52519 ? 8   C   V "C4'" 1 
ATOM   62   O "O4'" . C   A 1 3  ? 20.10752  10.53381  4.14714   1.000 108.83191 ? 8   C   V "O4'" 1 
ATOM   63   C "C3'" . C   A 1 3  ? 18.67412  9.30793   2.77297   1.000 111.00705 ? 8   C   V "C3'" 1 
ATOM   64   O "O3'" . C   A 1 3  ? 17.84302  9.27725   1.62840   1.000 128.72497 ? 8   C   V "O3'" 1 
ATOM   65   C "C2'" . C   A 1 3  ? 20.08746  8.80769   2.52308   1.000 106.89676 ? 8   C   V "C2'" 1 
ATOM   66   O "O2'" . C   A 1 3  ? 20.63905  9.42291   1.36823   1.000 111.14287 ? 8   C   V "O2'" 1 
ATOM   67   C "C1'" . C   A 1 3  ? 20.80500  9.36824   3.74741   1.000 106.42358 ? 8   C   V "C1'" 1 
ATOM   68   N N1    . C   A 1 3  ? 20.78292  8.39651   4.86227   1.000 101.40395 ? 8   C   V N1    1 
ATOM   69   C C2    . C   A 1 3  ? 21.67764  7.32453   4.83221   1.000 101.70863 ? 8   C   V C2    1 
ATOM   70   O O2    . C   A 1 3  ? 22.46738  7.23099   3.88115   1.000 96.35565  ? 8   C   V O2    1 
ATOM   71   N N3    . C   A 1 3  ? 21.66198  6.42174   5.83983   1.000 101.54306 ? 8   C   V N3    1 
ATOM   72   C C4    . C   A 1 3  ? 20.79463  6.55628   6.84476   1.000 105.62246 ? 8   C   V C4    1 
ATOM   73   N N4    . C   A 1 3  ? 20.81548  5.64298   7.81891   1.000 100.57678 ? 8   C   V N4    1 
ATOM   74   C C5    . C   A 1 3  ? 19.86813  7.63749   6.89761   1.000 102.48784 ? 8   C   V C5    1 
ATOM   75   C C6    . C   A 1 3  ? 19.89474  8.52289   5.89282   1.000 94.21136  ? 8   C   V C6    1 
ATOM   76   P P     . G   A 1 4  ? 16.97633  7.96062   1.31947   1.000 114.11352 ? 9   G   V P     1 
ATOM   77   O OP1   . G   A 1 4  ? 16.07136  8.25599   0.18079   1.000 99.57736  ? 9   G   V OP1   1 
ATOM   78   O OP2   . G   A 1 4  ? 16.41045  7.48533   2.60815   1.000 97.16481  ? 9   G   V OP2   1 
ATOM   79   O "O5'" . G   A 1 4  ? 18.05946  6.89639   0.83478   1.000 106.33095 ? 9   G   V "O5'" 1 
ATOM   80   C "C5'" . G   A 1 4  ? 18.94295  7.19590   -0.23650  1.000 101.22331 ? 9   G   V "C5'" 1 
ATOM   81   C "C4'" . G   A 1 4  ? 19.95400  6.09789   -0.45013  1.000 94.62931  ? 9   G   V "C4'" 1 
ATOM   82   O "O4'" . G   A 1 4  ? 20.89868  6.07134   0.65124   1.000 109.15090 ? 9   G   V "O4'" 1 
ATOM   83   C "C3'" . G   A 1 4  ? 19.40190  4.68368   -0.48636  1.000 97.15166  ? 9   G   V "C3'" 1 
ATOM   84   O "O3'" . G   A 1 4  ? 18.81622  4.33998   -1.72675  1.000 110.19242 ? 9   G   V "O3'" 1 
ATOM   85   C "C2'" . G   A 1 4  ? 20.61999  3.84671   -0.12623  1.000 91.58348  ? 9   G   V "C2'" 1 
ATOM   86   O "O2'" . G   A 1 4  ? 21.49805  3.73275   -1.23624  1.000 93.37818  ? 9   G   V "O2'" 1 
ATOM   87   C "C1'" . G   A 1 4  ? 21.28529  4.73764   0.91945   1.000 97.04898  ? 9   G   V "C1'" 1 
ATOM   88   N N9    . G   A 1 4  ? 20.85207  4.38924   2.28435   1.000 100.49586 ? 9   G   V N9    1 
ATOM   89   C C8    . G   A 1 4  ? 19.98427  5.09120   3.08461   1.000 104.50892 ? 9   G   V C8    1 
ATOM   90   N N7    . G   A 1 4  ? 19.79411  4.53139   4.24875   1.000 93.11095  ? 9   G   V N7    1 
ATOM   91   C C5    . G   A 1 4  ? 20.58338  3.39054   4.21312   1.000 88.74873  ? 9   G   V C5    1 
ATOM   92   C C6    . G   A 1 4  ? 20.78684  2.38439   5.19002   1.000 88.05319  ? 9   G   V C6    1 
ATOM   93   O O6    . G   A 1 4  ? 20.29141  2.29884   6.31952   1.000 86.42646  ? 9   G   V O6    1 
ATOM   94   N N1    . G   A 1 4  ? 21.66705  1.40668   4.73740   1.000 89.26585  ? 9   G   V N1    1 
ATOM   95   C C2    . G   A 1 4  ? 22.27514  1.39544   3.50581   1.000 93.04072  ? 9   G   V C2    1 
ATOM   96   N N2    . G   A 1 4  ? 23.09486  0.36260   3.25747   1.000 93.88799  ? 9   G   V N2    1 
ATOM   97   N N3    . G   A 1 4  ? 22.09399  2.32872   2.58609   1.000 92.91412  ? 9   G   V N3    1 
ATOM   98   C C4    . G   A 1 4  ? 21.24227  3.28756   3.00611   1.000 93.56620  ? 9   G   V C4    1 
ATOM   99   P P     . U   A 1 5  ? 17.60056  3.29375   -1.75908  1.000 103.57442 ? 10  U   V P     1 
ATOM   100  O OP1   . U   A 1 5  ? 17.12111  3.15663   -3.15730  1.000 117.25281 ? 10  U   V OP1   1 
ATOM   101  O OP2   . U   A 1 5  ? 16.65357  3.68192   -0.68231  1.000 91.94065  ? 10  U   V OP2   1 
ATOM   102  O "O5'" . U   A 1 5  ? 18.27846  1.91728   -1.33729  1.000 99.87734  ? 10  U   V "O5'" 1 
ATOM   103  C "C5'" . U   A 1 5  ? 19.37298  1.38572   -2.06855  1.000 87.93288  ? 10  U   V "C5'" 1 
ATOM   104  C "C4'" . U   A 1 5  ? 19.80447  0.05919   -1.50125  1.000 93.04429  ? 10  U   V "C4'" 1 
ATOM   105  O "O4'" . U   A 1 5  ? 20.51135  0.26894   -0.25009  1.000 105.20049 ? 10  U   V "O4'" 1 
ATOM   106  C "C3'" . U   A 1 5  ? 18.67536  -0.88509  -1.12824  1.000 88.70427  ? 10  U   V "C3'" 1 
ATOM   107  O "O3'" . U   A 1 5  ? 18.13902  -1.58471  -2.23527  1.000 93.31425  ? 10  U   V "O3'" 1 
ATOM   108  C "C2'" . U   A 1 5  ? 19.32198  -1.77449  -0.07648  1.000 93.75877  ? 10  U   V "C2'" 1 
ATOM   109  O "O2'" . U   A 1 5  ? 20.17099  -2.73694  -0.68285  1.000 94.94169  ? 10  U   V "O2'" 1 
ATOM   110  C "C1'" . U   A 1 5  ? 20.19335  -0.76133  0.66333   1.000 95.25947  ? 10  U   V "C1'" 1 
ATOM   111  N N1    . U   A 1 5  ? 19.46836  -0.15744  1.80298   1.000 88.67112  ? 10  U   V N1    1 
ATOM   112  C C2    . U   A 1 5  ? 19.62454  -0.71258  3.05748   1.000 90.64791  ? 10  U   V C2    1 
ATOM   113  O O2    . U   A 1 5  ? 20.34530  -1.67100  3.27158   1.000 87.35847  ? 10  U   V O2    1 
ATOM   114  N N3    . U   A 1 5  ? 18.90990  -0.09430  4.05493   1.000 84.17239  ? 10  U   V N3    1 
ATOM   115  C C4    . U   A 1 5  ? 18.06773  0.99281   3.92449   1.000 94.33005  ? 10  U   V C4    1 
ATOM   116  O O4    . U   A 1 5  ? 17.48966  1.43922   4.91648   1.000 100.11461 ? 10  U   V O4    1 
ATOM   117  C C5    . U   A 1 5  ? 17.95490  1.50473   2.59472   1.000 95.76718  ? 10  U   V C5    1 
ATOM   118  C C6    . U   A 1 5  ? 18.64141  0.92256   1.60795   1.000 91.02195  ? 10  U   V C6    1 
ATOM   119  P P     . G   A 1 6  ? 16.60546  -2.06093  -2.20452  1.000 112.37782 ? 11  G   V P     1 
ATOM   120  O OP1   . G   A 1 6  ? 16.20550  -2.44550  -3.58245  1.000 91.61716  ? 11  G   V OP1   1 
ATOM   121  O OP2   . G   A 1 6  ? 15.82662  -1.02681  -1.47471  1.000 97.71901  ? 11  G   V OP2   1 
ATOM   122  O "O5'" . G   A 1 6  ? 16.64584  -3.37416  -1.30515  1.000 91.93781  ? 11  G   V "O5'" 1 
ATOM   123  C "C5'" . G   A 1 6  ? 17.72246  -4.28734  -1.43353  1.000 87.95587  ? 11  G   V "C5'" 1 
ATOM   124  C "C4'" . G   A 1 6  ? 17.73841  -5.31079  -0.32742  1.000 94.27330  ? 11  G   V "C4'" 1 
ATOM   125  O "O4'" . G   A 1 6  ? 18.35898  -4.77922  0.86802   1.000 85.25881  ? 11  G   V "O4'" 1 
ATOM   126  C "C3'" . G   A 1 6  ? 16.39414  -5.81557  0.16612   1.000 95.70305  ? 11  G   V "C3'" 1 
ATOM   127  O "O3'" . G   A 1 6  ? 15.79579  -6.74626  -0.71864  1.000 90.20417  ? 11  G   V "O3'" 1 
ATOM   128  C "C2'" . G   A 1 6  ? 16.74766  -6.41683  1.52448   1.000 97.29034  ? 11  G   V "C2'" 1 
ATOM   129  O "O2'" . G   A 1 6  ? 17.24128  -7.74026  1.37754   1.000 103.73489 ? 11  G   V "O2'" 1 
ATOM   130  C "C1'" . G   A 1 6  ? 17.90107  -5.51121  1.98615   1.000 91.28862  ? 11  G   V "C1'" 1 
ATOM   131  N N9    . G   A 1 6  ? 17.52234  -4.62167  3.10525   1.000 94.33857  ? 11  G   V N9    1 
ATOM   132  C C8    . G   A 1 6  ? 17.76338  -4.96702  4.41326   1.000 88.08401  ? 11  G   V C8    1 
ATOM   133  N N7    . G   A 1 6  ? 17.34807  -4.09061  5.27662   1.000 85.88899  ? 11  G   V N7    1 
ATOM   134  C C5    . G   A 1 6  ? 16.78233  -3.09939  4.49371   1.000 87.51535  ? 11  G   V C5    1 
ATOM   135  C C6    . G   A 1 6  ? 16.16816  -1.89412  4.90714   1.000 90.10511  ? 11  G   V C6    1 
ATOM   136  O O6    . G   A 1 6  ? 16.01375  -1.48063  6.06320   1.000 81.61662  ? 11  G   V O6    1 
ATOM   137  N N1    . G   A 1 6  ? 15.71580  -1.15500  3.82074   1.000 92.90280  ? 11  G   V N1    1 
ATOM   138  C C2    . G   A 1 6  ? 15.84277  -1.53070  2.50494   1.000 95.49148  ? 11  G   V C2    1 
ATOM   139  N N2    . G   A 1 6  ? 15.33721  -0.66572  1.60893   1.000 91.20228  ? 11  G   V N2    1 
ATOM   140  N N3    . G   A 1 6  ? 16.41942  -2.66130  2.10383   1.000 86.77473  ? 11  G   V N3    1 
ATOM   141  C C4    . G   A 1 6  ? 16.86525  -3.40295  3.14530   1.000 87.43188  ? 11  G   V C4    1 
ATOM   142  P P     . G   A 1 7  ? 14.20291  -6.74977  -0.93964  1.000 101.28656 ? 12  G   V P     1 
ATOM   143  O OP1   . G   A 1 7  ? 13.91850  -7.61432  -2.11474  1.000 92.84140  ? 12  G   V OP1   1 
ATOM   144  O OP2   . G   A 1 7  ? 13.72407  -5.34387  -0.92915  1.000 86.84842  ? 12  G   V OP2   1 
ATOM   145  O "O5'" . G   A 1 7  ? 13.62870  -7.48061  0.35573   1.000 94.22505  ? 12  G   V "O5'" 1 
ATOM   146  C "C5'" . G   A 1 7  ? 13.74040  -8.88837  0.50363   1.000 88.44459  ? 12  G   V "C5'" 1 
ATOM   147  C "C4'" . G   A 1 7  ? 13.96070  -9.28762  1.94222   1.000 101.79597 ? 12  G   V "C4'" 1 
ATOM   148  O "O4'" . G   A 1 7  ? 14.93270  -8.40072  2.55863   1.000 97.31149  ? 12  G   V "O4'" 1 
ATOM   149  C "C3'" . G   A 1 7  ? 12.75524  -9.19907  2.86600   1.000 82.73669  ? 12  G   V "C3'" 1 
ATOM   150  O "O3'" . G   A 1 7  ? 11.86154  -10.29234 2.73974   1.000 85.31120  ? 12  G   V "O3'" 1 
ATOM   151  C "C2'" . G   A 1 7  ? 13.40768  -9.09854  4.23790   1.000 88.04737  ? 12  G   V "C2'" 1 
ATOM   152  O "O2'" . G   A 1 7  ? 13.87988  -10.36537 4.66971   1.000 85.62532  ? 12  G   V "O2'" 1 
ATOM   153  C "C1'" . G   A 1 7  ? 14.61647  -8.21860  3.92443   1.000 87.31241  ? 12  G   V "C1'" 1 
ATOM   154  N N9    . G   A 1 7  ? 14.30301  -6.79919  4.16148   1.000 88.79142  ? 12  G   V N9    1 
ATOM   155  C C8    . G   A 1 7  ? 14.07245  -5.80440  3.24394   1.000 85.55424  ? 12  G   V C8    1 
ATOM   156  N N7    . G   A 1 7  ? 13.79521  -4.65759  3.80530   1.000 88.61680  ? 12  G   V N7    1 
ATOM   157  C C5    . G   A 1 7  ? 13.83923  -4.91680  5.17021   1.000 76.19759  ? 12  G   V C5    1 
ATOM   158  C C6    . G   A 1 7  ? 13.62391  -4.06821  6.28733   1.000 84.86760  ? 12  G   V C6    1 
ATOM   159  O O6    . G   A 1 7  ? 13.34040  -2.86298  6.30052   1.000 97.89616  ? 12  G   V O6    1 
ATOM   160  N N1    . G   A 1 7  ? 13.76914  -4.75909  7.48722   1.000 80.43965  ? 12  G   V N1    1 
ATOM   161  C C2    . G   A 1 7  ? 14.07886  -6.09196  7.60588   1.000 83.50048  ? 12  G   V C2    1 
ATOM   162  N N2    . G   A 1 7  ? 14.17588  -6.57941  8.85219   1.000 80.17975  ? 12  G   V N2    1 
ATOM   163  N N3    . G   A 1 7  ? 14.27978  -6.89053  6.57411   1.000 85.26904  ? 12  G   V N3    1 
ATOM   164  C C4    . G   A 1 7  ? 14.14521  -6.23759  5.40137   1.000 75.62888  ? 12  G   V C4    1 
ATOM   165  P P     . U   A 1 8  ? 10.32662  -10.13695 3.19634   1.000 91.42917  ? 13  U   V P     1 
ATOM   166  O OP1   . U   A 1 8  ? 9.67813   -11.46425 3.07696   1.000 86.12739  ? 13  U   V OP1   1 
ATOM   167  O OP2   . U   A 1 8  ? 9.73335   -8.97112  2.49174   1.000 85.12869  ? 13  U   V OP2   1 
ATOM   168  O "O5'" . U   A 1 8  ? 10.41549  -9.77112  4.74384   1.000 90.71533  ? 13  U   V "O5'" 1 
ATOM   169  C "C5'" . U   A 1 8  ? 10.69835  -10.76124 5.71991   1.000 75.48107  ? 13  U   V "C5'" 1 
ATOM   170  C "C4'" . U   A 1 8  ? 10.40726  -10.24901 7.10669   1.000 81.65793  ? 13  U   V "C4'" 1 
ATOM   171  O "O4'" . U   A 1 8  ? 11.28220  -9.13037  7.40495   1.000 91.41473  ? 13  U   V "O4'" 1 
ATOM   172  C "C3'" . U   A 1 8  ? 9.00822   -9.69289  7.32145   1.000 74.87667  ? 13  U   V "C3'" 1 
ATOM   173  O "O3'" . U   A 1 8  ? 8.04689   -10.69858 7.57953   1.000 81.43178  ? 13  U   V "O3'" 1 
ATOM   174  C "C2'" . U   A 1 8  ? 9.20390   -8.72647  8.48029   1.000 79.45939  ? 13  U   V "C2'" 1 
ATOM   175  O "O2'" . U   A 1 8  ? 9.26353   -9.42556  9.71383   1.000 85.75674  ? 13  U   V "O2'" 1 
ATOM   176  C "C1'" . U   A 1 8  ? 10.59221  -8.16769  8.17382   1.000 87.66744  ? 13  U   V "C1'" 1 
ATOM   177  N N1    . U   A 1 8  ? 10.51909  -6.91567  7.39194   1.000 78.61773  ? 13  U   V N1    1 
ATOM   178  C C2    . U   A 1 8  ? 10.16075  -5.76032  8.05542   1.000 81.82358  ? 13  U   V C2    1 
ATOM   179  O O2    . U   A 1 8  ? 9.90435   -5.73086  9.24873   1.000 77.25985  ? 13  U   V O2    1 
ATOM   180  N N3    . U   A 1 8  ? 10.11218  -4.64010  7.26270   1.000 78.40634  ? 13  U   V N3    1 
ATOM   181  C C4    . U   A 1 8  ? 10.38170  -4.56373  5.91133   1.000 74.08234  ? 13  U   V C4    1 
ATOM   182  O O4    . U   A 1 8  ? 10.29753  -3.47837  5.33653   1.000 83.89475  ? 13  U   V O4    1 
ATOM   183  C C5    . U   A 1 8  ? 10.74576  -5.80452  5.30271   1.000 71.32920  ? 13  U   V C5    1 
ATOM   184  C C6    . U   A 1 8  ? 10.80061  -6.91071  6.04721   1.000 79.91370  ? 13  U   V C6    1 
ATOM   185  P P     . C   A 1 9  ? 6.54728   -10.53061 7.03205   1.000 82.41007  ? 14  C   V P     1 
ATOM   186  O OP1   . C   A 1 9  ? 5.89602   -11.86555 7.07506   1.000 76.09078  ? 14  C   V OP1   1 
ATOM   187  O OP2   . C   A 1 9  ? 6.61862   -9.77927  5.75197   1.000 83.60633  ? 14  C   V OP2   1 
ATOM   188  O "O5'" . C   A 1 9  ? 5.84340   -9.59222  8.11190   1.000 82.22398  ? 14  C   V "O5'" 1 
ATOM   189  C "C5'" . C   A 1 9  ? 5.62218   -10.05025 9.43678   1.000 79.83702  ? 14  C   V "C5'" 1 
ATOM   190  C "C4'" . C   A 1 9  ? 5.35029   -8.91420  10.39264  1.000 83.93915  ? 14  C   V "C4'" 1 
ATOM   191  O "O4'" . C   A 1 9  ? 6.48753   -8.01070  10.43811  1.000 81.94790  ? 14  C   V "O4'" 1 
ATOM   192  C "C3'" . C   A 1 9  ? 4.18543   -7.99893  10.05513  1.000 74.75098  ? 14  C   V "C3'" 1 
ATOM   193  O "O3'" . C   A 1 9  ? 2.91604   -8.54407  10.35935  1.000 76.07380  ? 14  C   V "O3'" 1 
ATOM   194  C "C2'" . C   A 1 9  ? 4.52196   -6.75380  10.85725  1.000 77.01572  ? 14  C   V "C2'" 1 
ATOM   195  O "O2'" . C   A 1 9  ? 4.26316   -6.96726  12.23637  1.000 89.34709  ? 14  C   V "O2'" 1 
ATOM   196  C "C1'" . C   A 1 9  ? 6.03435   -6.68884  10.66002  1.000 83.16936  ? 14  C   V "C1'" 1 
ATOM   197  N N1    . C   A 1 9  ? 6.37296   -5.86301  9.48192   1.000 76.06470  ? 14  C   V N1    1 
ATOM   198  C C2    . C   A 1 9  ? 6.37366   -4.47483  9.63678   1.000 83.15017  ? 14  C   V C2    1 
ATOM   199  O O2    . C   A 1 9  ? 6.11250   -3.99624  10.75263  1.000 81.94484  ? 14  C   V O2    1 
ATOM   200  N N3    . C   A 1 9  ? 6.66518   -3.69055  8.57393   1.000 77.58892  ? 14  C   V N3    1 
ATOM   201  C C4    . C   A 1 9  ? 6.94122   -4.25100  7.39583   1.000 73.36713  ? 14  C   V C4    1 
ATOM   202  N N4    . C   A 1 9  ? 7.22654   -3.43980  6.37525   1.000 76.96449  ? 14  C   V N4    1 
ATOM   203  C C5    . C   A 1 9  ? 6.93988   -5.66452  7.21098   1.000 63.60493  ? 14  C   V C5    1 
ATOM   204  C C6    . C   A 1 9  ? 6.64782   -6.42679  8.26996   1.000 68.28090  ? 14  C   V C6    1 
ATOM   205  P P     . C   A 1 10 ? 1.61636   -7.98726  9.59649   1.000 85.65266  ? 15  C   V P     1 
ATOM   206  O OP1   . C   A 1 10 ? 0.44067   -8.74596  10.08733  1.000 97.36432  ? 15  C   V OP1   1 
ATOM   207  O OP2   . C   A 1 10 ? 1.90873   -7.94143  8.14013   1.000 71.47257  ? 15  C   V OP2   1 
ATOM   208  O "O5'" . C   A 1 10 ? 1.48406   -6.48489  10.10933  1.000 84.36852  ? 15  C   V "O5'" 1 
ATOM   209  C "C5'" . C   A 1 10 ? 1.23550   -6.20437  11.47765  1.000 73.87443  ? 15  C   V "C5'" 1 
ATOM   210  C "C4'" . C   A 1 10 ? 0.99465   -4.73358  11.71346  1.000 83.27841  ? 15  C   V "C4'" 1 
ATOM   211  O "O4'" . C   A 1 10 ? 2.22019   -3.98614  11.49920  1.000 86.60382  ? 15  C   V "O4'" 1 
ATOM   212  C "C3'" . C   A 1 10 ? 0.00102   -4.05021  10.78928  1.000 82.79778  ? 15  C   V "C3'" 1 
ATOM   213  O "O3'" . C   A 1 10 ? -1.35238  -4.30819  11.10152  1.000 79.27195  ? 15  C   V "O3'" 1 
ATOM   214  C "C2'" . C   A 1 10 ? 0.38961   -2.58860  10.92784  1.000 79.95316  ? 15  C   V "C2'" 1 
ATOM   215  O "O2'" . C   A 1 10 ? -0.06956  -2.06468  12.16538  1.000 87.59591  ? 15  C   V "O2'" 1 
ATOM   216  C "C1'" . C   A 1 10 ? 1.91013   -2.70257  10.98871  1.000 71.99861  ? 15  C   V "C1'" 1 
ATOM   217  N N1    . C   A 1 10 ? 2.50760   -2.55818  9.64438   1.000 57.20969  ? 15  C   V N1    1 
ATOM   218  C C2    . C   A 1 10 ? 2.55103   -1.27070  9.10600   1.000 67.30739  ? 15  C   V C2    1 
ATOM   219  O O2    . C   A 1 10 ? 2.09962   -0.33599  9.78410   1.000 71.43306  ? 15  C   V O2    1 
ATOM   220  N N3    . C   A 1 10 ? 3.08115   -1.07454  7.87759   1.000 65.73732  ? 15  C   V N3    1 
ATOM   221  C C4    . C   A 1 10 ? 3.55084   -2.11837  7.19418   1.000 68.48021  ? 15  C   V C4    1 
ATOM   222  N N4    . C   A 1 10 ? 4.06689   -1.88376  5.98440   1.000 64.71118  ? 15  C   V N4    1 
ATOM   223  C C5    . C   A 1 10 ? 3.51323   -3.44557  7.72159   1.000 64.29232  ? 15  C   V C5    1 
ATOM   224  C C6    . C   A 1 10 ? 2.98453   -3.62628  8.93994   1.000 62.13102  ? 15  C   V C6    1 
ATOM   225  P P     . G   A 1 11 ? -2.43454  -4.33326  9.91615   1.000 83.64517  ? 16  G   V P     1 
ATOM   226  O OP1   . G   A 1 11 ? -3.72400  -4.79690  10.48845  1.000 93.35829  ? 16  G   V OP1   1 
ATOM   227  O OP2   . G   A 1 11 ? -1.82854  -5.05174  8.76449   1.000 84.14962  ? 16  G   V OP2   1 
ATOM   228  O "O5'" . G   A 1 11 ? -2.57429  -2.80537  9.48823   1.000 68.91753  ? 16  G   V "O5'" 1 
ATOM   229  C "C5'" . G   A 1 11 ? -2.98576  -1.82579  10.42616  1.000 76.91562  ? 16  G   V "C5'" 1 
ATOM   230  C "C4'" . G   A 1 11 ? -2.90550  -0.43410  9.85215   1.000 69.10636  ? 16  G   V "C4'" 1 
ATOM   231  O "O4'" . G   A 1 11 ? -1.53405  -0.10639  9.51576   1.000 73.03753  ? 16  G   V "O4'" 1 
ATOM   232  C "C3'" . G   A 1 11 ? -3.65435  -0.18955  8.55570   1.000 74.46638  ? 16  G   V "C3'" 1 
ATOM   233  O "O3'" . G   A 1 11 ? -5.04984  -0.04017  8.73202   1.000 93.09798  ? 16  G   V "O3'" 1 
ATOM   234  C "C2'" . G   A 1 11 ? -2.96694  1.05771   8.01660   1.000 73.43487  ? 16  G   V "C2'" 1 
ATOM   235  O "O2'" . G   A 1 11 ? -3.42688  2.21967   8.69240   1.000 71.35595  ? 16  G   V "O2'" 1 
ATOM   236  C "C1'" . G   A 1 11 ? -1.51633  0.80034   8.43058   1.000 68.40154  ? 16  G   V "C1'" 1 
ATOM   237  N N9    . G   A 1 11 ? -0.72604  0.22707   7.32676   1.000 57.61057  ? 16  G   V N9    1 
ATOM   238  C C8    . G   A 1 11 ? -0.36676  -1.08134  7.12349   1.000 57.88923  ? 16  G   V C8    1 
ATOM   239  N N7    . G   A 1 11 ? 0.33550   -1.24412  6.03125   1.000 64.23972  ? 16  G   V N7    1 
ATOM   240  C C5    . G   A 1 11 ? 0.44157   0.02779   5.48362   1.000 48.89488  ? 16  G   V C5    1 
ATOM   241  C C6    . G   A 1 11 ? 1.08706   0.48253   4.30316   1.000 61.22795  ? 16  G   V C6    1 
ATOM   242  O O6    . G   A 1 11 ? 1.72050   -0.16988  3.46492   1.000 68.41315  ? 16  G   V O6    1 
ATOM   243  N N1    . G   A 1 11 ? 0.94489   1.85540   4.13550   1.000 56.15549  ? 16  G   V N1    1 
ATOM   244  C C2    . G   A 1 11 ? 0.26627   2.68439   4.99140   1.000 62.98348  ? 16  G   V C2    1 
ATOM   245  N N2    . G   A 1 11 ? 0.23882   3.98089   4.65626   1.000 63.99670  ? 16  G   V N2    1 
ATOM   246  N N3    . G   A 1 11 ? -0.34072  2.27648   6.09320   1.000 58.08164  ? 16  G   V N3    1 
ATOM   247  C C4    . G   A 1 11 ? -0.21077  0.94556   6.27459   1.000 56.51231  ? 16  G   V C4    1 
ATOM   248  P P     . U   A 1 12 ? -6.04641  -0.45886  7.54505   1.000 81.61780  ? 17  U   V P     1 
ATOM   249  O OP1   . U   A 1 12 ? -7.42543  -0.50454  8.09198   1.000 90.13893  ? 17  U   V OP1   1 
ATOM   250  O OP2   . U   A 1 12 ? -5.47826  -1.66431  6.88875   1.000 88.73001  ? 17  U   V OP2   1 
ATOM   251  O "O5'" . U   A 1 12 ? -5.95453  0.75926   6.52300   1.000 67.47293  ? 17  U   V "O5'" 1 
ATOM   252  C "C5'" . U   A 1 12 ? -6.23023  2.08688   6.95433   1.000 90.10132  ? 17  U   V "C5'" 1 
ATOM   253  C "C4'" . U   A 1 12 ? -5.72927  3.11515   5.97069   1.000 89.13340  ? 17  U   V "C4'" 1 
ATOM   254  O "O4'" . U   A 1 12 ? -4.40444  2.72923   5.50513   1.000 80.81884  ? 17  U   V "O4'" 1 
ATOM   255  C "C3'" . U   A 1 12 ? -6.58422  3.30276   4.71559   1.000 83.94982  ? 17  U   V "C3'" 1 
ATOM   256  O "O3'" . U   A 1 12 ? -6.53488  4.67384   4.31998   1.000 110.02351 ? 17  U   V "O3'" 1 
ATOM   257  C "C2'" . U   A 1 12 ? -5.84760  2.45703   3.68361   1.000 77.98788  ? 17  U   V "C2'" 1 
ATOM   258  O "O2'" . U   A 1 12 ? -6.07401  2.82935   2.34115   1.000 98.29741  ? 17  U   V "O2'" 1 
ATOM   259  C "C1'" . U   A 1 12 ? -4.39696  2.68247   4.09242   1.000 77.49248  ? 17  U   V "C1'" 1 
ATOM   260  N N1    . U   A 1 12 ? -3.48490  1.61935   3.64732   1.000 57.90103  ? 17  U   V N1    1 
ATOM   261  C C2    . U   A 1 12 ? -2.57083  1.94026   2.66022   1.000 69.43249  ? 17  U   V C2    1 
ATOM   262  O O2    . U   A 1 12 ? -2.48358  3.05636   2.17246   1.000 61.55183  ? 17  U   V O2    1 
ATOM   263  N N3    . U   A 1 12 ? -1.75551  0.90805   2.26781   1.000 57.99607  ? 17  U   V N3    1 
ATOM   264  C C4    . U   A 1 12 ? -1.76748  -0.38252  2.75337   1.000 61.25242  ? 17  U   V C4    1 
ATOM   265  O O4    . U   A 1 12 ? -0.97046  -1.20329  2.30077   1.000 74.10053  ? 17  U   V O4    1 
ATOM   266  C C5    . U   A 1 12 ? -2.74365  -0.63476  3.76835   1.000 61.16322  ? 17  U   V C5    1 
ATOM   267  C C6    . U   A 1 12 ? -3.55289  0.35067   4.16779   1.000 65.35321  ? 17  U   V C6    1 
ATOM   268  P P     . U   A 1 13 ? -7.76837  5.35809   3.54660   1.000 124.18630 ? 18  U   V P     1 
ATOM   269  O OP1   . U   A 1 13 ? -7.27914  5.78683   2.21177   1.000 113.17039 ? 18  U   V OP1   1 
ATOM   270  O OP2   . U   A 1 13 ? -8.38425  6.35592   4.45780   1.000 108.77183 ? 18  U   V OP2   1 
ATOM   271  O "O5'" . U   A 1 13 ? -8.80671  4.17036   3.32092   1.000 135.83341 ? 18  U   V "O5'" 1 
ATOM   272  C "C5'" . U   A 1 13 ? -8.87024  3.48364   2.07810   1.000 129.77656 ? 18  U   V "C5'" 1 
ATOM   273  C "C4'" . U   A 1 13 ? -10.00134 2.48655   2.05216   1.000 132.39112 ? 18  U   V "C4'" 1 
ATOM   274  O "O4'" . U   A 1 13 ? -9.78556  1.47819   3.07432   1.000 126.68617 ? 18  U   V "O4'" 1 
ATOM   275  C "C3'" . U   A 1 13 ? -11.38292 3.04321   2.36495   1.000 147.78732 ? 18  U   V "C3'" 1 
ATOM   276  O "O3'" . U   A 1 13 ? -12.00296 3.65598   1.24842   1.000 145.87799 ? 18  U   V "O3'" 1 
ATOM   277  C "C2'" . U   A 1 13 ? -12.12624 1.82050   2.88372   1.000 149.13278 ? 18  U   V "C2'" 1 
ATOM   278  O "O2'" . U   A 1 13 ? -12.53656 0.98556   1.81065   1.000 141.30453 ? 18  U   V "O2'" 1 
ATOM   279  C "C1'" . U   A 1 13 ? -11.01810 1.10636   3.65485   1.000 151.62307 ? 18  U   V "C1'" 1 
ATOM   280  N N1    . U   A 1 13 ? -10.99646 1.50985   5.07733   1.000 162.62793 ? 18  U   V N1    1 
ATOM   281  C C2    . U   A 1 13 ? -11.96901 0.99603   5.91106   1.000 169.86344 ? 18  U   V C2    1 
ATOM   282  O O2    . U   A 1 13 ? -12.83469 0.22949   5.52256   1.000 157.96885 ? 18  U   V O2    1 
ATOM   283  N N3    . U   A 1 13 ? -11.88730 1.41682   7.21695   1.000 176.65829 ? 18  U   V N3    1 
ATOM   284  C C4    . U   A 1 13 ? -10.95270 2.27881   7.75881   1.000 166.15739 ? 18  U   V C4    1 
ATOM   285  O O4    . U   A 1 13 ? -11.00888 2.56320   8.95712   1.000 163.41723 ? 18  U   V O4    1 
ATOM   286  C C5    . U   A 1 13 ? -9.98117  2.76677   6.82833   1.000 154.20549 ? 18  U   V C5    1 
ATOM   287  C C6    . U   A 1 13 ? -10.03732 2.37423   5.55143   1.000 149.60949 ? 18  U   V C6    1 
ATOM   288  P P     . C   A 1 14 ? -13.22287 4.67987   1.46407   1.000 147.83247 ? 19  C   V P     1 
ATOM   289  O OP1   . C   A 1 14 ? -14.13624 4.08720   2.47528   1.000 135.21710 ? 19  C   V OP1   1 
ATOM   290  O OP2   . C   A 1 14 ? -13.74826 5.06319   0.12938   1.000 148.05791 ? 19  C   V OP2   1 
ATOM   291  O "O5'" . C   A 1 14 ? -12.54377 5.97034   2.10492   1.000 136.05467 ? 19  C   V "O5'" 1 
ATOM   292  C "C5'" . C   A 1 14 ? -13.13776 7.25435   1.94897   1.000 122.76691 ? 19  C   V "C5'" 1 
ATOM   293  C "C4'" . C   A 1 14 ? -12.97951 8.10365   3.18571   1.000 127.72161 ? 19  C   V "C4'" 1 
ATOM   294  O "O4'" . C   A 1 14 ? -13.79158 7.55129   4.25765   1.000 143.63240 ? 19  C   V "O4'" 1 
ATOM   295  C "C3'" . C   A 1 14 ? -11.55839 8.20601   3.73349   1.000 126.96777 ? 19  C   V "C3'" 1 
ATOM   296  O "O3'" . C   A 1 14 ? -11.35566 9.51018   4.27146   1.000 125.49029 ? 19  C   V "O3'" 1 
ATOM   297  C "C2'" . C   A 1 14 ? -11.55393 7.17923   4.86204   1.000 137.15325 ? 19  C   V "C2'" 1 
ATOM   298  O "O2'" . C   A 1 14 ? -10.60293 7.42724   5.87630   1.000 131.54941 ? 19  C   V "O2'" 1 
ATOM   299  C "C1'" . C   A 1 14 ? -12.98146 7.29161   5.38786   1.000 142.71731 ? 19  C   V "C1'" 1 
ATOM   300  N N1    . C   A 1 14 ? -13.47797 6.06766   6.03460   1.000 153.72135 ? 19  C   V N1    1 
ATOM   301  C C2    . C   A 1 14 ? -13.44359 5.96956   7.42844   1.000 157.63305 ? 19  C   V C2    1 
ATOM   302  O O2    . C   A 1 14 ? -12.98733 6.91740   8.08671   1.000 147.37077 ? 19  C   V O2    1 
ATOM   303  N N3    . C   A 1 14 ? -13.90285 4.84186   8.02170   1.000 164.75427 ? 19  C   V N3    1 
ATOM   304  C C4    . C   A 1 14 ? -14.38534 3.84177   7.28012   1.000 166.77730 ? 19  C   V C4    1 
ATOM   305  N N4    . C   A 1 14 ? -14.82875 2.74964   7.90790   1.000 171.87784 ? 19  C   V N4    1 
ATOM   306  C C5    . C   A 1 14 ? -14.43476 3.91724   5.85825   1.000 162.56288 ? 19  C   V C5    1 
ATOM   307  C C6    . C   A 1 14 ? -13.97637 5.03777   5.28563   1.000 157.50026 ? 19  C   V C6    1 
ATOM   308  P P     . A   A 1 15 ? -10.70247 10.65681  3.35754   1.000 138.34125 ? 20  A   V P     1 
ATOM   309  O OP1   . A   A 1 15 ? -10.17395 11.71357  4.25473   1.000 131.61134 ? 20  A   V OP1   1 
ATOM   310  O OP2   . A   A 1 15 ? -11.66265 11.00464  2.28099   1.000 151.71058 ? 20  A   V OP2   1 
ATOM   311  O "O5'" . A   A 1 15 ? -9.45408  9.93734   2.68479   1.000 111.78535 ? 20  A   V "O5'" 1 
ATOM   312  C "C5'" . A   A 1 15 ? -8.33238  9.56727   3.46870   1.000 99.06528  ? 20  A   V "C5'" 1 
ATOM   313  C "C4'" . A   A 1 15 ? -7.24907  10.61250  3.40891   1.000 80.69792  ? 20  A   V "C4'" 1 
ATOM   314  O "O4'" . A   A 1 15 ? -6.15616  10.21918  4.28022   1.000 87.39001  ? 20  A   V "O4'" 1 
ATOM   315  C "C3'" . A   A 1 15 ? -6.59357  10.80176  2.04897   1.000 93.97845  ? 20  A   V "C3'" 1 
ATOM   316  O "O3'" . A   A 1 15 ? -7.31990  11.66431  1.19345   1.000 105.93557 ? 20  A   V "O3'" 1 
ATOM   317  C "C2'" . A   A 1 15 ? -5.21061  11.31590  2.41539   1.000 81.62323  ? 20  A   V "C2'" 1 
ATOM   318  O "O2'" . A   A 1 15 ? -5.26721  12.68115  2.79993   1.000 79.04500  ? 20  A   V "O2'" 1 
ATOM   319  C "C1'" . A   A 1 15 ? -4.91997  10.48468  3.65675   1.000 72.14686  ? 20  A   V "C1'" 1 
ATOM   320  N N9    . A   A 1 15 ? -4.32735  9.18681   3.29756   1.000 77.30508  ? 20  A   V N9    1 
ATOM   321  C C8    . A   A 1 15 ? -4.95995  7.96840   3.31569   1.000 73.47257  ? 20  A   V C8    1 
ATOM   322  N N7    . A   A 1 15 ? -4.19589  6.97365   2.94194   1.000 71.82586  ? 20  A   V N7    1 
ATOM   323  C C5    . A   A 1 15 ? -2.98230  7.58278   2.65614   1.000 62.75094  ? 20  A   V C5    1 
ATOM   324  C C6    . A   A 1 15 ? -1.75703  7.06595   2.20818   1.000 69.17713  ? 20  A   V C6    1 
ATOM   325  N N6    . A   A 1 15 ? -1.55067  5.76972   1.96252   1.000 81.30877  ? 20  A   V N6    1 
ATOM   326  N N1    . A   A 1 15 ? -0.74244  7.93822   2.02052   1.000 75.41425  ? 20  A   V N1    1 
ATOM   327  C C2    . A   A 1 15 ? -0.95655  9.23883   2.26913   1.000 72.13310  ? 20  A   V C2    1 
ATOM   328  N N3    . A   A 1 15 ? -2.06331  9.84488   2.69400   1.000 60.72727  ? 20  A   V N3    1 
ATOM   329  C C4    . A   A 1 15 ? -3.04767  8.94801   2.86925   1.000 64.28584  ? 20  A   V C4    1 
ATOM   330  P P     . A   A 1 16 ? -7.34821  11.38487  -0.38689  1.000 92.23419  ? 21  A   V P     1 
ATOM   331  O OP1   . A   A 1 16 ? -8.27122  12.37408  -0.99687  1.000 102.40927 ? 21  A   V OP1   1 
ATOM   332  O OP2   . A   A 1 16 ? -7.58535  9.93044   -0.58652  1.000 79.84194  ? 21  A   V OP2   1 
ATOM   333  O "O5'" . A   A 1 16 ? -5.86668  11.73033  -0.86283  1.000 73.48847  ? 21  A   V "O5'" 1 
ATOM   334  C "C5'" . A   A 1 16 ? -5.31182  13.01394  -0.61817  1.000 75.12533  ? 21  A   V "C5'" 1 
ATOM   335  C "C4'" . A   A 1 16 ? -3.89555  13.12634  -1.12792  1.000 81.57772  ? 21  A   V "C4'" 1 
ATOM   336  O "O4'" . A   A 1 16 ? -3.01249  12.28372  -0.34433  1.000 79.31783  ? 21  A   V "O4'" 1 
ATOM   337  C "C3'" . A   A 1 16 ? -3.65391  12.67288  -2.55739  1.000 87.53181  ? 21  A   V "C3'" 1 
ATOM   338  O "O3'" . A   A 1 16 ? -4.04108  13.63360  -3.51951  1.000 85.10290  ? 21  A   V "O3'" 1 
ATOM   339  C "C2'" . A   A 1 16 ? -2.16137  12.37653  -2.55873  1.000 81.85573  ? 21  A   V "C2'" 1 
ATOM   340  O "O2'" . A   A 1 16 ? -1.41029  13.57994  -2.63024  1.000 77.30509  ? 21  A   V "O2'" 1 
ATOM   341  C "C1'" . A   A 1 16 ? -1.97943  11.77760  -1.16536  1.000 69.11402  ? 21  A   V "C1'" 1 
ATOM   342  N N9    . A   A 1 16 ? -2.07857  10.30807  -1.18775  1.000 63.78706  ? 21  A   V N9    1 
ATOM   343  C C8    . A   A 1 16 ? -3.11782  9.52517   -0.75429  1.000 68.92889  ? 21  A   V C8    1 
ATOM   344  N N7    . A   A 1 16 ? -2.90638  8.23876   -0.91083  1.000 82.07419  ? 21  A   V N7    1 
ATOM   345  C C5    . A   A 1 16 ? -1.64519  8.17229   -1.48834  1.000 63.83356  ? 21  A   V C5    1 
ATOM   346  C C6    . A   A 1 16 ? -0.84271  7.09446   -1.90543  1.000 70.22314  ? 21  A   V C6    1 
ATOM   347  N N6    . A   A 1 16 ? -1.20200  5.81124   -1.80283  1.000 71.66512  ? 21  A   V N6    1 
ATOM   348  N N1    . A   A 1 16 ? 0.36310   7.38429   -2.44323  1.000 70.19175  ? 21  A   V N1    1 
ATOM   349  C C2    . A   A 1 16 ? 0.73041   8.66763   -2.55044  1.000 65.86969  ? 21  A   V C2    1 
ATOM   350  N N3    . A   A 1 16 ? 0.06503   9.76417   -2.19561  1.000 68.36391  ? 21  A   V N3    1 
ATOM   351  C C4    . A   A 1 16 ? -1.12682  9.44211   -1.66502  1.000 68.55977  ? 21  A   V C4    1 
ATOM   352  P P     . C   A 1 17 ? -4.82560  13.16569  -4.83896  1.000 91.62645  ? 22  C   V P     1 
ATOM   353  O OP1   . C   A 1 17 ? -4.88026  14.33482  -5.75318  1.000 69.23434  ? 22  C   V OP1   1 
ATOM   354  O OP2   . C   A 1 17 ? -6.07901  12.47450  -4.42903  1.000 70.43239  ? 22  C   V OP2   1 
ATOM   355  O "O5'" . C   A 1 17 ? -3.87268  12.06100  -5.48111  1.000 79.19496  ? 22  C   V "O5'" 1 
ATOM   356  C "C5'" . C   A 1 17 ? -2.63674  12.41374  -6.08630  1.000 71.62841  ? 22  C   V "C5'" 1 
ATOM   357  C "C4'" . C   A 1 17 ? -1.86798  11.18676  -6.50794  1.000 74.06442  ? 22  C   V "C4'" 1 
ATOM   358  O "O4'" . C   A 1 17 ? -1.61461  10.35824  -5.34756  1.000 87.90803  ? 22  C   V "O4'" 1 
ATOM   359  C "C3'" . C   A 1 17 ? -2.58207  10.26152  -7.48161  1.000 74.23673  ? 22  C   V "C3'" 1 
ATOM   360  O "O3'" . C   A 1 17 ? -2.44494  10.68070  -8.82694  1.000 79.03669  ? 22  C   V "O3'" 1 
ATOM   361  C "C2'" . C   A 1 17 ? -1.94492  8.90499   -7.20159  1.000 72.19302  ? 22  C   V "C2'" 1 
ATOM   362  O "O2'" . C   A 1 17 ? -0.70636  8.77011   -7.88185  1.000 88.84052  ? 22  C   V "O2'" 1 
ATOM   363  C "C1'" . C   A 1 17 ? -1.66765  8.99469   -5.70169  1.000 69.63707  ? 22  C   V "C1'" 1 
ATOM   364  N N1    . C   A 1 17 ? -2.72036  8.33874   -4.90039  1.000 59.82861  ? 22  C   V N1    1 
ATOM   365  C C2    . C   A 1 17 ? -2.65409  6.95697   -4.77288  1.000 68.13054  ? 22  C   V C2    1 
ATOM   366  O O2    . C   A 1 17 ? -1.72495  6.36499   -5.33879  1.000 65.62187  ? 22  C   V O2    1 
ATOM   367  N N3    . C   A 1 17 ? -3.59461  6.31283   -4.04677  1.000 73.27656  ? 22  C   V N3    1 
ATOM   368  C C4    . C   A 1 17 ? -4.57173  7.01081   -3.46464  1.000 75.14991  ? 22  C   V C4    1 
ATOM   369  N N4    . C   A 1 17 ? -5.48252  6.33975   -2.75721  1.000 89.27236  ? 22  C   V N4    1 
ATOM   370  C C5    . C   A 1 17 ? -4.66189  8.42865   -3.57901  1.000 62.54010  ? 22  C   V C5    1 
ATOM   371  C C6    . C   A 1 17 ? -3.72121  9.04744   -4.30142  1.000 66.83092  ? 22  C   V C6    1 
ATOM   372  P P     . U   A 1 18 ? -3.28419  9.95823   -9.98924  1.000 90.12983  ? 23  U   V P     1 
ATOM   373  O OP1   . U   A 1 18 ? -3.18569  8.48504   -9.80319  1.000 76.92034  ? 23  U   V OP1   1 
ATOM   374  O OP2   . U   A 1 18 ? -2.87688  10.57491  -11.27634 1.000 88.29256  ? 23  U   V OP2   1 
ATOM   375  O "O5'" . U   A 1 18 ? -4.78442  10.40824  -9.71134  1.000 82.65704  ? 23  U   V "O5'" 1 
ATOM   376  C "C5'" . U   A 1 18 ? -5.16596  11.77405  -9.83347  1.000 77.23135  ? 23  U   V "C5'" 1 
ATOM   377  C "C4'" . U   A 1 18 ? -6.55708  11.90727  -10.40033 1.000 92.60367  ? 23  U   V "C4'" 1 
ATOM   378  O "O4'" . U   A 1 18 ? -6.54355  11.50043  -11.79602 1.000 97.90976  ? 23  U   V "O4'" 1 
ATOM   379  C "C3'" . U   A 1 18 ? -7.61371  11.04226  -9.72207  1.000 77.25098  ? 23  U   V "C3'" 1 
ATOM   380  O "O3'" . U   A 1 18 ? -8.87466  11.70130  -9.80059  1.000 87.87642  ? 23  U   V "O3'" 1 
ATOM   381  C "C2'" . U   A 1 18 ? -7.64078  9.80303   -10.60640 1.000 82.62062  ? 23  U   V "C2'" 1 
ATOM   382  O "O2'" . U   A 1 18 ? -8.83635  9.05583   -10.53196 1.000 83.22511  ? 23  U   V "O2'" 1 
ATOM   383  C "C1'" . U   A 1 18 ? -7.43706  10.41912  -11.98667 1.000 80.02943  ? 23  U   V "C1'" 1 
ATOM   384  N N1    . U   A 1 18 ? -6.84046  9.50684   -12.96968 1.000 88.39737  ? 23  U   V N1    1 
ATOM   385  C C2    . U   A 1 18 ? -7.59350  9.18254   -14.07652 1.000 90.69017  ? 23  U   V C2    1 
ATOM   386  O O2    . U   A 1 18 ? -8.71638  9.61605   -14.25802 1.000 106.34210 ? 23  U   V O2    1 
ATOM   387  N N3    . U   A 1 18 ? -6.98347  8.33109   -14.96057 1.000 91.08191  ? 23  U   V N3    1 
ATOM   388  C C4    . U   A 1 18 ? -5.72076  7.78660   -14.84868 1.000 91.64798  ? 23  U   V C4    1 
ATOM   389  O O4    . U   A 1 18 ? -5.30560  7.03198   -15.72874 1.000 104.45301 ? 23  U   V O4    1 
ATOM   390  C C5    . U   A 1 18 ? -5.00406  8.17450   -13.67386 1.000 107.75889 ? 23  U   V C5    1 
ATOM   391  C C6    . U   A 1 18 ? -5.57509  9.00315   -12.79545 1.000 104.33576 ? 23  U   V C6    1 
ATOM   392  P P     . C   A 1 19 ? -9.81987  11.77619  -8.50660  1.000 96.61066  ? 24  C   V P     1 
ATOM   393  O OP1   . C   A 1 19 ? -11.13808 12.31682  -8.92677  1.000 93.32758  ? 24  C   V OP1   1 
ATOM   394  O OP2   . C   A 1 19 ? -9.05363  12.45978  -7.43104  1.000 81.63027  ? 24  C   V OP2   1 
ATOM   395  O "O5'" . C   A 1 19 ? -10.01276 10.25091  -8.09016  1.000 67.74515  ? 24  C   V "O5'" 1 
ATOM   396  C "C5'" . C   A 1 19 ? -11.23961 9.56433   -8.31940  1.000 78.01135  ? 24  C   V "C5'" 1 
ATOM   397  C "C4'" . C   A 1 19 ? -11.46893 8.53024   -7.24801  1.000 82.11437  ? 24  C   V "C4'" 1 
ATOM   398  O "O4'" . C   A 1 19 ? -12.63376 7.71994   -7.57366  1.000 91.67516  ? 24  C   V "O4'" 1 
ATOM   399  C "C3'" . C   A 1 19 ? -10.30904 7.55480   -7.04558  1.000 103.84474 ? 24  C   V "C3'" 1 
ATOM   400  O "O3'" . C   A 1 19 ? -10.14381 7.28214   -5.65715  1.000 100.13656 ? 24  C   V "O3'" 1 
ATOM   401  C "C2'" . C   A 1 19 ? -10.78940 6.29548   -7.76122  1.000 112.44544 ? 24  C   V "C2'" 1 
ATOM   402  O "O2'" . C   A 1 19 ? -10.22331 5.09355   -7.28237  1.000 123.74910 ? 24  C   V "O2'" 1 
ATOM   403  C "C1'" . C   A 1 19 ? -12.28758 6.35218   -7.50042  1.000 97.61539  ? 24  C   V "C1'" 1 
ATOM   404  N N1    . C   A 1 19 ? -13.09226 5.59598   -8.46888  1.000 99.22115  ? 24  C   V N1    1 
ATOM   405  C C2    . C   A 1 19 ? -13.62529 4.37544   -8.05018  1.000 119.30237 ? 24  C   V C2    1 
ATOM   406  O O2    . C   A 1 19 ? -13.40066 3.99672   -6.89189  1.000 123.85965 ? 24  C   V O2    1 
ATOM   407  N N3    . C   A 1 19 ? -14.36701 3.64335   -8.90900  1.000 124.81858 ? 24  C   V N3    1 
ATOM   408  C C4    . C   A 1 19 ? -14.58079 4.09254   -10.14403 1.000 120.68563 ? 24  C   V C4    1 
ATOM   409  N N4    . C   A 1 19 ? -15.32141 3.33787   -10.95843 1.000 126.20478 ? 24  C   V N4    1 
ATOM   410  C C5    . C   A 1 19 ? -14.04613 5.33440   -10.59773 1.000 126.84095 ? 24  C   V C5    1 
ATOM   411  C C6    . C   A 1 19 ? -13.31043 6.05091   -9.73698  1.000 112.17806 ? 24  C   V C6    1 
ATOM   412  P P     . G   A 1 20 ? -8.81245  6.54628   -5.14223  1.000 100.18509 ? 25  G   V P     1 
ATOM   413  O OP1   . G   A 1 20 ? -9.17960  5.13199   -4.87247  1.000 74.75523  ? 25  G   V OP1   1 
ATOM   414  O OP2   . G   A 1 20 ? -8.19527  7.38897   -4.08459  1.000 87.46759  ? 25  G   V OP2   1 
ATOM   415  O "O5'" . G   A 1 20 ? -7.84744  6.53788   -6.41193  1.000 79.88601  ? 25  G   V "O5'" 1 
ATOM   416  C "C5'" . G   A 1 20 ? -6.98391  7.62993   -6.69687  1.000 69.44494  ? 25  G   V "C5'" 1 
ATOM   417  C "C4'" . G   A 1 20 ? -5.89326  7.22738   -7.65992  1.000 72.51356  ? 25  G   V "C4'" 1 
ATOM   418  O "O4'" . G   A 1 20 ? -4.78456  6.63671   -6.93464  1.000 82.00570  ? 25  G   V "O4'" 1 
ATOM   419  C "C3'" . G   A 1 20 ? -6.27458  6.16633   -8.67921  1.000 89.57412  ? 25  G   V "C3'" 1 
ATOM   420  O "O3'" . G   A 1 20 ? -6.97069  6.69346   -9.79191  1.000 82.74456  ? 25  G   V "O3'" 1 
ATOM   421  C "C2'" . G   A 1 20 ? -4.93265  5.54449   -9.03944  1.000 81.19660  ? 25  G   V "C2'" 1 
ATOM   422  O "O2'" . G   A 1 20 ? -4.23345  6.36858   -9.96064  1.000 92.31335  ? 25  G   V "O2'" 1 
ATOM   423  C "C1'" . G   A 1 20 ? -4.20616  5.59660   -7.69654  1.000 67.81193  ? 25  G   V "C1'" 1 
ATOM   424  N N9    . G   A 1 20 ? -4.32861  4.33722   -6.93588  1.000 60.69375  ? 25  G   V N9    1 
ATOM   425  C C8    . G   A 1 20 ? -5.02771  4.16509   -5.76546  1.000 75.56863  ? 25  G   V C8    1 
ATOM   426  N N7    . G   A 1 20 ? -4.96062  2.95252   -5.29034  1.000 71.89442  ? 25  G   V N7    1 
ATOM   427  C C5    . G   A 1 20 ? -4.16429  2.27747   -6.20029  1.000 65.12872  ? 25  G   V C5    1 
ATOM   428  C C6    . G   A 1 20 ? -3.74504  0.92456   -6.20243  1.000 69.25015  ? 25  G   V C6    1 
ATOM   429  O O6    . G   A 1 20 ? -4.00849  0.04172   -5.37767  1.000 72.85710  ? 25  G   V O6    1 
ATOM   430  N N1    . G   A 1 20 ? -2.94349  0.63937   -7.30279  1.000 66.17139  ? 25  G   V N1    1 
ATOM   431  C C2    . G   A 1 20 ? -2.59242  1.54481   -8.27442  1.000 71.08667  ? 25  G   V C2    1 
ATOM   432  N N2    . G   A 1 20 ? -1.81020  1.07047   -9.25452  1.000 68.84752  ? 25  G   V N2    1 
ATOM   433  N N3    . G   A 1 20 ? -2.97571  2.81559   -8.28452  1.000 68.16074  ? 25  G   V N3    1 
ATOM   434  C C4    . G   A 1 20 ? -3.75818  3.11440   -7.22256  1.000 67.90498  ? 25  G   V C4    1 
ATOM   435  P P     . U   A 1 21 ? -7.89218  5.72641   -10.67958 1.000 84.14845  ? 26  U   V P     1 
ATOM   436  O OP1   . U   A 1 21 ? -8.40930  6.52593   -11.81969 1.000 88.83306  ? 26  U   V OP1   1 
ATOM   437  O OP2   . U   A 1 21 ? -8.83812  5.02301   -9.77754  1.000 86.90973  ? 26  U   V OP2   1 
ATOM   438  O "O5'" . U   A 1 21 ? -6.87558  4.63468   -11.24075 1.000 77.90142  ? 26  U   V "O5'" 1 
ATOM   439  C "C5'" . U   A 1 21 ? -5.98508  4.95163   -12.29983 1.000 87.12265  ? 26  U   V "C5'" 1 
ATOM   440  C "C4'" . U   A 1 21 ? -5.33403  3.71733   -12.87099 1.000 80.42905  ? 26  U   V "C4'" 1 
ATOM   441  O "O4'" . U   A 1 21 ? -4.48673  3.10148   -11.86848 1.000 75.38593  ? 26  U   V "O4'" 1 
ATOM   442  C "C3'" . U   A 1 21 ? -6.27349  2.60153   -13.30202 1.000 90.46597  ? 26  U   V "C3'" 1 
ATOM   443  O "O3'" . U   A 1 21 ? -6.82672  2.81777   -14.58939 1.000 107.53710 ? 26  U   V "O3'" 1 
ATOM   444  C "C2'" . U   A 1 21 ? -5.38453  1.36736   -13.22096 1.000 88.20360  ? 26  U   V "C2'" 1 
ATOM   445  O "O2'" . U   A 1 21 ? -4.54236  1.28007   -14.36110 1.000 94.51876  ? 26  U   V "O2'" 1 
ATOM   446  C "C1'" . U   A 1 21 ? -4.51665  1.69790   -12.00611 1.000 73.73441  ? 26  U   V "C1'" 1 
ATOM   447  N N1    . U   A 1 21 ? -5.06077  1.12461   -10.75736 1.000 60.53293  ? 26  U   V N1    1 
ATOM   448  C C2    . U   A 1 21 ? -4.79354  -0.20039  -10.47767 1.000 76.43518  ? 26  U   V C2    1 
ATOM   449  O O2    . U   A 1 21 ? -4.13693  -0.91683  -11.21190 1.000 88.04875  ? 26  U   V O2    1 
ATOM   450  N N3    . U   A 1 21 ? -5.32829  -0.66015  -9.30344  1.000 65.63254  ? 26  U   V N3    1 
ATOM   451  C C4    . U   A 1 21 ? -6.08123  0.05897   -8.40169  1.000 70.42031  ? 26  U   V C4    1 
ATOM   452  O O4    . U   A 1 21 ? -6.49346  -0.49491  -7.38345  1.000 77.63979  ? 26  U   V O4    1 
ATOM   453  C C5    . U   A 1 21 ? -6.30961  1.42234   -8.76381  1.000 61.05896  ? 26  U   V C5    1 
ATOM   454  C C6    . U   A 1 21 ? -5.80378  1.89886   -9.90204  1.000 62.59287  ? 26  U   V C6    1 
ATOM   455  P P     . U   A 1 22 ? -8.19372  2.08958   -15.02212 1.000 101.07468 ? 27  U   V P     1 
ATOM   456  O OP1   . U   A 1 22 ? -8.44766  2.44367   -16.44220 1.000 94.55610  ? 27  U   V OP1   1 
ATOM   457  O OP2   . U   A 1 22 ? -9.23962  2.36851   -14.00396 1.000 101.90529 ? 27  U   V OP2   1 
ATOM   458  O "O5'" . U   A 1 22 ? -7.84293  0.53726   -14.94511 1.000 81.00791  ? 27  U   V "O5'" 1 
ATOM   459  C "C5'" . U   A 1 22 ? -6.89338  -0.03870  -15.82921 1.000 78.25662  ? 27  U   V "C5'" 1 
ATOM   460  C "C4'" . U   A 1 22 ? -6.63183  -1.48754  -15.50035 1.000 85.33724  ? 27  U   V "C4'" 1 
ATOM   461  O "O4'" . U   A 1 22 ? -6.01916  -1.59462  -14.19038 1.000 87.88835  ? 27  U   V "O4'" 1 
ATOM   462  C "C3'" . U   A 1 22 ? -7.85185  -2.39177  -15.40833 1.000 88.76053  ? 27  U   V "C3'" 1 
ATOM   463  O "O3'" . U   A 1 22 ? -8.32290  -2.81950  -16.67426 1.000 102.18692 ? 27  U   V "O3'" 1 
ATOM   464  C "C2'" . U   A 1 22 ? -7.35017  -3.53514  -14.53784 1.000 92.66079  ? 27  U   V "C2'" 1 
ATOM   465  O "O2'" . U   A 1 22 ? -6.56886  -4.43741  -15.30746 1.000 87.96413  ? 27  U   V "O2'" 1 
ATOM   466  C "C1'" . U   A 1 22 ? -6.42383  -2.79676  -13.56881 1.000 80.62907  ? 27  U   V "C1'" 1 
ATOM   467  N N1    . U   A 1 22 ? -7.08981  -2.47479  -12.28594 1.000 68.30064  ? 27  U   V N1    1 
ATOM   468  C C2    . U   A 1 22 ? -7.10205  -3.46360  -11.32180 1.000 79.30673  ? 27  U   V C2    1 
ATOM   469  O O2    . U   A 1 22 ? -6.59925  -4.56008  -11.49919 1.000 83.48717  ? 27  U   V O2    1 
ATOM   470  N N3    . U   A 1 22 ? -7.72283  -3.12677  -10.14442 1.000 69.02749  ? 27  U   V N3    1 
ATOM   471  C C4    . U   A 1 22 ? -8.32041  -1.92161  -9.84158  1.000 76.42507  ? 27  U   V C4    1 
ATOM   472  O O4    . U   A 1 22 ? -8.84018  -1.76943  -8.73585  1.000 79.37594  ? 27  U   V O4    1 
ATOM   473  C C5    . U   A 1 22 ? -8.26600  -0.94740  -10.88965 1.000 69.94430  ? 27  U   V C5    1 
ATOM   474  C C6    . U   A 1 22 ? -7.66675  -1.24935  -12.04770 1.000 74.78997  ? 27  U   V C6    1 
ATOM   475  P P     . C   A 1 23 ? -9.80816  -3.41715  -16.82816 1.000 117.06862 ? 28  C   V P     1 
ATOM   476  O OP1   . C   A 1 23 ? -9.96580  -3.82540  -18.24629 1.000 81.50190  ? 28  C   V OP1   1 
ATOM   477  O OP2   . C   A 1 23 ? -10.76839 -2.45175  -16.23400 1.000 108.20264 ? 28  C   V OP2   1 
ATOM   478  O "O5'" . C   A 1 23 ? -9.80400  -4.73284  -15.92462 1.000 82.19714  ? 28  C   V "O5'" 1 
ATOM   479  C "C5'" . C   A 1 23 ? -9.16166  -5.91837  -16.36915 1.000 72.96723  ? 28  C   V "C5'" 1 
ATOM   480  C "C4'" . C   A 1 23 ? -9.14109  -6.98461  -15.30135 1.000 86.92319  ? 28  C   V "C4'" 1 
ATOM   481  O "O4'" . C   A 1 23 ? -8.58811  -6.44665  -14.07372 1.000 89.45975  ? 28  C   V "O4'" 1 
ATOM   482  C "C3'" . C   A 1 23 ? -10.48762 -7.54349  -14.87289 1.000 96.66719  ? 28  C   V "C3'" 1 
ATOM   483  O "O3'" . C   A 1 23 ? -11.01363 -8.50124  -15.77271 1.000 108.39919 ? 28  C   V "O3'" 1 
ATOM   484  C "C2'" . C   A 1 23 ? -10.18350 -8.11013  -13.49222 1.000 91.03256  ? 28  C   V "C2'" 1 
ATOM   485  O "O2'" . C   A 1 23 ? -9.52344  -9.36310  -13.59166 1.000 87.88582  ? 28  C   V "O2'" 1 
ATOM   486  C "C1'" . C   A 1 23 ? -9.18505  -7.08295  -12.96103 1.000 82.70765  ? 28  C   V "C1'" 1 
ATOM   487  N N1    . C   A 1 23 ? -9.84881  -6.06626  -12.11847 1.000 71.92496  ? 28  C   V N1    1 
ATOM   488  C C2    . C   A 1 23 ? -10.13182 -6.41958  -10.80135 1.000 72.40748  ? 28  C   V C2    1 
ATOM   489  O O2    . C   A 1 23 ? -9.80851  -7.55168  -10.41548 1.000 75.23050  ? 28  C   V O2    1 
ATOM   490  N N3    . C   A 1 23 ? -10.74175 -5.52726  -9.99075  1.000 72.41786  ? 28  C   V N3    1 
ATOM   491  C C4    . C   A 1 23 ? -11.06902 -4.32359  -10.46010 1.000 76.99188  ? 28  C   V C4    1 
ATOM   492  N N4    . C   A 1 23 ? -11.67063 -3.47592  -9.62303  1.000 84.77516  ? 28  C   V N4    1 
ATOM   493  C C5    . C   A 1 23 ? -10.79415 -3.93589  -11.80501 1.000 75.78974  ? 28  C   V C5    1 
ATOM   494  C C6    . C   A 1 23 ? -10.18905 -4.83274  -12.59592 1.000 71.63473  ? 28  C   V C6    1 
ATOM   495  P P     . C   A 1 24 ? -12.58394 -8.83683  -15.74520 1.000 117.39002 ? 29  C   V P     1 
ATOM   496  O OP1   . C   A 1 24 ? -12.86287 -9.84537  -16.79994 1.000 111.86937 ? 29  C   V OP1   1 
ATOM   497  O OP2   . C   A 1 24 ? -13.31381 -7.54167  -15.74010 1.000 87.80796  ? 29  C   V OP2   1 
ATOM   498  O "O5'" . C   A 1 24 ? -12.79948 -9.54850  -14.33539 1.000 73.78495  ? 29  C   V "O5'" 1 
ATOM   499  C "C5'" . C   A 1 24 ? -12.21078 -10.81179 -14.06855 1.000 71.72829  ? 29  C   V "C5'" 1 
ATOM   500  C "C4'" . C   A 1 24 ? -12.53225 -11.30227 -12.67877 1.000 82.80076  ? 29  C   V "C4'" 1 
ATOM   501  O "O4'" . C   A 1 24 ? -11.94112 -10.42153 -11.68821 1.000 97.74053  ? 29  C   V "O4'" 1 
ATOM   502  C "C3'" . C   A 1 24 ? -14.00197 -11.34034 -12.29576 1.000 85.55292  ? 29  C   V "C3'" 1 
ATOM   503  O "O3'" . C   A 1 24 ? -14.69009 -12.45952 -12.82431 1.000 97.78049  ? 29  C   V "O3'" 1 
ATOM   504  C "C2'" . C   A 1 24 ? -13.94046 -11.32058 -10.77443 1.000 89.49592  ? 29  C   V "C2'" 1 
ATOM   505  O "O2'" . C   A 1 24 ? -13.58723 -12.60007 -10.26954 1.000 85.27651  ? 29  C   V "O2'" 1 
ATOM   506  C "C1'" . C   A 1 24 ? -12.76292 -10.37492 -10.53847 1.000 84.66402  ? 29  C   V "C1'" 1 
ATOM   507  N N1    . C   A 1 24 ? -13.20829 -8.97924  -10.32663 1.000 74.35859  ? 29  C   V N1    1 
ATOM   508  C C2    . C   A 1 24 ? -13.75161 -8.62290  -9.08804  1.000 79.04028  ? 29  C   V C2    1 
ATOM   509  O O2    . C   A 1 24 ? -13.84505 -9.48441  -8.20084  1.000 81.69641  ? 29  C   V O2    1 
ATOM   510  N N3    . C   A 1 24 ? -14.16198 -7.34869  -8.88447  1.000 79.18291  ? 29  C   V N3    1 
ATOM   511  C C4    . C   A 1 24 ? -14.04550 -6.44696  -9.86348  1.000 86.20668  ? 29  C   V C4    1 
ATOM   512  N N4    . C   A 1 24 ? -14.46095 -5.19950  -9.62574  1.000 72.29315  ? 29  C   V N4    1 
ATOM   513  C C5    . C   A 1 24 ? -13.49566 -6.78417  -11.13502 1.000 82.51105  ? 29  C   V C5    1 
ATOM   514  C C6    . C   A 1 24 ? -13.09499 -8.04852  -11.31954 1.000 75.60074  ? 29  C   V C6    1 
ATOM   515  P P     . U   A 1 25 ? -16.27767 -12.38737 -13.06637 1.000 101.88551 ? 30  U   V P     1 
ATOM   516  O OP1   . U   A 1 25 ? -16.65855 -13.56147 -13.89118 1.000 81.73447  ? 30  U   V OP1   1 
ATOM   517  O OP2   . U   A 1 25 ? -16.61945 -11.01973 -13.54155 1.000 82.42449  ? 30  U   V OP2   1 
ATOM   518  O "O5'" . U   A 1 25 ? -16.89448 -12.57387 -11.60922 1.000 76.21140  ? 30  U   V "O5'" 1 
ATOM   519  C "C5'" . U   A 1 25 ? -16.47430 -13.64079 -10.77184 1.000 70.32768  ? 30  U   V "C5'" 1 
ATOM   520  C "C4'" . U   A 1 25 ? -17.13316 -13.56844 -9.41739  1.000 86.27993  ? 30  U   V "C4'" 1 
ATOM   521  O "O4'" . U   A 1 25 ? -16.49718 -12.54275 -8.61101  1.000 87.94613  ? 30  U   V "O4'" 1 
ATOM   522  C "C3'" . U   A 1 25 ? -18.60375 -13.18103 -9.41452  1.000 86.84351  ? 30  U   V "C3'" 1 
ATOM   523  O "O3'" . U   A 1 25 ? -19.46283 -14.26642 -9.70660  1.000 77.33962  ? 30  U   V "O3'" 1 
ATOM   524  C "C2'" . U   A 1 25 ? -18.79422 -12.61217 -8.01588  1.000 89.55185  ? 30  U   V "C2'" 1 
ATOM   525  O "O2'" . U   A 1 25 ? -18.90378 -13.65641 -7.05922  1.000 82.81071  ? 30  U   V "O2'" 1 
ATOM   526  C "C1'" . U   A 1 25 ? -17.45976 -11.89939 -7.80140  1.000 82.68889  ? 30  U   V "C1'" 1 
ATOM   527  N N1    . U   A 1 25 ? -17.52578 -10.47502 -8.19844  1.000 70.35226  ? 30  U   V N1    1 
ATOM   528  C C2    . U   A 1 25 ? -17.97916 -9.56391  -7.26477  1.000 76.54549  ? 30  U   V C2    1 
ATOM   529  O O2    . U   A 1 25 ? -18.32193 -9.88181  -6.13852  1.000 79.91592  ? 30  U   V O2    1 
ATOM   530  N N3    . U   A 1 25 ? -18.01449 -8.26151  -7.69543  1.000 73.61521  ? 30  U   V N3    1 
ATOM   531  C C4    . U   A 1 25 ? -17.65231 -7.78895  -8.93992  1.000 80.88394  ? 30  U   V C4    1 
ATOM   532  O O4    . U   A 1 25 ? -17.74180 -6.58292  -9.18093  1.000 80.58810  ? 30  U   V O4    1 
ATOM   533  C C5    . U   A 1 25 ? -17.19454 -8.79484  -9.84882  1.000 72.34181  ? 30  U   V C5    1 
ATOM   534  C C6    . U   A 1 25 ? -17.14906 -10.07105 -9.45640  1.000 68.25556  ? 30  U   V C6    1 
ATOM   535  P P     . C   A 1 26 ? -20.91406 -13.99704 -10.33799 1.000 94.29244  ? 31  C   V P     1 
ATOM   536  O OP1   . C   A 1 26 ? -21.58838 -15.31665 -10.42727 1.000 100.53556 ? 31  C   V OP1   1 
ATOM   537  O OP2   . C   A 1 26 ? -20.77101 -13.14234 -11.54815 1.000 73.40959  ? 31  C   V OP2   1 
ATOM   538  O "O5'" . C   A 1 26 ? -21.66959 -13.15006 -9.22161  1.000 84.07040  ? 31  C   V "O5'" 1 
ATOM   539  C "C5'" . C   A 1 26 ? -22.07892 -13.75557 -8.00519  1.000 81.71015  ? 31  C   V "C5'" 1 
ATOM   540  C "C4'" . C   A 1 26 ? -22.90050 -12.80971 -7.16674  1.000 80.78415  ? 31  C   V "C4'" 1 
ATOM   541  O "O4'" . C   A 1 26 ? -22.05851 -11.74085 -6.66179  1.000 91.56133  ? 31  C   V "O4'" 1 
ATOM   542  C "C3'" . C   A 1 26 ? -24.02208 -12.07659 -7.88428  1.000 76.48866  ? 31  C   V "C3'" 1 
ATOM   543  O "O3'" . C   A 1 26 ? -25.18505 -12.86172 -8.06330  1.000 83.05410  ? 31  C   V "O3'" 1 
ATOM   544  C "C2'" . C   A 1 26 ? -24.23802 -10.86369 -6.99292  1.000 83.92494  ? 31  C   V "C2'" 1 
ATOM   545  O "O2'" . C   A 1 26 ? -24.96741 -11.21998 -5.82852  1.000 93.44353  ? 31  C   V "O2'" 1 
ATOM   546  C "C1'" . C   A 1 26 ? -22.80165 -10.54164 -6.58356  1.000 69.82625  ? 31  C   V "C1'" 1 
ATOM   547  N N1    . C   A 1 26 ? -22.19947 -9.55001  -7.49945  1.000 69.12610  ? 31  C   V N1    1 
ATOM   548  C C2    . C   A 1 26 ? -22.45602 -8.19795  -7.26254  1.000 73.94166  ? 31  C   V C2    1 
ATOM   549  O O2    . C   A 1 26 ? -23.15575 -7.88906  -6.28567  1.000 78.05951  ? 31  C   V O2    1 
ATOM   550  N N3    . C   A 1 26 ? -21.93199 -7.26839  -8.09313  1.000 61.77743  ? 31  C   V N3    1 
ATOM   551  C C4    . C   A 1 26 ? -21.18570 -7.65646  -9.12799  1.000 69.63781  ? 31  C   V C4    1 
ATOM   552  N N4    . C   A 1 26 ? -20.68607 -6.71243  -9.92815  1.000 77.95364  ? 31  C   V N4    1 
ATOM   553  C C5    . C   A 1 26 ? -20.91579 -9.03003  -9.39629  1.000 68.35062  ? 31  C   V C5    1 
ATOM   554  C C6    . C   A 1 26 ? -21.44072 -9.93896  -8.56654  1.000 67.90425  ? 31  C   V C6    1 
ATOM   555  P P     . G   A 1 27 ? -26.07349 -12.68882 -9.39043  1.000 91.15223  ? 32  G   V P     1 
ATOM   556  O OP1   . G   A 1 27 ? -27.23349 -13.60568 -9.26228  1.000 94.89367  ? 32  G   V OP1   1 
ATOM   557  O OP2   . G   A 1 27 ? -25.18100 -12.76271 -10.57684 1.000 80.75849  ? 32  G   V OP2   1 
ATOM   558  O "O5'" . G   A 1 27 ? -26.61128 -11.19368 -9.30746  1.000 83.07022  ? 32  G   V "O5'" 1 
ATOM   559  C "C5'" . G   A 1 27 ? -27.35756 -10.74858 -8.18678  1.000 68.69966  ? 32  G   V "C5'" 1 
ATOM   560  C "C4'" . G   A 1 27 ? -27.66036 -9.27622  -8.28396  1.000 74.50332  ? 32  G   V "C4'" 1 
ATOM   561  O "O4'" . G   A 1 27 ? -26.45978 -8.50509  -8.01586  1.000 63.15762  ? 32  G   V "O4'" 1 
ATOM   562  C "C3'" . G   A 1 27 ? -28.10866 -8.77954  -9.64763  1.000 68.26062  ? 32  G   V "C3'" 1 
ATOM   563  O "O3'" . G   A 1 27 ? -29.46709 -9.05214  -9.93382  1.000 73.33961  ? 32  G   V "O3'" 1 
ATOM   564  C "C2'" . G   A 1 27 ? -27.77885 -7.29638  -9.57764  1.000 75.80817  ? 32  G   V "C2'" 1 
ATOM   565  O "O2'" . G   A 1 27 ? -28.75006 -6.59726  -8.81155  1.000 74.87992  ? 32  G   V "O2'" 1 
ATOM   566  C "C1'" . G   A 1 27 ? -26.46531 -7.32619  -8.79498  1.000 63.75615  ? 32  G   V "C1'" 1 
ATOM   567  N N9    . G   A 1 27 ? -25.30928 -7.35502  -9.70561  1.000 58.96316  ? 32  G   V N9    1 
ATOM   568  C C8    . G   A 1 27 ? -24.60158 -8.44818  -10.13901 1.000 58.20064  ? 32  G   V C8    1 
ATOM   569  N N7    . G   A 1 27 ? -23.64081 -8.12694  -10.96337 1.000 72.46700  ? 32  G   V N7    1 
ATOM   570  C C5    . G   A 1 27 ? -23.72502 -6.74363  -11.08228 1.000 73.60623  ? 32  G   V C5    1 
ATOM   571  C C6    . G   A 1 27 ? -22.94736 -5.82291  -11.83579 1.000 81.01805  ? 32  G   V C6    1 
ATOM   572  O O6    . G   A 1 27 ? -21.98687 -6.05161  -12.57974 1.000 91.91636  ? 32  G   V O6    1 
ATOM   573  N N1    . G   A 1 27 ? -23.38354 -4.51214  -11.66104 1.000 73.95847  ? 32  G   V N1    1 
ATOM   574  C C2    . G   A 1 27 ? -24.43222 -4.12887  -10.86164 1.000 67.89604  ? 32  G   V C2    1 
ATOM   575  N N2    . G   A 1 27 ? -24.70615 -2.81622  -10.81909 1.000 61.64170  ? 32  G   V N2    1 
ATOM   576  N N3    . G   A 1 27 ? -25.16296 -4.97399  -10.15410 1.000 64.59959  ? 32  G   V N3    1 
ATOM   577  C C4    . G   A 1 27 ? -24.75655 -6.25389  -10.31256 1.000 67.93426  ? 32  G   V C4    1 
ATOM   578  P P     . A   A 1 28 ? -29.91711 -9.34567  -11.44741 1.000 90.78436  ? 33  A   V P     1 
ATOM   579  O OP1   . A   A 1 28 ? -31.39977 -9.28997  -11.50242 1.000 82.68117  ? 33  A   V OP1   1 
ATOM   580  O OP2   . A   A 1 28 ? -29.19055 -10.56048 -11.89753 1.000 87.48836  ? 33  A   V OP2   1 
ATOM   581  O "O5'" . A   A 1 28 ? -29.35076 -8.10091  -12.26556 1.000 80.27674  ? 33  A   V "O5'" 1 
ATOM   582  C "C5'" . A   A 1 28 ? -29.44428 -8.04643  -13.68205 1.000 73.50547  ? 33  A   V "C5'" 1 
ATOM   583  C "C4'" . A   A 1 28 ? -30.10209 -6.76847  -14.13026 1.000 55.22738  ? 33  A   V "C4'" 1 
ATOM   584  O "O4'" . A   A 1 28 ? -31.44772 -6.72852  -13.60157 1.000 82.50444  ? 33  A   V "O4'" 1 
ATOM   585  C "C3'" . A   A 1 28 ? -29.45400 -5.48914  -13.62256 1.000 71.07036  ? 33  A   V "C3'" 1 
ATOM   586  O "O3'" . A   A 1 28 ? -28.38487 -5.06301  -14.44756 1.000 83.38673  ? 33  A   V "O3'" 1 
ATOM   587  C "C2'" . A   A 1 28 ? -30.61279 -4.50073  -13.57520 1.000 67.95397  ? 33  A   V "C2'" 1 
ATOM   588  O "O2'" . A   A 1 28 ? -30.84066 -3.93201  -14.85564 1.000 77.09701  ? 33  A   V "O2'" 1 
ATOM   589  C "C1'" . A   A 1 28 ? -31.79046 -5.41306  -13.23337 1.000 76.39826  ? 33  A   V "C1'" 1 
ATOM   590  N N9    . A   A 1 28 ? -32.14524 -5.41079  -11.80097 1.000 68.96332  ? 33  A   V N9    1 
ATOM   591  C C8    . A   A 1 28 ? -32.16446 -6.49508  -10.95658 1.000 70.59826  ? 33  A   V C8    1 
ATOM   592  N N7    . A   A 1 28 ? -32.55232 -6.21837  -9.73532  1.000 66.12922  ? 33  A   V N7    1 
ATOM   593  C C5    . A   A 1 28 ? -32.81837 -4.85836  -9.78454  1.000 65.81216  ? 33  A   V C5    1 
ATOM   594  C C6    . A   A 1 28 ? -33.26692 -3.95742  -8.80821  1.000 71.60848  ? 33  A   V C6    1 
ATOM   595  N N6    . A   A 1 28 ? -33.53200 -4.31474  -7.54987  1.000 75.98758  ? 33  A   V N6    1 
ATOM   596  N N1    . A   A 1 28 ? -33.43136 -2.66777  -9.17540  1.000 69.56315  ? 33  A   V N1    1 
ATOM   597  C C2    . A   A 1 28 ? -33.16218 -2.32144  -10.44147 1.000 72.87572  ? 33  A   V C2    1 
ATOM   598  N N3    . A   A 1 28 ? -32.73370 -3.07618  -11.45069 1.000 66.75947  ? 33  A   V N3    1 
ATOM   599  C C4    . A   A 1 28 ? -32.58133 -4.34873  -11.05011 1.000 63.41964  ? 33  A   V C4    1 
ATOM   600  P P     . A   A 1 29 ? -26.91053 -4.90000  -13.83632 1.000 76.22912  ? 34  A   V P     1 
ATOM   601  O OP1   . A   A 1 29 ? -25.92170 -5.06907  -14.92909 1.000 67.83195  ? 34  A   V OP1   1 
ATOM   602  O OP2   . A   A 1 29 ? -26.82953 -5.76049  -12.62891 1.000 63.00273  ? 34  A   V OP2   1 
ATOM   603  O "O5'" . A   A 1 29 ? -26.85621 -3.37966  -13.37493 1.000 58.19275  ? 34  A   V "O5'" 1 
ATOM   604  C "C5'" . A   A 1 29 ? -26.99376 -2.32190  -14.31033 1.000 56.48657  ? 34  A   V "C5'" 1 
ATOM   605  C "C4'" . A   A 1 29 ? -27.77632 -1.19119  -13.70257 1.000 68.11573  ? 34  A   V "C4'" 1 
ATOM   606  O "O4'" . A   A 1 29 ? -28.99781 -1.72914  -13.14166 1.000 77.64889  ? 34  A   V "O4'" 1 
ATOM   607  C "C3'" . A   A 1 29 ? -27.10306 -0.49160  -12.53223 1.000 69.88219  ? 34  A   V "C3'" 1 
ATOM   608  O "O3'" . A   A 1 29 ? -26.21473 0.52822   -12.94699 1.000 78.78969  ? 34  A   V "O3'" 1 
ATOM   609  C "C2'" . A   A 1 29 ? -28.27807 0.02699   -11.71647 1.000 70.09954  ? 34  A   V "C2'" 1 
ATOM   610  O "O2'" . A   A 1 29 ? -28.78811 1.22141   -12.28839 1.000 81.12796  ? 34  A   V "O2'" 1 
ATOM   611  C "C1'" . A   A 1 29 ? -29.30934 -1.07462  -11.93347 1.000 62.84520  ? 34  A   V "C1'" 1 
ATOM   612  N N9    . A   A 1 29 ? -29.34021 -2.08078  -10.85567 1.000 64.61508  ? 34  A   V N9    1 
ATOM   613  C C8    . A   A 1 29 ? -28.87137 -3.37083  -10.90031 1.000 71.12748  ? 34  A   V C8    1 
ATOM   614  N N7    . A   A 1 29 ? -29.08193 -4.04718  -9.79517  1.000 73.70257  ? 34  A   V N7    1 
ATOM   615  C C5    . A   A 1 29 ? -29.74595 -3.14664  -8.97428  1.000 57.11701  ? 34  A   V C5    1 
ATOM   616  C C6    . A   A 1 29 ? -30.24882 -3.25033  -7.66624  1.000 61.14463  ? 34  A   V C6    1 
ATOM   617  N N6    . A   A 1 29 ? -30.15881 -4.34982  -6.91326  1.000 61.76135  ? 34  A   V N6    1 
ATOM   618  N N1    . A   A 1 29 ? -30.85719 -2.16428  -7.14657  1.000 66.83030  ? 34  A   V N1    1 
ATOM   619  C C2    . A   A 1 29 ? -30.94880 -1.05806  -7.89613  1.000 75.38107  ? 34  A   V C2    1 
ATOM   620  N N3    . A   A 1 29 ? -30.51718 -0.83764  -9.13438  1.000 67.90086  ? 34  A   V N3    1 
ATOM   621  C C4    . A   A 1 29 ? -29.91723 -1.93512  -9.61964  1.000 58.49042  ? 34  A   V C4    1 
ATOM   622  P P     . A   A 1 30 ? -24.92960 0.87903   -12.05357 1.000 84.14105  ? 35  A   V P     1 
ATOM   623  O OP1   . A   A 1 30 ? -24.20085 1.99689   -12.70568 1.000 66.62834  ? 35  A   V OP1   1 
ATOM   624  O OP2   . A   A 1 30 ? -24.23501 -0.40523  -11.76906 1.000 64.24390  ? 35  A   V OP2   1 
ATOM   625  O "O5'" . A   A 1 30 ? -25.54444 1.43905   -10.69560 1.000 75.11095  ? 35  A   V "O5'" 1 
ATOM   626  C "C5'" . A   A 1 30 ? -26.01541 2.77548   -10.60164 1.000 66.72974  ? 35  A   V "C5'" 1 
ATOM   627  C "C4'" . A   A 1 30 ? -26.70711 3.00949   -9.28439  1.000 68.78333  ? 35  A   V "C4'" 1 
ATOM   628  O "O4'" . A   A 1 30 ? -27.72522 1.99150   -9.10090  1.000 68.78212  ? 35  A   V "O4'" 1 
ATOM   629  C "C3'" . A   A 1 30 ? -25.83005 2.88134   -8.04642  1.000 77.27213  ? 35  A   V "C3'" 1 
ATOM   630  O "O3'" . A   A 1 30 ? -25.10183 4.05883   -7.74900  1.000 64.41959  ? 35  A   V "O3'" 1 
ATOM   631  C "C2'" . A   A 1 30 ? -26.83145 2.50110   -6.96954  1.000 73.03250  ? 35  A   V "C2'" 1 
ATOM   632  O "O2'" . A   A 1 30 ? -27.57222 3.64083   -6.56240  1.000 77.97930  ? 35  A   V "O2'" 1 
ATOM   633  C "C1'" . A   A 1 30 ? -27.76433 1.58344   -7.75124  1.000 63.83119  ? 35  A   V "C1'" 1 
ATOM   634  N N9    . A   A 1 30 ? -27.32829 0.17760   -7.69011  1.000 63.57264  ? 35  A   V N9    1 
ATOM   635  C C8    . A   A 1 30 ? -26.46770 -0.46826  -8.54240  1.000 65.02860  ? 35  A   V C8    1 
ATOM   636  N N7    . A   A 1 30 ? -26.27596 -1.73108  -8.23377  1.000 73.98991  ? 35  A   V N7    1 
ATOM   637  C C5    . A   A 1 30 ? -27.06092 -1.92622  -7.10460  1.000 50.90565  ? 35  A   V C5    1 
ATOM   638  C C6    . A   A 1 30 ? -27.29529 -3.04849  -6.28955  1.000 50.37045  ? 35  A   V C6    1 
ATOM   639  N N6    . A   A 1 30 ? -26.74396 -4.24759  -6.48559  1.000 62.69610  ? 35  A   V N6    1 
ATOM   640  N N1    . A   A 1 30 ? -28.13413 -2.89901  -5.24398  1.000 54.00212  ? 35  A   V N1    1 
ATOM   641  C C2    . A   A 1 30 ? -28.69313 -1.69998  -5.03683  1.000 61.66108  ? 35  A   V C2    1 
ATOM   642  N N3    . A   A 1 30 ? -28.55310 -0.57413  -5.73217  1.000 63.51521  ? 35  A   V N3    1 
ATOM   643  C C4    . A   A 1 30 ? -27.71244 -0.75670  -6.76167  1.000 59.69184  ? 35  A   V C4    1 
ATOM   644  P P     . G   A 1 31 ? -23.56651 3.96059   -7.28488  1.000 77.25571  ? 37  G   V P     1 
ATOM   645  O OP1   . G   A 1 31 ? -23.21305 5.23126   -6.60075  1.000 81.44211  ? 37  G   V OP1   1 
ATOM   646  O OP2   . G   A 1 31 ? -22.76724 3.51684   -8.45533  1.000 77.17873  ? 37  G   V OP2   1 
ATOM   647  O "O5'" . G   A 1 31 ? -23.55454 2.78429   -6.20745  1.000 69.88710  ? 37  G   V "O5'" 1 
ATOM   648  C "C5'" . G   A 1 31 ? -24.06635 2.98254   -4.89704  1.000 72.54620  ? 37  G   V "C5'" 1 
ATOM   649  C "C4'" . G   A 1 31 ? -24.44068 1.67476   -4.24459  1.000 68.89982  ? 37  G   V "C4'" 1 
ATOM   650  O "O4'" . G   A 1 31 ? -25.04353 0.80048   -5.23253  1.000 73.29137  ? 37  G   V "O4'" 1 
ATOM   651  C "C3'" . G   A 1 31 ? -23.29294 0.85211   -3.67784  1.000 58.84490  ? 37  G   V "C3'" 1 
ATOM   652  O "O3'" . G   A 1 31 ? -22.87652 1.28508   -2.39443  1.000 73.41649  ? 37  G   V "O3'" 1 
ATOM   653  C "C2'" . G   A 1 31 ? -23.85727 -0.56410  -3.69358  1.000 65.26752  ? 37  G   V "C2'" 1 
ATOM   654  O "O2'" . G   A 1 31 ? -24.73793 -0.78386  -2.60166  1.000 67.69214  ? 37  G   V "O2'" 1 
ATOM   655  C "C1'" . G   A 1 31 ? -24.68840 -0.54038  -4.97227  1.000 55.93576  ? 37  G   V "C1'" 1 
ATOM   656  N N9    . G   A 1 31 ? -23.93069 -1.06620  -6.11778  1.000 56.34971  ? 37  G   V N9    1 
ATOM   657  C C8    . G   A 1 31 ? -23.43737 -0.40183  -7.21332  1.000 57.32457  ? 37  G   V C8    1 
ATOM   658  N N7    . G   A 1 31 ? -22.80704 -1.19673  -8.03776  1.000 64.06748  ? 37  G   V N7    1 
ATOM   659  C C5    . G   A 1 31 ? -22.89009 -2.45081  -7.44242  1.000 58.63750  ? 37  G   V C5    1 
ATOM   660  C C6    . G   A 1 31 ? -22.40028 -3.71569  -7.85459  1.000 66.27722  ? 37  G   V C6    1 
ATOM   661  O O6    . G   A 1 31 ? -21.76259 -3.99716  -8.87830  1.000 71.33083  ? 37  G   V O6    1 
ATOM   662  N N1    . G   A 1 31 ? -22.72421 -4.71006  -6.93193  1.000 58.40892  ? 37  G   V N1    1 
ATOM   663  C C2    . G   A 1 31 ? -23.42708 -4.51799  -5.76586  1.000 56.35468  ? 37  G   V C2    1 
ATOM   664  N N2    . G   A 1 31 ? -23.64281 -5.59749  -5.00138  1.000 71.10668  ? 37  G   V N2    1 
ATOM   665  N N3    . G   A 1 31 ? -23.88648 -3.34678  -5.37346  1.000 53.42453  ? 37  G   V N3    1 
ATOM   666  C C4    . G   A 1 31 ? -23.58060 -2.37744  -6.25630  1.000 53.83720  ? 37  G   V C4    1 
ATOM   667  P P     . A   A 1 32 ? -21.43074 0.86507   -1.83059  1.000 73.26272  ? 38  A   V P     1 
ATOM   668  O OP1   . A   A 1 32 ? -21.27759 1.44577   -0.47356  1.000 58.96201  ? 38  A   V OP1   1 
ATOM   669  O OP2   . A   A 1 32 ? -20.41714 1.19094   -2.86763  1.000 71.46796  ? 38  A   V OP2   1 
ATOM   670  O "O5'" . A   A 1 32 ? -21.52517 -0.71839  -1.67914  1.000 53.24585  ? 38  A   V "O5'" 1 
ATOM   671  C "C5'" . A   A 1 32 ? -22.29529 -1.30239  -0.64037  1.000 60.34935  ? 38  A   V "C5'" 1 
ATOM   672  C "C4'" . A   A 1 32 ? -22.11544 -2.79863  -0.59729  1.000 64.19448  ? 38  A   V "C4'" 1 
ATOM   673  O "O4'" . A   A 1 32 ? -22.58280 -3.37881  -1.84222  1.000 86.69470  ? 38  A   V "O4'" 1 
ATOM   674  C "C3'" . A   A 1 32 ? -20.68339 -3.29765  -0.47807  1.000 79.21637  ? 38  A   V "C3'" 1 
ATOM   675  O "O3'" . A   A 1 32 ? -20.18240 -3.27316  0.84482   1.000 88.98404  ? 38  A   V "O3'" 1 
ATOM   676  C "C2'" . A   A 1 32 ? -20.77350 -4.69569  -1.06628  1.000 72.19378  ? 38  A   V "C2'" 1 
ATOM   677  O "O2'" . A   A 1 32 ? -21.37146 -5.58751  -0.13722  1.000 77.23777  ? 38  A   V "O2'" 1 
ATOM   678  C "C1'" . A   A 1 32 ? -21.75707 -4.46472  -2.20790  1.000 66.23755  ? 38  A   V "C1'" 1 
ATOM   679  N N9    . A   A 1 32 ? -21.06454 -4.10206  -3.45501  1.000 53.85932  ? 38  A   V N9    1 
ATOM   680  C C8    . A   A 1 32 ? -20.94011 -2.84390  -3.98928  1.000 62.45350  ? 38  A   V C8    1 
ATOM   681  N N7    . A   A 1 32 ? -20.27082 -2.81536  -5.11654  1.000 70.43870  ? 38  A   V N7    1 
ATOM   682  C C5    . A   A 1 32 ? -19.93482 -4.14426  -5.33427  1.000 59.73547  ? 38  A   V C5    1 
ATOM   683  C C6    . A   A 1 32 ? -19.22201 -4.77792  -6.36527  1.000 68.78178  ? 38  A   V C6    1 
ATOM   684  N N6    . A   A 1 32 ? -18.70112 -4.12569  -7.40808  1.000 71.41002  ? 38  A   V N6    1 
ATOM   685  N N1    . A   A 1 32 ? -19.06380 -6.11853  -6.28554  1.000 58.40660  ? 38  A   V N1    1 
ATOM   686  C C2    . A   A 1 32 ? -19.58976 -6.76451  -5.23487  1.000 68.11424  ? 38  A   V C2    1 
ATOM   687  N N3    . A   A 1 32 ? -20.27959 -6.27835  -4.20388  1.000 65.25633  ? 38  A   V N3    1 
ATOM   688  C C4    . A   A 1 32 ? -20.41761 -4.94801  -4.31793  1.000 53.09186  ? 38  A   V C4    1 
ATOM   689  P P     . G   A 1 33 ? -18.59959 -3.16444  1.08970   1.000 74.19825  ? 39  G   V P     1 
ATOM   690  O OP1   . G   A 1 33 ? -18.38497 -3.11700  2.55549   1.000 97.33192  ? 39  G   V OP1   1 
ATOM   691  O OP2   . G   A 1 33 ? -18.05843 -2.08464  0.22694   1.000 63.66865  ? 39  G   V OP2   1 
ATOM   692  O "O5'" . G   A 1 33 ? -18.02900 -4.54926  0.54600   1.000 80.05529  ? 39  G   V "O5'" 1 
ATOM   693  C "C5'" . G   A 1 33 ? -18.27951 -5.75728  1.24768   1.000 84.69119  ? 39  G   V "C5'" 1 
ATOM   694  C "C4'" . G   A 1 33 ? -17.76718 -6.96723  0.50368   1.000 92.01411  ? 39  G   V "C4'" 1 
ATOM   695  O "O4'" . G   A 1 33 ? -18.38530 -7.04877  -0.80956  1.000 89.98769  ? 39  G   V "O4'" 1 
ATOM   696  C "C3'" . G   A 1 33 ? -16.28051 -7.00733  0.18775   1.000 87.05890  ? 39  G   V "C3'" 1 
ATOM   697  O "O3'" . G   A 1 33 ? -15.44860 -7.33567  1.28286   1.000 98.82454  ? 39  G   V "O3'" 1 
ATOM   698  C "C2'" . G   A 1 33 ? -16.23129 -8.02723  -0.93512  1.000 83.52706  ? 39  G   V "C2'" 1 
ATOM   699  O "O2'" . G   A 1 33 ? -16.42668 -9.33789  -0.42413  1.000 88.43572  ? 39  G   V "O2'" 1 
ATOM   700  C "C1'" . G   A 1 33 ? -17.47317 -7.62944  -1.72490  1.000 73.81579  ? 39  G   V "C1'" 1 
ATOM   701  N N9    . G   A 1 33 ? -17.12056 -6.63551  -2.75147  1.000 61.44185  ? 39  G   V N9    1 
ATOM   702  C C8    . G   A 1 33 ? -17.31093 -5.27571  -2.74105  1.000 62.52059  ? 39  G   V C8    1 
ATOM   703  N N7    . G   A 1 33 ? -16.84977 -4.69672  -3.82042  1.000 63.44579  ? 39  G   V N7    1 
ATOM   704  C C5    . G   A 1 33 ? -16.31418 -5.73359  -4.57477  1.000 55.43188  ? 39  G   V C5    1 
ATOM   705  C C6    . G   A 1 33 ? -15.67284 -5.73180  -5.84317  1.000 74.11509  ? 39  G   V C6    1 
ATOM   706  O O6    . G   A 1 33 ? -15.43542 -4.77360  -6.59144  1.000 70.52313  ? 39  G   V O6    1 
ATOM   707  N N1    . G   A 1 33 ? -15.29159 -7.01761  -6.22458  1.000 69.34715  ? 39  G   V N1    1 
ATOM   708  C C2    . G   A 1 33 ? -15.49703 -8.15853  -5.48493  1.000 74.06484  ? 39  G   V C2    1 
ATOM   709  N N2    . G   A 1 33 ? -15.05541 -9.30728  -6.01932  1.000 69.69229  ? 39  G   V N2    1 
ATOM   710  N N3    . G   A 1 33 ? -16.09219 -8.17116  -4.30455  1.000 66.81932  ? 39  G   V N3    1 
ATOM   711  C C4    . G   A 1 33 ? -16.46929 -6.93433  -3.91951  1.000 61.33046  ? 39  G   V C4    1 
ATOM   712  P P     . G   A 1 34 ? -13.86587 -7.06812  1.17151   1.000 97.31501  ? 40  G   V P     1 
ATOM   713  O OP1   . G   A 1 34 ? -13.24469 -7.60474  2.40556   1.000 86.51755  ? 40  G   V OP1   1 
ATOM   714  O OP2   . G   A 1 34 ? -13.64427 -5.65252  0.78124   1.000 81.99006  ? 40  G   V OP2   1 
ATOM   715  O "O5'" . G   A 1 34 ? -13.39554 -7.96570  -0.06104  1.000 96.98688  ? 40  G   V "O5'" 1 
ATOM   716  C "C5'" . G   A 1 34 ? -13.21490 -9.36684  0.08611   1.000 101.64311 ? 40  G   V "C5'" 1 
ATOM   717  C "C4'" . G   A 1 34 ? -12.65121 -9.99917  -1.16335  1.000 88.96750  ? 40  G   V "C4'" 1 
ATOM   718  O "O4'" . G   A 1 34 ? -13.45402 -9.62211  -2.31253  1.000 86.85089  ? 40  G   V "O4'" 1 
ATOM   719  C "C3'" . G   A 1 34 ? -11.24597 -9.58125  -1.56433  1.000 86.66641  ? 40  G   V "C3'" 1 
ATOM   720  O "O3'" . G   A 1 34 ? -10.21532 -10.20150 -0.82142  1.000 93.07704  ? 40  G   V "O3'" 1 
ATOM   721  C "C2'" . G   A 1 34 ? -11.21969 -9.92370  -3.04458  1.000 82.19519  ? 40  G   V "C2'" 1 
ATOM   722  O "O2'" . G   A 1 34 ? -11.08807 -11.32341 -3.24172  1.000 92.46242  ? 40  G   V "O2'" 1 
ATOM   723  C "C1'" . G   A 1 34 ? -12.62803 -9.51335  -3.45570  1.000 74.72868  ? 40  G   V "C1'" 1 
ATOM   724  N N9    . G   A 1 34 ? -12.63987 -8.11957  -3.92127  1.000 71.71466  ? 40  G   V N9    1 
ATOM   725  C C8    . G   A 1 34 ? -13.09703 -6.99955  -3.27459  1.000 76.45371  ? 40  G   V C8    1 
ATOM   726  N N7    . G   A 1 34 ? -12.93560 -5.91356  -3.98340  1.000 71.87698  ? 40  G   V N7    1 
ATOM   727  C C5    . G   A 1 34 ? -12.32818 -6.34665  -5.15705  1.000 72.35934  ? 40  G   V C5    1 
ATOM   728  C C6    . G   A 1 34 ? -11.90675 -5.63281  -6.31139  1.000 83.82465  ? 40  G   V C6    1 
ATOM   729  O O6    . G   A 1 34 ? -11.98528 -4.41774  -6.54211  1.000 81.25622  ? 40  G   V O6    1 
ATOM   730  N N1    . G   A 1 34 ? -11.34038 -6.48448  -7.25993  1.000 79.35329  ? 40  G   V N1    1 
ATOM   731  C C2    . G   A 1 34 ? -11.19424 -7.84513  -7.12314  1.000 83.33003  ? 40  G   V C2    1 
ATOM   732  N N2    . G   A 1 34 ? -10.62139 -8.49355  -8.14904  1.000 77.20103  ? 40  G   V N2    1 
ATOM   733  N N3    . G   A 1 34 ? -11.58298 -8.51925  -6.05406  1.000 78.12249  ? 40  G   V N3    1 
ATOM   734  C C4    . G   A 1 34 ? -12.13438 -7.70915  -5.12474  1.000 74.30604  ? 40  G   V C4    1 
ATOM   735  P P     . A   A 1 35 ? -8.78963  -9.46906  -0.71014  1.000 97.21059  ? 41  A   V P     1 
ATOM   736  O OP1   . A   A 1 35 ? -7.96625  -10.19025 0.29188   1.000 90.31027  ? 41  A   V OP1   1 
ATOM   737  O OP2   . A   A 1 35 ? -9.04851  -8.01611  -0.54297  1.000 85.59419  ? 41  A   V OP2   1 
ATOM   738  O "O5'" . A   A 1 35 ? -8.13988  -9.67008  -2.15124  1.000 79.71131  ? 41  A   V "O5'" 1 
ATOM   739  C "C5'" . A   A 1 35 ? -7.98959  -10.96862 -2.70476  1.000 91.55700  ? 41  A   V "C5'" 1 
ATOM   740  C "C4'" . A   A 1 35 ? -7.37024  -10.91933 -4.07834  1.000 85.40177  ? 41  A   V "C4'" 1 
ATOM   741  O "O4'" . A   A 1 35 ? -8.27948  -10.27141 -5.00578  1.000 97.16327  ? 41  A   V "O4'" 1 
ATOM   742  C "C3'" . A   A 1 35 ? -6.08694  -10.11482 -4.20450  1.000 84.48560  ? 41  A   V "C3'" 1 
ATOM   743  O "O3'" . A   A 1 35 ? -4.93847  -10.81563 -3.76060  1.000 87.43279  ? 41  A   V "O3'" 1 
ATOM   744  C "C2'" . A   A 1 35 ? -6.06232  -9.76959  -5.68652  1.000 90.81565  ? 41  A   V "C2'" 1 
ATOM   745  O "O2'" . A   A 1 35 ? -5.65163  -10.89165 -6.45417  1.000 93.39961  ? 41  A   V "O2'" 1 
ATOM   746  C "C1'" . A   A 1 35 ? -7.54650  -9.52566  -5.95580  1.000 79.79672  ? 41  A   V "C1'" 1 
ATOM   747  N N9    . A   A 1 35 ? -7.90651  -8.10321  -5.80993  1.000 74.42035  ? 41  A   V N9    1 
ATOM   748  C C8    . A   A 1 35 ? -8.39158  -7.46669  -4.69308  1.000 75.97208  ? 41  A   V C8    1 
ATOM   749  N N7    . A   A 1 35 ? -8.61762  -6.18723  -4.87585  1.000 77.12390  ? 41  A   V N7    1 
ATOM   750  C C5    . A   A 1 35 ? -8.25681  -5.96761  -6.19842  1.000 70.17805  ? 41  A   V C5    1 
ATOM   751  C C6    . A   A 1 35 ? -8.26381  -4.81520  -7.00527  1.000 80.03702  ? 41  A   V C6    1 
ATOM   752  N N6    . A   A 1 35 ? -8.66232  -3.61633  -6.57624  1.000 85.22060  ? 41  A   V N6    1 
ATOM   753  N N1    . A   A 1 35 ? -7.84276  -4.93463  -8.28474  1.000 75.49925  ? 41  A   V N1    1 
ATOM   754  C C2    . A   A 1 35 ? -7.44285  -6.13983  -8.71103  1.000 77.93578  ? 41  A   V C2    1 
ATOM   755  N N3    . A   A 1 35 ? -7.39173  -7.29560  -8.04962  1.000 69.85283  ? 41  A   V N3    1 
ATOM   756  C C4    . A   A 1 35 ? -7.81608  -7.13924  -6.78458  1.000 70.34457  ? 41  A   V C4    1 
ATOM   757  P P     . A   A 1 36 ? -3.60364  -10.00453 -3.38074  1.000 97.29967  ? 42  A   V P     1 
ATOM   758  O OP1   . A   A 1 36 ? -2.61931  -10.95952 -2.81175  1.000 87.46751  ? 42  A   V OP1   1 
ATOM   759  O OP2   . A   A 1 36 ? -3.99638  -8.80983  -2.59107  1.000 100.81304 ? 42  A   V OP2   1 
ATOM   760  O "O5'" . A   A 1 36 ? -3.04922  -9.50782  -4.78843  1.000 84.04384  ? 42  A   V "O5'" 1 
ATOM   761  C "C5'" . A   A 1 36 ? -2.64958  -10.44299 -5.77836  1.000 79.74531  ? 42  A   V "C5'" 1 
ATOM   762  C "C4'" . A   A 1 36 ? -2.36549  -9.76772  -7.09463  1.000 75.44068  ? 42  A   V "C4'" 1 
ATOM   763  O "O4'" . A   A 1 36 ? -3.55998  -9.09446  -7.56540  1.000 83.12550  ? 42  A   V "O4'" 1 
ATOM   764  C "C3'" . A   A 1 36 ? -1.31346  -8.67114  -7.06812  1.000 93.09508  ? 42  A   V "C3'" 1 
ATOM   765  O "O3'" . A   A 1 36 ? 0.01037   -9.17081  -7.10582  1.000 90.01027  ? 42  A   V "O3'" 1 
ATOM   766  C "C2'" . A   A 1 36 ? -1.67817  -7.83015  -8.28257  1.000 87.84482  ? 42  A   V "C2'" 1 
ATOM   767  O "O2'" . A   A 1 36 ? -1.20404  -8.44534  -9.47102  1.000 89.99666  ? 42  A   V "O2'" 1 
ATOM   768  C "C1'" . A   A 1 36 ? -3.20586  -7.92016  -8.26560  1.000 88.21879  ? 42  A   V "C1'" 1 
ATOM   769  N N9    . A   A 1 36 ? -3.83214  -6.76162  -7.59815  1.000 78.55359  ? 42  A   V N9    1 
ATOM   770  C C8    . A   A 1 36 ? -4.33644  -6.68668  -6.32138  1.000 73.56160  ? 42  A   V C8    1 
ATOM   771  N N7    . A   A 1 36 ? -4.83788  -5.51131  -6.02299  1.000 67.39115  ? 42  A   V N7    1 
ATOM   772  C C5    . A   A 1 36 ? -4.65302  -4.76491  -7.17988  1.000 64.81019  ? 42  A   V C5    1 
ATOM   773  C C6    . A   A 1 36 ? -4.96792  -3.43493  -7.51447  1.000 71.25149  ? 42  A   V C6    1 
ATOM   774  N N6    . A   A 1 36 ? -5.56121  -2.58576  -6.67415  1.000 71.84085  ? 42  A   V N6    1 
ATOM   775  N N1    . A   A 1 36 ? -4.65017  -2.99722  -8.75431  1.000 70.29053  ? 42  A   V N1    1 
ATOM   776  C C2    . A   A 1 36 ? -4.05314  -3.84903  -9.59750  1.000 77.37772  ? 42  A   V C2    1 
ATOM   777  N N3    . A   A 1 36 ? -3.70664  -5.12030  -9.39856  1.000 81.83636  ? 42  A   V N3    1 
ATOM   778  C C4    . A   A 1 36 ? -4.03629  -5.52223  -8.15716  1.000 71.25303  ? 42  A   V C4    1 
ATOM   779  P P     . C   A 1 37 ? 1.20152   -8.31930  -6.44883  1.000 103.61997 ? 43  C   V P     1 
ATOM   780  O OP1   . C   A 1 37 ? 2.45963   -9.08799  -6.61634  1.000 107.79211 ? 43  C   V OP1   1 
ATOM   781  O OP2   . C   A 1 37 ? 0.77383   -7.91352  -5.08522  1.000 83.56415  ? 43  C   V OP2   1 
ATOM   782  O "O5'" . C   A 1 37 ? 1.28253   -7.01460  -7.36134  1.000 87.36755  ? 43  C   V "O5'" 1 
ATOM   783  C "C5'" . C   A 1 37 ? 1.58103   -7.11301  -8.74602  1.000 73.22697  ? 43  C   V "C5'" 1 
ATOM   784  C "C4'" . C   A 1 37 ? 1.46182   -5.77788  -9.43600  1.000 76.10226  ? 43  C   V "C4'" 1 
ATOM   785  O "O4'" . C   A 1 37 ? 0.07040   -5.36354  -9.46822  1.000 85.17266  ? 43  C   V "O4'" 1 
ATOM   786  C "C3'" . C   A 1 37 ? 2.17040   -4.61421  -8.76335  1.000 85.79323  ? 43  C   V "C3'" 1 
ATOM   787  O "O3'" . C   A 1 37 ? 3.56151   -4.57278  -9.01803  1.000 87.64814  ? 43  C   V "O3'" 1 
ATOM   788  C "C2'" . C   A 1 37 ? 1.40685   -3.41242  -9.29984  1.000 84.95973  ? 43  C   V "C2'" 1 
ATOM   789  O "O2'" . C   A 1 37 ? 1.79091   -3.12670  -10.63651 1.000 78.19389  ? 43  C   V "O2'" 1 
ATOM   790  C "C1'" . C   A 1 37 ? -0.01773  -3.96054  -9.31642  1.000 80.75613  ? 43  C   V "C1'" 1 
ATOM   791  N N1    . C   A 1 37 ? -0.71586  -3.67757  -8.04398  1.000 71.19065  ? 43  C   V N1    1 
ATOM   792  C C2    . C   A 1 37 ? -1.23673  -2.40179  -7.82386  1.000 68.65645  ? 43  C   V C2    1 
ATOM   793  O O2    . C   A 1 37 ? -1.10350  -1.54735  -8.71001  1.000 74.70387  ? 43  C   V O2    1 
ATOM   794  N N3    . C   A 1 37 ? -1.86961  -2.13796  -6.65739  1.000 65.17078  ? 43  C   V N3    1 
ATOM   795  C C4    . C   A 1 37 ? -1.98747  -3.09592  -5.73401  1.000 76.02279  ? 43  C   V C4    1 
ATOM   796  N N4    . C   A 1 37 ? -2.61949  -2.80070  -4.59623  1.000 75.10303  ? 43  C   V N4    1 
ATOM   797  C C5    . C   A 1 37 ? -1.46384  -4.40606  -5.93187  1.000 76.84070  ? 43  C   V C5    1 
ATOM   798  C C6    . C   A 1 37 ? -0.83991  -4.65003  -7.09151  1.000 80.14918  ? 43  C   V C6    1 
ATOM   799  P P     . U   A 1 38 ? 4.54150   -3.88307  -7.94878  1.000 110.32283 ? 44  U   V P     1 
ATOM   800  O OP1   . U   A 1 38 ? 5.93663   -4.02190  -8.43513  1.000 92.26357  ? 44  U   V OP1   1 
ATOM   801  O OP2   . U   A 1 38 ? 4.17682   -4.40729  -6.60493  1.000 89.80904  ? 44  U   V OP2   1 
ATOM   802  O "O5'" . U   A 1 38 ? 4.16013   -2.33760  -8.02689  1.000 79.42899  ? 44  U   V "O5'" 1 
ATOM   803  C "C5'" . U   A 1 38 ? 4.20786   -1.64005  -9.26330  1.000 87.63921  ? 44  U   V "C5'" 1 
ATOM   804  C "C4'" . U   A 1 38 ? 3.52600   -0.29849  -9.17078  1.000 93.74124  ? 44  U   V "C4'" 1 
ATOM   805  O "O4'" . U   A 1 38 ? 2.10527   -0.48724  -8.92879  1.000 97.54101  ? 44  U   V "O4'" 1 
ATOM   806  C "C3'" . U   A 1 38 ? 3.97139   0.59714   -8.02488  1.000 88.41337  ? 44  U   V "C3'" 1 
ATOM   807  O "O3'" . U   A 1 38 ? 5.17608   1.29422   -8.27346  1.000 82.23603  ? 44  U   V "O3'" 1 
ATOM   808  C "C2'" . U   A 1 38 ? 2.76788   1.50186   -7.83717  1.000 88.98713  ? 44  U   V "C2'" 1 
ATOM   809  O "O2'" . U   A 1 38 ? 2.70194   2.45907   -8.88387  1.000 100.79737 ? 44  U   V "O2'" 1 
ATOM   810  C "C1'" . U   A 1 38 ? 1.63672   0.50114   -8.03312  1.000 81.32512  ? 44  U   V "C1'" 1 
ATOM   811  N N1    . U   A 1 38 ? 1.29747   -0.16752  -6.75884  1.000 69.03185  ? 44  U   V N1    1 
ATOM   812  C C2    . U   A 1 38 ? 0.56905   0.53562   -5.82017  1.000 67.35292  ? 44  U   V C2    1 
ATOM   813  O O2    . U   A 1 38 ? 0.19260   1.67996   -6.00233  1.000 74.58048  ? 44  U   V O2    1 
ATOM   814  N N3    . U   A 1 38 ? 0.29922   -0.15280  -4.66281  1.000 57.96436  ? 44  U   V N3    1 
ATOM   815  C C4    . U   A 1 38 ? 0.67993   -1.44676  -4.36568  1.000 70.22195  ? 44  U   V C4    1 
ATOM   816  O O4    . U   A 1 38 ? 0.36535   -1.94430  -3.28452  1.000 74.63888  ? 44  U   V O4    1 
ATOM   817  C C5    . U   A 1 38 ? 1.43167   -2.10219  -5.38914  1.000 72.29391  ? 44  U   V C5    1 
ATOM   818  C C6    . U   A 1 38 ? 1.71034   -1.45504  -6.52195  1.000 70.12497  ? 44  U   V C6    1 
ATOM   819  P P     . A   A 1 39 ? 6.19053   1.56878   -7.05825  1.000 111.03241 ? 45  A   V P     1 
ATOM   820  O OP1   . A   A 1 39 ? 7.35350   2.31923   -7.59676  1.000 98.06572  ? 45  A   V OP1   1 
ATOM   821  O OP2   . A   A 1 39 ? 6.39186   0.28113   -6.34290  1.000 97.73543  ? 45  A   V OP2   1 
ATOM   822  O "O5'" . A   A 1 39 ? 5.38401   2.54219   -6.08755  1.000 93.29471  ? 45  A   V "O5'" 1 
ATOM   823  C "C5'" . A   A 1 39 ? 4.97646   3.82500   -6.53338  1.000 87.10305  ? 45  A   V "C5'" 1 
ATOM   824  C "C4'" . A   A 1 39 ? 3.96471   4.45602   -5.60918  1.000 87.54838  ? 45  A   V "C4'" 1 
ATOM   825  O "O4'" . A   A 1 39 ? 2.82098   3.58376   -5.43243  1.000 84.76592  ? 45  A   V "O4'" 1 
ATOM   826  C "C3'" . A   A 1 39 ? 4.41480   4.73586   -4.18831  1.000 85.61641  ? 45  A   V "C3'" 1 
ATOM   827  O "O3'" . A   A 1 39 ? 5.24289   5.87610   -4.07959  1.000 95.03597  ? 45  A   V "O3'" 1 
ATOM   828  C "C2'" . A   A 1 39 ? 3.08879   4.87467   -3.45506  1.000 79.04290  ? 45  A   V "C2'" 1 
ATOM   829  O "O2'" . A   A 1 39 ? 2.50422   6.14242   -3.71298  1.000 76.26356  ? 45  A   V "O2'" 1 
ATOM   830  C "C1'" . A   A 1 39 ? 2.24859   3.81081   -4.15975  1.000 66.17128  ? 45  A   V "C1'" 1 
ATOM   831  N N9    . A   A 1 39 ? 2.21757   2.55204   -3.39885  1.000 60.39468  ? 45  A   V N9    1 
ATOM   832  C C8    . A   A 1 39 ? 2.86996   1.36609   -3.62501  1.000 77.61568  ? 45  A   V C8    1 
ATOM   833  N N7    . A   A 1 39 ? 2.59697   0.44322   -2.72918  1.000 67.00181  ? 45  A   V N7    1 
ATOM   834  C C5    . A   A 1 39 ? 1.71334   1.07212   -1.86094  1.000 56.77501  ? 45  A   V C5    1 
ATOM   835  C C6    . A   A 1 39 ? 1.05063   0.64202   -0.69992  1.000 63.27654  ? 45  A   V C6    1 
ATOM   836  N N6    . A   A 1 39 ? 1.18175   -0.58148  -0.18594  1.000 73.96516  ? 45  A   V N6    1 
ATOM   837  N N1    . A   A 1 39 ? 0.23805   1.52330   -0.07482  1.000 72.38534  ? 45  A   V N1    1 
ATOM   838  C C2    . A   A 1 39 ? 0.10518   2.75387   -0.58926  1.000 64.82825  ? 45  A   V C2    1 
ATOM   839  N N3    . A   A 1 39 ? 0.67453   3.27809   -1.67180  1.000 51.73264  ? 45  A   V N3    1 
ATOM   840  C C4    . A   A 1 39 ? 1.47380   2.37176   -2.26349  1.000 66.36440  ? 45  A   V C4    1 
ATOM   841  P P     . C   A 1 40 ? 6.27087   5.99454   -2.85278  1.000 95.76395  ? 46  C   V P     1 
ATOM   842  O OP1   . C   A 1 40 ? 7.23096   7.08527   -3.16493  1.000 82.74881  ? 46  C   V OP1   1 
ATOM   843  O OP2   . C   A 1 40 ? 6.74328   4.62384   -2.52129  1.000 71.99627  ? 46  C   V OP2   1 
ATOM   844  O "O5'" . C   A 1 40 ? 5.36620   6.47866   -1.63874  1.000 77.76282  ? 46  C   V "O5'" 1 
ATOM   845  C "C5'" . C   A 1 40 ? 4.55618   7.63355   -1.76121  1.000 72.33663  ? 46  C   V "C5'" 1 
ATOM   846  C "C4'" . C   A 1 40 ? 3.49021   7.65977   -0.70139  1.000 71.28766  ? 46  C   V "C4'" 1 
ATOM   847  O "O4'" . C   A 1 40 ? 2.65040   6.48458   -0.81963  1.000 71.45168  ? 46  C   V "O4'" 1 
ATOM   848  C "C3'" . C   A 1 40 ? 3.98465   7.60276   0.73091   1.000 76.20406  ? 46  C   V "C3'" 1 
ATOM   849  O "O3'" . C   A 1 40 ? 4.44827   8.84943   1.20775   1.000 82.85424  ? 46  C   V "O3'" 1 
ATOM   850  C "C2'" . C   A 1 40 ? 2.76820   7.07646   1.47568   1.000 68.38513  ? 46  C   V "C2'" 1 
ATOM   851  O "O2'" . C   A 1 40 ? 1.80833   8.10726   1.64943   1.000 78.39910  ? 46  C   V "O2'" 1 
ATOM   852  C "C1'" . C   A 1 40 ? 2.20993   6.08333   0.46123   1.000 61.75394  ? 46  C   V "C1'" 1 
ATOM   853  N N1    . C   A 1 40 ? 2.66570   4.70041   0.71445   1.000 48.94650  ? 46  C   V N1    1 
ATOM   854  C C2    . C   A 1 40 ? 2.06148   4.01061   1.75740   1.000 58.58693  ? 46  C   V C2    1 
ATOM   855  O O2    . C   A 1 40 ? 1.20047   4.60343   2.41543   1.000 70.92186  ? 46  C   V O2    1 
ATOM   856  N N3    . C   A 1 40 ? 2.42716   2.73749   2.02180   1.000 55.49396  ? 46  C   V N3    1 
ATOM   857  C C4    . C   A 1 40 ? 3.35978   2.15175   1.27242   1.000 65.54952  ? 46  C   V C4    1 
ATOM   858  N N4    . C   A 1 40 ? 3.69226   0.89255   1.56377   1.000 61.85755  ? 46  C   V N4    1 
ATOM   859  C C5    . C   A 1 40 ? 3.99380   2.83146   0.19131   1.000 66.20721  ? 46  C   V C5    1 
ATOM   860  C C6    . C   A 1 40 ? 3.61796   4.09463   -0.05216  1.000 61.95267  ? 46  C   V C6    1 
ATOM   861  P P     . G   A 1 41 ? 5.54023   8.88581   2.38037   1.000 83.27756  ? 47  G   V P     1 
ATOM   862  O OP1   . G   A 1 41 ? 5.88728   10.30529  2.63895   1.000 72.04745  ? 47  G   V OP1   1 
ATOM   863  O OP2   . G   A 1 41 ? 6.60131   7.89940   2.05358   1.000 65.22846  ? 47  G   V OP2   1 
ATOM   864  O "O5'" . G   A 1 41 ? 4.74618   8.34153   3.64625   1.000 81.73849  ? 47  G   V "O5'" 1 
ATOM   865  C "C5'" . G   A 1 41 ? 3.72443   9.11997   4.24599   1.000 65.12286  ? 47  G   V "C5'" 1 
ATOM   866  C "C4'" . G   A 1 41 ? 3.20168   8.46894   5.49880   1.000 70.64526  ? 47  G   V "C4'" 1 
ATOM   867  O "O4'" . G   A 1 41 ? 2.49144   7.25162   5.16143   1.000 67.11568  ? 47  G   V "O4'" 1 
ATOM   868  C "C3'" . G   A 1 41 ? 4.24075   8.00247   6.50303   1.000 66.78689  ? 47  G   V "C3'" 1 
ATOM   869  O "O3'" . G   A 1 41 ? 4.78657   9.04611   7.28758   1.000 62.52083  ? 47  G   V "O3'" 1 
ATOM   870  C "C2'" . G   A 1 41 ? 3.46481   6.97464   7.30953   1.000 62.42267  ? 47  G   V "C2'" 1 
ATOM   871  O "O2'" . G   A 1 41 ? 2.58031   7.62776   8.20683   1.000 65.78844  ? 47  G   V "O2'" 1 
ATOM   872  C "C1'" . G   A 1 41 ? 2.62464   6.31833   6.21462   1.000 61.73495  ? 47  G   V "C1'" 1 
ATOM   873  N N9    . G   A 1 41 ? 3.23951   5.08166   5.69482   1.000 60.68980  ? 47  G   V N9    1 
ATOM   874  C C8    . G   A 1 41 ? 3.94632   4.90042   4.53010   1.000 59.61575  ? 47  G   V C8    1 
ATOM   875  N N7    . G   A 1 41 ? 4.34652   3.66437   4.36364   1.000 58.20867  ? 47  G   V N7    1 
ATOM   876  C C5    . G   A 1 41 ? 3.87332   2.99240   5.48295   1.000 52.67758  ? 47  G   V C5    1 
ATOM   877  C C6    . G   A 1 41 ? 3.99139   1.63222   5.86687   1.000 60.51808  ? 47  G   V C6    1 
ATOM   878  O O6    . G   A 1 41 ? 4.56130   0.71395   5.26787   1.000 68.40386  ? 47  G   V O6    1 
ATOM   879  N N1    . G   A 1 41 ? 3.36124   1.38146   7.08240   1.000 52.78713  ? 47  G   V N1    1 
ATOM   880  C C2    . G   A 1 41 ? 2.70171   2.32174   7.83335   1.000 57.30868  ? 47  G   V C2    1 
ATOM   881  N N2    . G   A 1 41 ? 2.15557   1.89625   8.97933   1.000 61.40072  ? 47  G   V N2    1 
ATOM   882  N N3    . G   A 1 41 ? 2.58477   3.59142   7.49008   1.000 52.61657  ? 47  G   V N3    1 
ATOM   883  C C4    . G   A 1 41 ? 3.18927   3.85389   6.31197   1.000 59.36023  ? 47  G   V C4    1 
ATOM   884  P P     . G   A 1 42 ? 6.15786   8.79209   8.08497   1.000 81.58363  ? 48  G   V P     1 
ATOM   885  O OP1   . G   A 1 42 ? 6.28176   9.79400   9.17427   1.000 69.33343  ? 48  G   V OP1   1 
ATOM   886  O OP2   . G   A 1 42 ? 7.24033   8.66295   7.07659   1.000 66.71418  ? 48  G   V OP2   1 
ATOM   887  O "O5'" . G   A 1 42 ? 5.93901   7.35817   8.74187   1.000 69.61994  ? 48  G   V "O5'" 1 
ATOM   888  C "C5'" . G   A 1 42 ? 6.59103   6.98896   9.94557   1.000 52.51349  ? 48  G   V "C5'" 1 
ATOM   889  C "C4'" . G   A 1 42 ? 5.78544   5.96334   10.70211  1.000 69.84313  ? 48  G   V "C4'" 1 
ATOM   890  O "O4'" . G   A 1 42 ? 5.00731   5.16682   9.77251   1.000 62.85377  ? 48  G   V "O4'" 1 
ATOM   891  C "C3'" . G   A 1 42 ? 6.58590   4.93836   11.48645  1.000 54.74040  ? 48  G   V "C3'" 1 
ATOM   892  O "O3'" . G   A 1 42 ? 7.01527   5.41958   12.74192  1.000 60.63659  ? 48  G   V "O3'" 1 
ATOM   893  C "C2'" . G   A 1 42 ? 5.62434   3.76549   11.58416  1.000 63.76424  ? 48  G   V "C2'" 1 
ATOM   894  O "O2'" . G   A 1 42 ? 4.65094   3.99786   12.59231  1.000 71.22312  ? 48  G   V "O2'" 1 
ATOM   895  C "C1'" . G   A 1 42 ? 4.93865   3.83136   10.22233  1.000 56.21830  ? 48  G   V "C1'" 1 
ATOM   896  N N9    . G   A 1 42 ? 5.60662   2.97623   9.22625   1.000 63.28521  ? 48  G   V N9    1 
ATOM   897  C C8    . G   A 1 42 ? 6.18937   3.38106   8.04965   1.000 59.68346  ? 48  G   V C8    1 
ATOM   898  N N7    . G   A 1 42 ? 6.69462   2.39046   7.36471   1.000 55.05312  ? 48  G   V N7    1 
ATOM   899  C C5    . G   A 1 42 ? 6.42838   1.26711   8.13693   1.000 49.88871  ? 48  G   V C5    1 
ATOM   900  C C6    . G   A 1 42 ? 6.73654   -0.09733  7.90750   1.000 59.09933  ? 48  G   V C6    1 
ATOM   901  O O6    . G   A 1 42 ? 7.32829   -0.60546  6.94647   1.000 61.20312  ? 48  G   V O6    1 
ATOM   902  N N1    . G   A 1 42 ? 6.27959   -0.90003  8.94687   1.000 62.61615  ? 48  G   V N1    1 
ATOM   903  C C2    . G   A 1 42 ? 5.61359   -0.45207  10.06157  1.000 70.79874  ? 48  G   V C2    1 
ATOM   904  N N2    . G   A 1 42 ? 5.25617   -1.38961  10.95322  1.000 67.09370  ? 48  G   V N2    1 
ATOM   905  N N3    . G   A 1 42 ? 5.31930   0.81873   10.28597  1.000 55.91553  ? 48  G   V N3    1 
ATOM   906  C C4    . G   A 1 42 ? 5.75409   1.61319   9.28874   1.000 53.84217  ? 48  G   V C4    1 
ATOM   907  P P     . G   A 1 43 ? 8.46630   5.01260   13.28160  1.000 64.81311  ? 49  G   V P     1 
ATOM   908  O OP1   . G   A 1 43 ? 8.75243   5.83369   14.48628  1.000 69.73086  ? 49  G   V OP1   1 
ATOM   909  O OP2   . G   A 1 43 ? 9.39840   5.05423   12.12429  1.000 53.44035  ? 49  G   V OP2   1 
ATOM   910  O "O5'" . G   A 1 43 ? 8.28176   3.49347   13.72345  1.000 62.44532  ? 49  G   V "O5'" 1 
ATOM   911  C "C5'" . G   A 1 43 ? 7.26491   3.12978   14.64325  1.000 57.32414  ? 49  G   V "C5'" 1 
ATOM   912  C "C4'" . G   A 1 43 ? 7.41817   1.70256   15.09797  1.000 57.89173  ? 49  G   V "C4'" 1 
ATOM   913  O "O4'" . G   A 1 43 ? 6.84284   0.80617   14.11544  1.000 62.85097  ? 49  G   V "O4'" 1 
ATOM   914  C "C3'" . G   A 1 43 ? 8.84317   1.20536   15.25505  1.000 71.63971  ? 49  G   V "C3'" 1 
ATOM   915  O "O3'" . G   A 1 43 ? 9.44247   1.60643   16.47010  1.000 64.78436  ? 49  G   V "O3'" 1 
ATOM   916  C "C2'" . G   A 1 43 ? 8.68329   -0.30071  15.12325  1.000 75.19017  ? 49  G   V "C2'" 1 
ATOM   917  O "O2'" . G   A 1 43 ? 8.18209   -0.85495  16.33018  1.000 69.29642  ? 49  G   V "O2'" 1 
ATOM   918  C "C1'" . G   A 1 43 ? 7.58925   -0.38938  14.06100  1.000 64.39287  ? 49  G   V "C1'" 1 
ATOM   919  N N9    . G   A 1 43 ? 8.14301   -0.52448  12.70284  1.000 54.83648  ? 49  G   V N9    1 
ATOM   920  C C8    . G   A 1 43 ? 8.35160   0.46965   11.77938  1.000 56.35343  ? 49  G   V C8    1 
ATOM   921  N N7    . G   A 1 43 ? 8.85217   0.02262   10.65752  1.000 67.43450  ? 49  G   V N7    1 
ATOM   922  C C5    . G   A 1 43 ? 8.97862   -1.34625  10.85674  1.000 62.23538  ? 49  G   V C5    1 
ATOM   923  C C6    . G   A 1 43 ? 9.45983   -2.36835  9.99902   1.000 65.13241  ? 49  G   V C6    1 
ATOM   924  O O6    . G   A 1 43 ? 9.89419   -2.26852  8.84560   1.000 77.54755  ? 49  G   V O6    1 
ATOM   925  N N1    . G   A 1 43 ? 9.41259   -3.61747  10.61000  1.000 65.24363  ? 49  G   V N1    1 
ATOM   926  C C2    . G   A 1 43 ? 8.95574   -3.85707  11.88211  1.000 77.50905  ? 49  G   V C2    1 
ATOM   927  N N2    . G   A 1 43 ? 8.98334   -5.13057  12.29849  1.000 81.07009  ? 49  G   V N2    1 
ATOM   928  N N3    . G   A 1 43 ? 8.50390   -2.91554  12.69127  1.000 73.79760  ? 49  G   V N3    1 
ATOM   929  C C4    . G   A 1 43 ? 8.54416   -1.69651  12.11537  1.000 61.12011  ? 49  G   V C4    1 
ATOM   930  P P     . A   A 1 44 ? 11.04055  1.59734   16.59512  1.000 68.58935  ? 50  A   V P     1 
ATOM   931  O OP1   . A   A 1 44 ? 11.40224  2.00490   17.97535  1.000 82.68404  ? 50  A   V OP1   1 
ATOM   932  O OP2   . A   A 1 44 ? 11.58678  2.34218   15.43372  1.000 57.02505  ? 50  A   V OP2   1 
ATOM   933  O "O5'" . A   A 1 44 ? 11.42810  0.06519   16.39831  1.000 72.98482  ? 50  A   V "O5'" 1 
ATOM   934  C "C5'" . A   A 1 44 ? 11.19228  -0.88395  17.42574  1.000 68.73171  ? 50  A   V "C5'" 1 
ATOM   935  C "C4'" . A   A 1 44 ? 11.67008  -2.25833  17.02965  1.000 74.48971  ? 50  A   V "C4'" 1 
ATOM   936  O "O4'" . A   A 1 44 ? 10.91398  -2.72684  15.88175  1.000 74.53449  ? 50  A   V "O4'" 1 
ATOM   937  C "C3'" . A   A 1 44 ? 13.11825  -2.36857  16.57592  1.000 73.32208  ? 50  A   V "C3'" 1 
ATOM   938  O "O3'" . A   A 1 44 ? 14.05144  -2.41051  17.63846  1.000 75.70134  ? 50  A   V "O3'" 1 
ATOM   939  C "C2'" . A   A 1 44 ? 13.09685  -3.63771  15.74074  1.000 82.28223  ? 50  A   V "C2'" 1 
ATOM   940  O "O2'" . A   A 1 44 ? 13.05357  -4.78621  16.57508  1.000 80.31854  ? 50  A   V "O2'" 1 
ATOM   941  C "C1'" . A   A 1 44 ? 11.74780  -3.49720  15.04085  1.000 71.81347  ? 50  A   V "C1'" 1 
ATOM   942  N N9    . A   A 1 44 ? 11.89768  -2.78362  13.76280  1.000 68.48549  ? 50  A   V N9    1 
ATOM   943  C C8    . A   A 1 44 ? 11.76632  -1.43818  13.52438  1.000 66.94930  ? 50  A   V C8    1 
ATOM   944  N N7    . A   A 1 44 ? 11.98588  -1.10877  12.27430  1.000 67.69362  ? 50  A   V N7    1 
ATOM   945  C C5    . A   A 1 44 ? 12.29197  -2.31384  11.65677  1.000 61.13947  ? 50  A   V C5    1 
ATOM   946  C C6    . A   A 1 44 ? 12.62304  -2.64576  10.33138  1.000 66.65938  ? 50  A   V C6    1 
ATOM   947  N N6    . A   A 1 44 ? 12.70518  -1.75905  9.33583   1.000 71.61108  ? 50  A   V N6    1 
ATOM   948  N N1    . A   A 1 44 ? 12.86902  -3.94504  10.05744  1.000 73.76109  ? 50  A   V N1    1 
ATOM   949  C C2    . A   A 1 44 ? 12.78772  -4.83944  11.05207  1.000 77.91724  ? 50  A   V C2    1 
ATOM   950  N N3    . A   A 1 44 ? 12.48627  -4.65178  12.33404  1.000 68.61997  ? 50  A   V N3    1 
ATOM   951  C C4    . A   A 1 44 ? 12.24711  -3.35219  12.56739  1.000 68.10631  ? 50  A   V C4    1 
ATOM   952  P P     . G   A 1 45 ? 15.60383  -2.10487  17.34973  1.000 83.50298  ? 51  G   V P     1 
ATOM   953  O OP1   . G   A 1 45 ? 16.36166  -2.49271  18.56405  1.000 101.06659 ? 51  G   V OP1   1 
ATOM   954  O OP2   . G   A 1 45 ? 15.72552  -0.72045  16.82746  1.000 86.30198  ? 51  G   V OP2   1 
ATOM   955  O "O5'" . G   A 1 45 ? 15.99837  -3.12429  16.18649  1.000 83.25914  ? 51  G   V "O5'" 1 
ATOM   956  C "C5'" . G   A 1 45 ? 16.27830  -4.48633  16.48052  1.000 91.85495  ? 51  G   V "C5'" 1 
ATOM   957  C "C4'" . G   A 1 45 ? 16.74903  -5.25081  15.26552  1.000 94.81598  ? 51  G   V "C4'" 1 
ATOM   958  O "O4'" . G   A 1 45 ? 15.73419  -5.20560  14.22555  1.000 89.93429  ? 51  G   V "O4'" 1 
ATOM   959  C "C3'" . G   A 1 45 ? 17.99765  -4.72922  14.56954  1.000 90.08686  ? 51  G   V "C3'" 1 
ATOM   960  O "O3'" . G   A 1 45 ? 19.21067  -5.07895  15.20975  1.000 82.93544  ? 51  G   V "O3'" 1 
ATOM   961  C "C2'" . G   A 1 45 ? 17.85380  -5.31686  13.17514  1.000 97.50495  ? 51  G   V "C2'" 1 
ATOM   962  O "O2'" . G   A 1 45 ? 18.15874  -6.70373  13.18142  1.000 97.72820  ? 51  G   V "O2'" 1 
ATOM   963  C "C1'" . G   A 1 45 ? 16.35363  -5.15447  12.95468  1.000 81.48968  ? 51  G   V "C1'" 1 
ATOM   964  N N9    . G   A 1 45 ? 16.06812  -3.84245  12.35337  1.000 72.43191  ? 51  G   V N9    1 
ATOM   965  C C8    . G   A 1 45 ? 15.64203  -2.70702  12.99803  1.000 80.98723  ? 51  G   V C8    1 
ATOM   966  N N7    . G   A 1 45 ? 15.49752  -1.68923  12.19304  1.000 75.39778  ? 51  G   V N7    1 
ATOM   967  C C5    . G   A 1 45 ? 15.86412  -2.18268  10.94753  1.000 71.81868  ? 51  G   V C5    1 
ATOM   968  C C6    . G   A 1 45 ? 15.91065  -1.54261  9.68271   1.000 76.69058  ? 51  G   V C6    1 
ATOM   969  O O6    . G   A 1 45 ? 15.62808  -0.37117  9.40168   1.000 99.75440  ? 51  G   V O6    1 
ATOM   970  N N1    . G   A 1 45 ? 16.33752  -2.41412  8.68393   1.000 82.54545  ? 51  G   V N1    1 
ATOM   971  C C2    . G   A 1 45 ? 16.67704  -3.73248  8.87306   1.000 87.64616  ? 51  G   V C2    1 
ATOM   972  N N2    . G   A 1 45 ? 17.06753  -4.40750  7.78131   1.000 81.44237  ? 51  G   V N2    1 
ATOM   973  N N3    . G   A 1 45 ? 16.63718  -4.34221  10.04790  1.000 71.50926  ? 51  G   V N3    1 
ATOM   974  C C4    . G   A 1 45 ? 16.22487  -3.51135  11.03074  1.000 75.99038  ? 51  G   V C4    1 
ATOM   975  P P     . A   A 1 46 ? 20.57250  -4.34657  14.76968  1.000 90.10165  ? 52  A   V P     1 
ATOM   976  O OP1   . A   A 1 46 ? 21.66664  -4.82464  15.64873  1.000 86.02048  ? 52  A   V OP1   1 
ATOM   977  O OP2   . A   A 1 46 ? 20.29957  -2.89231  14.66207  1.000 95.94523  ? 52  A   V OP2   1 
ATOM   978  O "O5'" . A   A 1 46 ? 20.84453  -4.88252  13.29376  1.000 93.29725  ? 52  A   V "O5'" 1 
ATOM   979  C "C5'" . A   A 1 46 ? 21.30748  -6.20546  13.07197  1.000 90.17911  ? 52  A   V "C5'" 1 
ATOM   980  C "C4'" . A   A 1 46 ? 21.66167  -6.43709  11.62385  1.000 95.10233  ? 52  A   V "C4'" 1 
ATOM   981  O "O4'" . A   A 1 46 ? 20.51268  -6.15477  10.78312  1.000 101.49897 ? 52  A   V "O4'" 1 
ATOM   982  C "C3'" . A   A 1 46 ? 22.75753  -5.55695  11.04275  1.000 99.11277  ? 52  A   V "C3'" 1 
ATOM   983  O "O3'" . A   A 1 46 ? 24.06490  -5.97784  11.38749  1.000 112.46949 ? 52  A   V "O3'" 1 
ATOM   984  C "C2'" . A   A 1 46 ? 22.47232  -5.62813  9.55029   1.000 104.12484 ? 52  A   V "C2'" 1 
ATOM   985  O "O2'" . A   A 1 46 ? 22.92418  -6.86279  9.01397   1.000 107.07381 ? 52  A   V "O2'" 1 
ATOM   986  C "C1'" . A   A 1 46 ? 20.94426  -5.63115  9.54256   1.000 100.43793 ? 52  A   V "C1'" 1 
ATOM   987  N N9    . A   A 1 46 ? 20.40105  -4.26941  9.38652   1.000 89.43424  ? 52  A   V N9    1 
ATOM   988  C C8    . A   A 1 46 ? 19.98983  -3.40295  10.36804  1.000 87.98623  ? 52  A   V C8    1 
ATOM   989  N N7    . A   A 1 46 ? 19.55984  -2.25253  9.90643   1.000 88.02502  ? 52  A   V N7    1 
ATOM   990  C C5    . A   A 1 46 ? 19.70099  -2.36807  8.52959   1.000 89.07621  ? 52  A   V C5    1 
ATOM   991  C C6    . A   A 1 46 ? 19.41976  -1.48885  7.46778   1.000 91.64643  ? 52  A   V C6    1 
ATOM   992  N N6    . A   A 1 46 ? 18.91670  -0.26331  7.63280   1.000 92.84635  ? 52  A   V N6    1 
ATOM   993  N N1    . A   A 1 46 ? 19.67714  -1.91624  6.21200   1.000 86.83010  ? 52  A   V N1    1 
ATOM   994  C C2    . A   A 1 46 ? 20.18312  -3.14477  6.04648   1.000 91.74162  ? 52  A   V C2    1 
ATOM   995  N N3    . A   A 1 46 ? 20.48840  -4.06212  6.96174   1.000 90.13885  ? 52  A   V N3    1 
ATOM   996  C C4    . A   A 1 46 ? 20.22092  -3.60556  8.19700   1.000 89.42930  ? 52  A   V C4    1 
ATOM   997  P P     . C   A 1 47 ? 25.26843  -4.91167  11.42250  1.000 124.69115 ? 53  C   V P     1 
ATOM   998  O OP1   . C   A 1 47 ? 26.48302  -5.62413  11.89266  1.000 120.79435 ? 53  C   V OP1   1 
ATOM   999  O OP2   . C   A 1 47 ? 24.80173  -3.69749  12.14088  1.000 103.01973 ? 53  C   V OP2   1 
ATOM   1000 O "O5'" . C   A 1 47 ? 25.48933  -4.51784  9.89389   1.000 103.72448 ? 53  C   V "O5'" 1 
ATOM   1001 C "C5'" . C   A 1 47 ? 26.08937  -5.42873  8.98448   1.000 110.93566 ? 53  C   V "C5'" 1 
ATOM   1002 C "C4'" . C   A 1 47 ? 26.13402  -4.86929  7.58388   1.000 120.95537 ? 53  C   V "C4'" 1 
ATOM   1003 O "O4'" . C   A 1 47 ? 24.78026  -4.64219  7.10181   1.000 115.58585 ? 53  C   V "O4'" 1 
ATOM   1004 C "C3'" . C   A 1 47 ? 26.80333  -3.51232  7.42048   1.000 121.16903 ? 53  C   V "C3'" 1 
ATOM   1005 O "O3'" . C   A 1 47 ? 28.21803  -3.55350  7.40288   1.000 119.04292 ? 53  C   V "O3'" 1 
ATOM   1006 C "C2'" . C   A 1 47 ? 26.18578  -3.00557  6.12798   1.000 118.10755 ? 53  C   V "C2'" 1 
ATOM   1007 O "O2'" . C   A 1 47 ? 26.73803  -3.68197  5.00786   1.000 113.04633 ? 53  C   V "O2'" 1 
ATOM   1008 C "C1'" . C   A 1 47 ? 24.74484  -3.47065  6.30807   1.000 115.33245 ? 53  C   V "C1'" 1 
ATOM   1009 N N1    . C   A 1 47 ? 23.96385  -2.44332  7.02956   1.000 99.48116  ? 53  C   V N1    1 
ATOM   1010 C C2    . C   A 1 47 ? 23.41047  -1.38490  6.30911   1.000 93.34445  ? 53  C   V C2    1 
ATOM   1011 O O2    . C   A 1 47 ? 23.56427  -1.35387  5.07830   1.000 92.23761  ? 53  C   V O2    1 
ATOM   1012 N N3    . C   A 1 47 ? 22.71338  -0.43316  6.97245   1.000 92.94014  ? 53  C   V N3    1 
ATOM   1013 C C4    . C   A 1 47 ? 22.57352  -0.50681  8.29813   1.000 92.27147  ? 53  C   V C4    1 
ATOM   1014 N N4    . C   A 1 47 ? 21.87854  0.45198   8.91412   1.000 85.59288  ? 53  C   V N4    1 
ATOM   1015 C C5    . C   A 1 47 ? 23.14024  -1.56883  9.05683   1.000 94.76789  ? 53  C   V C5    1 
ATOM   1016 C C6    . C   A 1 47 ? 23.82561  -2.50137  8.38732   1.000 107.79877 ? 53  C   V C6    1 
ATOM   1017 P P     . G   A 1 48 ? 29.04517  -2.22979  7.78813   1.000 129.84717 ? 54  G   V P     1 
ATOM   1018 O OP1   . G   A 1 48 ? 30.49075  -2.56329  7.77674   1.000 118.95551 ? 54  G   V OP1   1 
ATOM   1019 O OP2   . G   A 1 48 ? 28.43545  -1.65339  9.01428   1.000 118.65636 ? 54  G   V OP2   1 
ATOM   1020 O "O5'" . G   A 1 48 ? 28.75758  -1.22881  6.58027   1.000 122.05257 ? 54  G   V "O5'" 1 
ATOM   1021 C "C5'" . G   A 1 48 ? 29.23197  -1.51576  5.27290   1.000 112.13329 ? 54  G   V "C5'" 1 
ATOM   1022 C "C4'" . G   A 1 48 ? 28.89832  -0.41737  4.29217   1.000 118.74962 ? 54  G   V "C4'" 1 
ATOM   1023 O "O4'" . G   A 1 48 ? 27.46139  -0.35324  4.07736   1.000 113.55419 ? 54  G   V "O4'" 1 
ATOM   1024 C "C3'" . G   A 1 48 ? 29.25635  1.00034   4.70740   1.000 126.54493 ? 54  G   V "C3'" 1 
ATOM   1025 O "O3'" . G   A 1 48 ? 30.62938  1.31867   4.58223   1.000 123.32750 ? 54  G   V "O3'" 1 
ATOM   1026 C "C2'" . G   A 1 48 ? 28.34630  1.83026   3.81598   1.000 122.99736 ? 54  G   V "C2'" 1 
ATOM   1027 O "O2'" . G   A 1 48 ? 28.82810  1.84916   2.48020   1.000 117.92645 ? 54  G   V "O2'" 1 
ATOM   1028 C "C1'" . G   A 1 48 ? 27.07195  0.99121   3.85775   1.000 116.46782 ? 54  G   V "C1'" 1 
ATOM   1029 N N9    . G   A 1 48 ? 26.21603  1.42527   4.97581   1.000 108.38825 ? 54  G   V N9    1 
ATOM   1030 C C8    . G   A 1 48 ? 26.13459  0.86585   6.22802   1.000 111.39905 ? 54  G   V C8    1 
ATOM   1031 N N7    . G   A 1 48 ? 25.30389  1.49581   7.01340   1.000 109.79367 ? 54  G   V N7    1 
ATOM   1032 C C5    . G   A 1 48 ? 24.82030  2.54114   6.23802   1.000 98.45471  ? 54  G   V C5    1 
ATOM   1033 C C6    . G   A 1 48 ? 23.88658  3.56173   6.55191   1.000 97.59194  ? 54  G   V C6    1 
ATOM   1034 O O6    . G   A 1 48 ? 23.28334  3.74752   7.61599   1.000 93.78880  ? 54  G   V O6    1 
ATOM   1035 N N1    . G   A 1 48 ? 23.68087  4.41803   5.47287   1.000 92.51825  ? 54  G   V N1    1 
ATOM   1036 C C2    . G   A 1 48 ? 24.29335  4.30884   4.24700   1.000 99.36727  ? 54  G   V C2    1 
ATOM   1037 N N2    . G   A 1 48 ? 23.96141  5.23485   3.33293   1.000 98.62383  ? 54  G   V N2    1 
ATOM   1038 N N3    . G   A 1 48 ? 25.16693  3.36010   3.94298   1.000 99.30344  ? 54  G   V N3    1 
ATOM   1039 C C4    . G   A 1 48 ? 25.38055  2.51783   4.97865   1.000 102.04688 ? 54  G   V C4    1 
ATOM   1040 P P     . C   A 1 49 ? 31.25929  2.45316   5.53092   1.000 130.02951 ? 55  C   V P     1 
ATOM   1041 O OP1   . C   A 1 49 ? 32.70612  2.56500   5.22052   1.000 133.90921 ? 55  C   V OP1   1 
ATOM   1042 O OP2   . C   A 1 49 ? 30.82511  2.17105   6.92368   1.000 131.18923 ? 55  C   V OP2   1 
ATOM   1043 O "O5'" . C   A 1 49 ? 30.54336  3.79707   5.05614   1.000 119.05787 ? 55  C   V "O5'" 1 
ATOM   1044 C "C5'" . C   A 1 49 ? 30.77495  4.31905   3.75618   1.000 119.73621 ? 55  C   V "C5'" 1 
ATOM   1045 C "C4'" . C   A 1 49 ? 29.86640  5.48215   3.43741   1.000 131.67770 ? 55  C   V "C4'" 1 
ATOM   1046 O "O4'" . C   A 1 49 ? 28.47656  5.09893   3.62071   1.000 119.27778 ? 55  C   V "O4'" 1 
ATOM   1047 C "C3'" . C   A 1 49 ? 30.00800  6.72115   4.30716   1.000 139.19908 ? 55  C   V "C3'" 1 
ATOM   1048 O "O3'" . C   A 1 49 ? 31.12672  7.52893   3.99277   1.000 146.27214 ? 55  C   V "O3'" 1 
ATOM   1049 C "C2'" . C   A 1 49 ? 28.67301  7.41539   4.08956   1.000 134.80984 ? 55  C   V "C2'" 1 
ATOM   1050 O "O2'" . C   A 1 49 ? 28.63078  8.03937   2.81437   1.000 137.98289 ? 55  C   V "O2'" 1 
ATOM   1051 C "C1'" . C   A 1 49 ? 27.72982  6.21616   4.06778   1.000 113.11144 ? 55  C   V "C1'" 1 
ATOM   1052 N N1    . C   A 1 49 ? 27.21803  5.93473   5.42503   1.000 108.66749 ? 55  C   V N1    1 
ATOM   1053 C C2    . C   A 1 49 ? 26.18857  6.73802   5.91944   1.000 109.46472 ? 55  C   V C2    1 
ATOM   1054 O O2    . C   A 1 49 ? 25.73243  7.63698   5.19584   1.000 96.19494  ? 55  C   V O2    1 
ATOM   1055 N N3    . C   A 1 49 ? 25.71425  6.50758   7.16517   1.000 105.79739 ? 55  C   V N3    1 
ATOM   1056 C C4    . C   A 1 49 ? 26.23667  5.52764   7.90582   1.000 111.93229 ? 55  C   V C4    1 
ATOM   1057 N N4    . C   A 1 49 ? 25.73728  5.33513   9.12866   1.000 110.06221 ? 55  C   V N4    1 
ATOM   1058 C C5    . C   A 1 49 ? 27.29409  4.69945   7.42753   1.000 113.51763 ? 55  C   V C5    1 
ATOM   1059 C C6    . C   A 1 49 ? 27.75429  4.94018   6.19329   1.000 112.64557 ? 55  C   V C6    1 
ATOM   1060 P P     . C   A 1 50 ? 31.79453  8.42930   5.14475   1.000 148.94051 ? 56  C   V P     1 
ATOM   1061 O OP1   . C   A 1 50 ? 32.98290  9.10915   4.57379   1.000 158.88797 ? 56  C   V OP1   1 
ATOM   1062 O OP2   . C   A 1 50 ? 31.93992  7.57330   6.35094   1.000 135.56165 ? 56  C   V OP2   1 
ATOM   1063 O "O5'" . C   A 1 50 ? 30.69322  9.53759   5.46633   1.000 133.24071 ? 56  C   V "O5'" 1 
ATOM   1064 C "C5'" . C   A 1 50 ? 30.33171  10.51397  4.49974   1.000 127.73951 ? 56  C   V "C5'" 1 
ATOM   1065 C "C4'" . C   A 1 50 ? 29.20245  11.39020  4.98529   1.000 130.38467 ? 56  C   V "C4'" 1 
ATOM   1066 O "O4'" . C   A 1 50 ? 28.06286  10.56780  5.34710   1.000 127.95143 ? 56  C   V "O4'" 1 
ATOM   1067 C "C3'" . C   A 1 50 ? 29.47491  12.21042  6.23734   1.000 133.66002 ? 56  C   V "C3'" 1 
ATOM   1068 O "O3'" . C   A 1 50 ? 30.20745  13.39492  5.97622   1.000 129.03581 ? 56  C   V "O3'" 1 
ATOM   1069 C "C2'" . C   A 1 50 ? 28.07322  12.46527  6.77670   1.000 130.00012 ? 56  C   V "C2'" 1 
ATOM   1070 O "O2'" . C   A 1 50 ? 27.43388  13.50305  6.04779   1.000 130.69744 ? 56  C   V "O2'" 1 
ATOM   1071 C "C1'" . C   A 1 50 ? 27.37912  11.14524  6.44077   1.000 121.77659 ? 56  C   V "C1'" 1 
ATOM   1072 N N1    . C   A 1 50 ? 27.41608  10.19658  7.57618   1.000 109.48544 ? 56  C   V N1    1 
ATOM   1073 C C2    . C   A 1 50 ? 26.44056  10.30015  8.57200   1.000 106.22322 ? 56  C   V C2    1 
ATOM   1074 O O2    . C   A 1 50 ? 25.57273  11.18174  8.47431   1.000 94.61754  ? 56  C   V O2    1 
ATOM   1075 N N3    . C   A 1 50 ? 26.46704  9.43679   9.61454   1.000 112.98163 ? 56  C   V N3    1 
ATOM   1076 C C4    . C   A 1 50 ? 27.41722  8.50194   9.68383   1.000 115.55981 ? 56  C   V C4    1 
ATOM   1077 N N4    . C   A 1 50 ? 27.40655  7.67307   10.73003  1.000 109.76442 ? 56  C   V N4    1 
ATOM   1078 C C5    . C   A 1 50 ? 28.42401  8.37672   8.68300   1.000 117.95494 ? 56  C   V C5    1 
ATOM   1079 C C6    . C   A 1 50 ? 28.38564  9.23612   7.65673   1.000 117.81176 ? 56  C   V C6    1 
HETATM 1080 N N1    . H4B B 2 .  ? -1.90704  1.55425   -3.24007  1.000 68.07763  ? 101 H4B V N1    1 
HETATM 1081 C C2    . H4B B 2 .  ? -2.26235  2.83347   -3.28133  1.000 77.24831  ? 101 H4B V C2    1 
HETATM 1082 N N2    . H4B B 2 .  ? -1.68970  3.58438   -4.21941  1.000 64.45796  ? 101 H4B V N2    1 
HETATM 1083 N N3    . H4B B 2 .  ? -3.16969  3.45141   -2.46333  1.000 75.71366  ? 101 H4B V N3    1 
HETATM 1084 C C4    . H4B B 2 .  ? -3.75539  2.71610   -1.51636  1.000 76.49435  ? 101 H4B V C4    1 
HETATM 1085 O O4    . H4B B 2 .  ? -4.57375  3.32701   -0.80959  1.000 77.67416  ? 101 H4B V O4    1 
HETATM 1086 C C4A   . H4B B 2 .  ? -3.44689  1.34976   -1.37921  1.000 70.42329  ? 101 H4B V C4A   1 
HETATM 1087 C C8A   . H4B B 2 .  ? -2.49168  0.84004   -2.27258  1.000 72.38885  ? 101 H4B V C8A   1 
HETATM 1088 N N5    . H4B B 2 .  ? -4.06412  0.58134   -0.40976  1.000 65.12891  ? 101 H4B V N5    1 
HETATM 1089 N N8    . H4B B 2 .  ? -2.17173  -0.45925  -2.16825  1.000 77.37753  ? 101 H4B V N8    1 
HETATM 1090 C C6    . H4B B 2 .  ? -3.86347  -0.86361  -0.42515  1.000 59.14772  ? 101 H4B V C6    1 
HETATM 1091 C C7    . H4B B 2 .  ? -2.45278  -1.12590  -0.92381  1.000 84.90575  ? 101 H4B V C7    1 
HETATM 1092 C C9    . H4B B 2 .  ? -4.95970  -1.54490  -1.28593  1.000 100.17765 ? 101 H4B V C9    1 
HETATM 1093 O O9    . H4B B 2 .  ? -5.00905  -0.91551  -2.56938  0.000 90.20847  ? 101 H4B V O9    1 
HETATM 1094 C C10   . H4B B 2 .  ? -4.72767  -3.07934  -1.48735  0.000 83.70929  ? 101 H4B V C10   1 
HETATM 1095 C C11   . H4B B 2 .  ? -5.80895  -3.71564  -2.30865  0.000 83.14998  ? 101 H4B V C11   1 
HETATM 1096 O O10   . H4B B 2 .  ? -4.66235  -3.69856  -0.20436  0.000 82.94252  ? 101 H4B V O10   1 
HETATM 1097 H HN21  . H4B B 2 .  ? -1.89311  4.43492   -4.28526  1.000 77.42756  ? 101 H4B V HN21  1 
HETATM 1098 H HN22  . H4B B 2 .  ? -1.10881  3.22883   -4.77194  1.000 77.42756  ? 101 H4B V HN22  1 
HETATM 1099 H HN3   . H4B B 2 .  ? -3.07406  4.31343   -2.31447  1.000 90.93441  ? 101 H4B V HN3   1 
HETATM 1100 H HN5   . H4B B 2 .  ? -4.55311  0.94687   0.18597   1.000 78.23271  ? 101 H4B V HN5   1 
HETATM 1101 H HN8   . H4B B 2 .  ? -1.80991  -0.87886  -2.82598  1.000 92.93105  ? 101 H4B V HN8   1 
HETATM 1102 H H6    . H4B B 2 .  ? -3.94349  -1.23833  0.48769   1.000 71.05528  ? 101 H4B V H6    1 
HETATM 1103 H H71   . H4B B 2 .  ? -1.81205  -0.81956  -0.24561  1.000 101.96491 ? 101 H4B V H71   1 
HETATM 1104 H H72   . H4B B 2 .  ? -2.33135  -2.09280  -1.04497  1.000 101.96491 ? 101 H4B V H72   1 
HETATM 1105 H H9    . H4B B 2 .  ? -5.83075  -1.40326  -0.83289  1.000 120.29119 ? 101 H4B V H9    1 
HETATM 1106 H HO9   . H4B B 2 .  ? -5.32113  -0.11458  -2.48214  0.000 108.32817 ? 101 H4B V HO9   1 
HETATM 1107 H H10   . H4B B 2 .  ? -3.85215  -3.21656  -1.93312  1.000 100.52915 ? 101 H4B V H10   1 
HETATM 1108 H H111  . H4B B 2 .  ? -5.66703  -4.67659  -2.34340  0.000 99.85799  ? 101 H4B V H111  1 
HETATM 1109 H H112  . H4B B 2 .  ? -5.78781  -3.35266  -3.21009  0.000 99.85799  ? 101 H4B V H112  1 
HETATM 1110 H H113  . H4B B 2 .  ? -6.67388  -3.53070  -1.90560  0.000 99.85799  ? 101 H4B V H113  1 
HETATM 1111 H HO0   . H4B B 2 .  ? -3.95158  -3.42716  0.20510   0.000 99.60903  ? 101 H4B V HO0   1 
# 
